data_2C9J
#
_entry.id   2C9J
#
_cell.length_a   54.001
_cell.length_b   60.108
_cell.length_c   125.400
_cell.angle_alpha   83.80
_cell.angle_beta   89.98
_cell.angle_gamma   73.85
#
_symmetry.space_group_name_H-M   'P 1'
#
loop_
_entity.id
_entity.type
_entity.pdbx_description
1 polymer 'GREEN FLUORESCENT PROTEIN FP512'
2 water water
#
_entity_poly.entity_id   1
_entity_poly.type   'polypeptide(L)'
_entity_poly.pdbx_seq_one_letter_code
;MSQLDNNLSVSVYMKGNVNNHEFEYDGIGGGDPNSGQFSLKTKLRGGKPLPFSYDIITMGF(CRQ)FRAFTKYPEGIADY
FKGSFPEAFQWNRRIEFEDGGVINMSSDITYKDKVLHGDVWALGVNFPPNGPVMKNEIVMEEPAEETLTAKNGVLVGFCP
KAYLLKDGSYYYGHMTTFYRSKKSGQPLPGFHFIKHRLVKTKVEPGFKMVEQAEYATAHVCDLPKPN
;
_entity_poly.pdbx_strand_id   A,B,C,D,E,F,G,H
#
# COMPACT_ATOMS: atom_id res chain seq x y z
N ASN A 7 21.39 -11.15 -18.07
CA ASN A 7 20.33 -12.16 -18.35
C ASN A 7 19.25 -12.16 -17.27
N LEU A 8 18.02 -11.95 -17.68
CA LEU A 8 16.89 -11.82 -16.76
C LEU A 8 15.78 -12.81 -17.10
N SER A 9 15.39 -13.62 -16.12
CA SER A 9 14.29 -14.59 -16.30
C SER A 9 12.93 -13.91 -16.15
N VAL A 10 11.95 -14.42 -16.88
CA VAL A 10 10.61 -13.83 -16.92
C VAL A 10 9.53 -14.87 -16.73
N SER A 11 8.59 -14.57 -15.84
CA SER A 11 7.35 -15.33 -15.74
C SER A 11 6.18 -14.39 -15.95
N VAL A 12 5.12 -14.91 -16.55
CA VAL A 12 3.94 -14.11 -16.79
C VAL A 12 2.67 -14.93 -16.58
N TYR A 13 1.67 -14.28 -16.00
CA TYR A 13 0.34 -14.84 -15.96
C TYR A 13 -0.62 -13.82 -16.54
N MET A 14 -1.48 -14.28 -17.44
CA MET A 14 -2.51 -13.42 -18.00
C MET A 14 -3.87 -14.06 -17.81
N LYS A 15 -4.80 -13.28 -17.26
CA LYS A 15 -6.19 -13.66 -17.33
C LYS A 15 -6.87 -12.69 -18.27
N GLY A 16 -7.70 -13.24 -19.15
CA GLY A 16 -8.31 -12.43 -20.17
C GLY A 16 -9.75 -12.76 -20.43
N ASN A 17 -10.43 -11.79 -21.02
CA ASN A 17 -11.81 -11.93 -21.42
C ASN A 17 -11.96 -11.09 -22.67
N VAL A 18 -12.20 -11.75 -23.79
CA VAL A 18 -12.35 -11.08 -25.08
C VAL A 18 -13.69 -11.48 -25.68
N ASN A 19 -14.54 -10.48 -25.92
CA ASN A 19 -15.92 -10.73 -26.34
C ASN A 19 -16.57 -11.83 -25.51
N ASN A 20 -16.36 -11.73 -24.20
CA ASN A 20 -16.94 -12.65 -23.21
C ASN A 20 -16.36 -14.04 -23.21
N HIS A 21 -15.26 -14.23 -23.95
CA HIS A 21 -14.52 -15.48 -23.92
C HIS A 21 -13.39 -15.35 -22.92
N GLU A 22 -13.43 -16.17 -21.87
CA GLU A 22 -12.45 -16.10 -20.80
C GLU A 22 -11.32 -17.09 -21.07
N PHE A 23 -10.12 -16.71 -20.65
CA PHE A 23 -8.93 -17.53 -20.88
C PHE A 23 -7.83 -17.14 -19.92
N GLU A 24 -6.86 -18.04 -19.79
CA GLU A 24 -5.71 -17.80 -18.94
C GLU A 24 -4.46 -18.36 -19.60
N TYR A 25 -3.39 -17.58 -19.54
CA TYR A 25 -2.09 -18.03 -20.02
C TYR A 25 -1.06 -17.93 -18.92
N ASP A 26 -0.16 -18.92 -18.91
CA ASP A 26 1.07 -18.83 -18.15
C ASP A 26 2.21 -18.72 -19.14
N GLY A 27 3.23 -17.95 -18.78
CA GLY A 27 4.38 -17.79 -19.66
C GLY A 27 5.68 -17.83 -18.91
N ILE A 28 6.70 -18.38 -19.56
CA ILE A 28 8.06 -18.40 -19.02
C ILE A 28 9.02 -18.07 -20.15
N GLY A 29 10.09 -17.35 -19.81
CA GLY A 29 11.14 -17.05 -20.76
C GLY A 29 12.14 -16.08 -20.18
N GLY A 30 12.65 -15.21 -21.04
CA GLY A 30 13.63 -14.22 -20.64
C GLY A 30 14.63 -13.93 -21.74
N GLY A 31 15.70 -13.23 -21.36
CA GLY A 31 16.75 -12.83 -22.30
C GLY A 31 17.64 -11.78 -21.67
N ASP A 32 18.36 -11.04 -22.52
CA ASP A 32 19.21 -9.94 -22.07
C ASP A 32 18.41 -8.65 -22.18
N PRO A 33 18.09 -8.02 -21.02
CA PRO A 33 17.33 -6.77 -21.00
C PRO A 33 18.07 -5.63 -21.71
N ASN A 34 19.40 -5.65 -21.64
CA ASN A 34 20.24 -4.61 -22.24
C ASN A 34 20.31 -4.68 -23.76
N SER A 35 20.10 -5.87 -24.31
CA SER A 35 20.10 -6.08 -25.74
C SER A 35 18.74 -5.72 -26.35
N GLY A 36 17.72 -5.71 -25.51
CA GLY A 36 16.36 -5.41 -25.93
C GLY A 36 15.71 -6.55 -26.70
N GLN A 37 16.19 -7.76 -26.47
CA GLN A 37 15.60 -8.93 -27.08
C GLN A 37 15.34 -10.02 -26.05
N PHE A 38 14.13 -10.57 -26.10
CA PHE A 38 13.76 -11.71 -25.25
C PHE A 38 12.64 -12.51 -25.87
N SER A 39 12.51 -13.74 -25.44
CA SER A 39 11.46 -14.62 -25.91
C SER A 39 10.76 -15.23 -24.72
N LEU A 40 9.53 -15.68 -24.95
CA LEU A 40 8.81 -16.44 -23.93
C LEU A 40 7.84 -17.41 -24.57
N LYS A 41 7.59 -18.50 -23.86
CA LYS A 41 6.63 -19.50 -24.28
C LYS A 41 5.41 -19.35 -23.40
N THR A 42 4.24 -19.27 -24.03
CA THR A 42 2.99 -19.17 -23.29
C THR A 42 2.21 -20.46 -23.45
N LYS A 43 1.45 -20.78 -22.42
CA LYS A 43 0.65 -22.00 -22.38
C LYS A 43 -0.74 -21.63 -21.90
N LEU A 44 -1.73 -21.94 -22.74
CA LEU A 44 -3.13 -21.72 -22.39
C LEU A 44 -3.56 -22.72 -21.34
N ARG A 45 -4.28 -22.24 -20.34
CA ARG A 45 -4.87 -23.12 -19.33
C ARG A 45 -6.13 -23.77 -19.90
N GLY A 46 -6.37 -25.02 -19.52
CA GLY A 46 -7.55 -25.76 -19.99
C GLY A 46 -7.34 -26.47 -21.30
N GLY A 47 -8.42 -27.03 -21.83
CA GLY A 47 -8.38 -27.86 -23.03
C GLY A 47 -9.07 -27.27 -24.25
N LYS A 48 -9.74 -26.13 -24.06
CA LYS A 48 -10.39 -25.44 -25.17
C LYS A 48 -9.37 -24.57 -25.90
N PRO A 49 -9.52 -24.43 -27.23
CA PRO A 49 -8.67 -23.53 -27.99
C PRO A 49 -9.06 -22.06 -27.79
N LEU A 50 -8.14 -21.14 -28.07
CA LEU A 50 -8.44 -19.72 -28.06
C LEU A 50 -9.48 -19.40 -29.15
N PRO A 51 -10.61 -18.79 -28.76
CA PRO A 51 -11.69 -18.51 -29.71
C PRO A 51 -11.51 -17.19 -30.48
N PHE A 52 -10.29 -16.67 -30.47
CA PHE A 52 -9.98 -15.42 -31.17
C PHE A 52 -8.49 -15.36 -31.45
N SER A 53 -8.07 -14.34 -32.19
CA SER A 53 -6.67 -14.19 -32.57
C SER A 53 -5.77 -13.83 -31.39
N TYR A 54 -4.86 -14.74 -31.07
CA TYR A 54 -3.82 -14.52 -30.06
C TYR A 54 -3.00 -13.26 -30.34
N ASP A 55 -2.95 -12.84 -31.60
CA ASP A 55 -2.10 -11.71 -31.97
C ASP A 55 -2.44 -10.42 -31.26
N ILE A 56 -3.69 -10.28 -30.80
CA ILE A 56 -4.08 -9.08 -30.07
C ILE A 56 -3.65 -9.06 -28.60
N ILE A 57 -3.15 -10.20 -28.10
CA ILE A 57 -2.65 -10.26 -26.72
C ILE A 57 -1.15 -10.45 -26.58
N THR A 58 -0.45 -10.50 -27.71
CA THR A 58 1.00 -10.71 -27.71
C THR A 58 1.75 -9.69 -26.85
N MET A 59 1.30 -8.44 -26.88
CA MET A 59 1.96 -7.38 -26.14
C MET A 59 1.62 -7.42 -24.66
N GLY A 60 0.64 -8.23 -24.30
CA GLY A 60 0.38 -8.51 -22.89
C GLY A 60 1.55 -9.25 -22.29
N PHE A 61 2.06 -10.23 -23.05
CA PHE A 61 3.14 -11.08 -22.57
C PHE A 61 4.47 -10.38 -22.70
N PHE A 63 7.35 -6.57 -21.38
CA PHE A 63 8.27 -6.12 -20.31
C PHE A 63 9.24 -5.16 -20.94
N ARG A 64 8.95 -3.87 -20.77
CA ARG A 64 9.77 -2.83 -21.38
C ARG A 64 11.17 -2.76 -20.78
N ALA A 65 11.40 -3.50 -19.70
CA ALA A 65 12.74 -3.74 -19.19
C ALA A 65 13.62 -4.34 -20.29
N PHE A 66 13.01 -5.09 -21.21
CA PHE A 66 13.72 -5.63 -22.37
C PHE A 66 13.68 -4.68 -23.55
N THR A 67 14.49 -3.64 -23.46
CA THR A 67 14.62 -2.66 -24.51
C THR A 67 16.06 -2.17 -24.50
N LYS A 68 16.68 -2.19 -25.66
CA LYS A 68 18.03 -1.67 -25.82
C LYS A 68 17.93 -0.14 -25.75
N TYR A 69 18.52 0.42 -24.71
CA TYR A 69 18.56 1.86 -24.52
C TYR A 69 19.97 2.41 -24.72
N PRO A 70 20.15 3.30 -25.71
CA PRO A 70 21.43 4.00 -25.88
C PRO A 70 21.68 4.95 -24.72
N GLU A 71 22.95 5.22 -24.45
CA GLU A 71 23.37 6.05 -23.31
C GLU A 71 22.64 7.40 -23.22
N GLY A 72 22.30 7.98 -24.37
CA GLY A 72 21.70 9.31 -24.42
C GLY A 72 20.22 9.41 -24.05
N ILE A 73 19.55 8.26 -23.96
CA ILE A 73 18.13 8.22 -23.61
C ILE A 73 17.95 7.53 -22.28
N ALA A 74 17.29 8.21 -21.33
CA ALA A 74 17.04 7.67 -20.01
C ALA A 74 16.18 6.40 -20.07
N ASP A 75 16.63 5.35 -19.39
CA ASP A 75 15.92 4.09 -19.35
C ASP A 75 15.03 4.05 -18.11
N TYR A 76 13.78 4.43 -18.31
CA TYR A 76 12.78 4.49 -17.25
C TYR A 76 12.50 3.12 -16.65
N PHE A 77 12.57 2.10 -17.51
CA PHE A 77 12.17 0.74 -17.14
C PHE A 77 13.22 0.03 -16.30
N LYS A 78 14.45 -0.01 -16.78
CA LYS A 78 15.54 -0.58 -16.00
C LYS A 78 15.86 0.29 -14.79
N GLY A 79 15.57 1.57 -14.90
CA GLY A 79 15.74 2.51 -13.80
C GLY A 79 14.73 2.33 -12.68
N SER A 80 13.65 1.60 -12.96
CA SER A 80 12.59 1.38 -11.97
C SER A 80 12.95 0.25 -10.99
N PHE A 81 13.93 -0.56 -11.38
CA PHE A 81 14.30 -1.76 -10.66
C PHE A 81 15.09 -1.63 -9.36
N PRO A 82 14.44 -1.99 -8.24
CA PRO A 82 14.06 -3.36 -7.93
C PRO A 82 12.51 -3.36 -7.87
N GLU A 83 11.93 -2.17 -7.68
CA GLU A 83 10.48 -1.96 -7.55
C GLU A 83 9.73 -2.26 -8.84
N ALA A 84 10.41 -2.06 -9.98
CA ALA A 84 9.86 -2.30 -11.31
C ALA A 84 8.74 -1.31 -11.67
N PHE A 85 7.91 -1.68 -12.64
CA PHE A 85 6.86 -0.79 -13.15
C PHE A 85 5.50 -1.52 -13.10
N GLN A 86 4.39 -0.80 -13.17
CA GLN A 86 3.32 -1.12 -14.12
C GLN A 86 3.03 -0.43 -15.42
N TRP A 87 2.15 -1.08 -16.18
CA TRP A 87 1.60 -0.47 -17.38
C TRP A 87 0.12 -0.78 -17.55
N ASN A 88 -0.56 0.15 -18.21
CA ASN A 88 -1.93 -0.08 -18.62
C ASN A 88 -2.09 0.42 -20.05
N ARG A 89 -2.96 -0.23 -20.80
CA ARG A 89 -2.84 -0.18 -22.25
C ARG A 89 -4.17 -0.38 -22.91
N ARG A 90 -4.39 0.33 -24.01
CA ARG A 90 -5.50 0.03 -24.89
C ARG A 90 -4.98 -0.10 -26.30
N ILE A 91 -5.54 -1.07 -27.03
CA ILE A 91 -5.40 -1.06 -28.48
C ILE A 91 -6.79 -0.85 -29.04
N GLU A 92 -6.97 0.24 -29.79
CA GLU A 92 -8.23 0.54 -30.44
C GLU A 92 -8.11 0.17 -31.90
N PHE A 93 -8.88 -0.85 -32.29
CA PHE A 93 -8.80 -1.39 -33.63
C PHE A 93 -9.72 -0.67 -34.60
N GLU A 94 -9.41 -0.80 -35.88
CA GLU A 94 -10.08 -0.07 -36.95
C GLU A 94 -11.59 -0.30 -37.00
N ASP A 95 -12.03 -1.45 -36.51
CA ASP A 95 -13.43 -1.84 -36.60
C ASP A 95 -14.18 -1.69 -35.28
N GLY A 96 -13.53 -1.03 -34.32
CA GLY A 96 -14.21 -0.66 -33.08
C GLY A 96 -13.94 -1.61 -31.94
N GLY A 97 -13.30 -2.73 -32.23
CA GLY A 97 -12.86 -3.62 -31.18
C GLY A 97 -11.81 -2.89 -30.37
N VAL A 98 -11.82 -3.08 -29.06
CA VAL A 98 -10.80 -2.49 -28.20
C VAL A 98 -10.36 -3.56 -27.22
N ILE A 99 -9.05 -3.73 -27.09
CA ILE A 99 -8.54 -4.53 -26.01
C ILE A 99 -7.78 -3.66 -25.04
N ASN A 100 -8.17 -3.75 -23.77
CA ASN A 100 -7.42 -3.14 -22.71
C ASN A 100 -6.56 -4.21 -22.07
N MET A 101 -5.38 -3.83 -21.62
CA MET A 101 -4.50 -4.75 -20.93
C MET A 101 -3.77 -3.96 -19.86
N SER A 102 -3.49 -4.63 -18.75
CA SER A 102 -2.69 -4.01 -17.72
C SER A 102 -1.80 -5.04 -17.10
N SER A 103 -0.62 -4.60 -16.69
CA SER A 103 0.32 -5.51 -16.09
C SER A 103 0.97 -4.87 -14.89
N ASP A 104 1.08 -5.67 -13.84
CA ASP A 104 1.91 -5.30 -12.71
C ASP A 104 3.16 -6.15 -12.79
N ILE A 105 4.29 -5.47 -12.88
CA ILE A 105 5.56 -6.15 -13.04
C ILE A 105 6.34 -6.04 -11.74
N THR A 106 6.82 -7.18 -11.27
CA THR A 106 7.60 -7.22 -10.04
C THR A 106 8.89 -7.98 -10.26
N TYR A 107 9.89 -7.61 -9.48
CA TYR A 107 11.18 -8.29 -9.48
C TYR A 107 11.38 -8.94 -8.12
N LYS A 108 11.28 -10.26 -8.10
CA LYS A 108 11.34 -11.03 -6.86
C LYS A 108 12.19 -12.28 -7.10
N ASP A 109 13.07 -12.57 -6.15
CA ASP A 109 14.05 -13.66 -6.23
C ASP A 109 15.09 -13.39 -7.32
N LYS A 110 14.81 -13.84 -8.53
CA LYS A 110 15.72 -13.72 -9.67
C LYS A 110 14.91 -13.69 -10.96
N VAL A 111 13.62 -13.43 -10.82
CA VAL A 111 12.68 -13.51 -11.93
C VAL A 111 11.77 -12.28 -12.01
N LEU A 112 11.60 -11.77 -13.22
CA LEU A 112 10.69 -10.67 -13.48
C LEU A 112 9.32 -11.26 -13.81
N HIS A 113 8.33 -10.95 -12.97
CA HIS A 113 6.99 -11.47 -13.19
C HIS A 113 6.02 -10.39 -13.63
N GLY A 114 5.17 -10.74 -14.59
CA GLY A 114 4.10 -9.87 -15.01
C GLY A 114 2.78 -10.52 -14.68
N ASP A 115 1.94 -9.79 -13.95
CA ASP A 115 0.58 -10.22 -13.70
C ASP A 115 -0.31 -9.37 -14.59
N VAL A 116 -0.95 -10.01 -15.55
CA VAL A 116 -1.58 -9.30 -16.66
C VAL A 116 -3.08 -9.54 -16.73
N TRP A 117 -3.81 -8.45 -16.98
CA TRP A 117 -5.23 -8.51 -17.28
C TRP A 117 -5.40 -8.16 -18.74
N ALA A 118 -6.32 -8.86 -19.42
CA ALA A 118 -6.71 -8.48 -20.76
C ALA A 118 -8.22 -8.48 -20.83
N LEU A 119 -8.80 -7.41 -21.36
CA LEU A 119 -10.24 -7.34 -21.51
C LEU A 119 -10.54 -6.74 -22.87
N GLY A 120 -11.00 -7.58 -23.77
CA GLY A 120 -11.31 -7.16 -25.13
C GLY A 120 -12.79 -7.06 -25.31
N VAL A 121 -13.24 -5.96 -25.92
CA VAL A 121 -14.66 -5.74 -26.08
C VAL A 121 -14.98 -5.19 -27.46
N ASN A 122 -16.22 -5.41 -27.88
CA ASN A 122 -16.77 -4.78 -29.05
C ASN A 122 -16.09 -5.23 -30.35
N PHE A 123 -15.53 -6.43 -30.34
CA PHE A 123 -14.96 -6.96 -31.56
C PHE A 123 -16.09 -7.47 -32.44
N PRO A 124 -16.17 -6.98 -33.69
CA PRO A 124 -17.21 -7.50 -34.57
C PRO A 124 -17.10 -9.02 -34.65
N PRO A 125 -18.22 -9.74 -34.42
CA PRO A 125 -18.22 -11.20 -34.45
C PRO A 125 -17.65 -11.78 -35.75
N ASN A 126 -17.84 -11.07 -36.86
CA ASN A 126 -17.35 -11.48 -38.17
C ASN A 126 -15.99 -10.88 -38.54
N GLY A 127 -15.39 -10.16 -37.60
CA GLY A 127 -14.11 -9.48 -37.82
C GLY A 127 -12.91 -10.42 -37.75
N PRO A 128 -11.72 -9.93 -38.19
CA PRO A 128 -10.53 -10.78 -38.21
C PRO A 128 -10.02 -11.27 -36.86
N VAL A 129 -10.38 -10.59 -35.77
CA VAL A 129 -9.95 -11.03 -34.44
C VAL A 129 -10.75 -12.26 -34.01
N MET A 130 -12.08 -12.15 -34.05
CA MET A 130 -12.94 -13.26 -33.63
C MET A 130 -12.93 -14.41 -34.64
N LYS A 131 -12.67 -14.09 -35.91
CA LYS A 131 -12.58 -15.12 -36.95
C LYS A 131 -11.15 -15.66 -37.12
N ASN A 132 -10.25 -15.19 -36.26
CA ASN A 132 -8.87 -15.70 -36.17
C ASN A 132 -8.11 -15.62 -37.50
N GLU A 133 -8.20 -14.46 -38.14
CA GLU A 133 -7.66 -14.28 -39.48
C GLU A 133 -6.34 -13.51 -39.53
N ILE A 134 -5.81 -13.16 -38.36
CA ILE A 134 -4.51 -12.49 -38.29
C ILE A 134 -3.39 -13.53 -38.43
N VAL A 135 -2.44 -13.28 -39.33
CA VAL A 135 -1.25 -14.14 -39.40
C VAL A 135 -0.08 -13.62 -38.58
N MET A 136 0.11 -12.30 -38.57
CA MET A 136 1.18 -11.70 -37.78
C MET A 136 0.98 -10.21 -37.60
N GLU A 137 1.72 -9.63 -36.68
CA GLU A 137 1.76 -8.19 -36.53
C GLU A 137 3.08 -7.68 -37.07
N GLU A 138 3.02 -6.55 -37.75
CA GLU A 138 4.21 -5.95 -38.31
C GLU A 138 5.09 -5.34 -37.22
N PRO A 139 6.36 -5.06 -37.55
CA PRO A 139 7.16 -4.25 -36.66
C PRO A 139 6.47 -2.92 -36.42
N ALA A 140 6.86 -2.23 -35.36
CA ALA A 140 6.15 -1.03 -34.97
C ALA A 140 7.09 0.00 -34.41
N GLU A 141 6.67 1.25 -34.49
CA GLU A 141 7.35 2.34 -33.84
C GLU A 141 6.44 2.88 -32.76
N GLU A 142 6.99 2.96 -31.56
CA GLU A 142 6.25 3.50 -30.44
C GLU A 142 6.87 4.85 -30.09
N THR A 143 6.01 5.85 -30.02
CA THR A 143 6.41 7.21 -29.65
C THR A 143 6.14 7.40 -28.17
N LEU A 144 7.16 7.78 -27.42
CA LEU A 144 7.05 7.85 -25.97
C LEU A 144 7.37 9.23 -25.44
N THR A 145 6.53 9.67 -24.53
CA THR A 145 6.60 11.02 -24.02
C THR A 145 6.04 11.01 -22.61
N ALA A 146 6.71 11.74 -21.74
CA ALA A 146 6.33 11.78 -20.35
C ALA A 146 5.22 12.80 -20.17
N LYS A 147 4.16 12.38 -19.51
CA LYS A 147 3.07 13.26 -19.18
C LYS A 147 2.59 13.01 -17.76
N ASN A 148 2.79 14.01 -16.91
CA ASN A 148 2.34 14.02 -15.51
C ASN A 148 2.73 12.83 -14.63
N GLY A 149 4.00 12.45 -14.70
CA GLY A 149 4.50 11.36 -13.87
C GLY A 149 4.35 10.00 -14.50
N VAL A 150 3.66 9.94 -15.65
CA VAL A 150 3.58 8.69 -16.39
C VAL A 150 4.20 8.83 -17.77
N LEU A 151 4.78 7.73 -18.22
CA LEU A 151 5.34 7.64 -19.54
C LEU A 151 4.26 7.09 -20.44
N VAL A 152 3.93 7.85 -21.48
CA VAL A 152 2.88 7.46 -22.40
C VAL A 152 3.50 7.06 -23.72
N GLY A 153 3.13 5.89 -24.20
CA GLY A 153 3.59 5.43 -25.49
C GLY A 153 2.42 5.27 -26.44
N PHE A 154 2.58 5.80 -27.65
CA PHE A 154 1.61 5.58 -28.73
C PHE A 154 2.24 4.76 -29.82
N CYS A 155 1.50 3.76 -30.28
CA CYS A 155 2.06 2.82 -31.23
C CYS A 155 1.03 2.32 -32.21
N PRO A 156 1.10 2.77 -33.47
CA PRO A 156 0.26 2.17 -34.48
C PRO A 156 0.59 0.71 -34.68
N LYS A 157 -0.45 -0.10 -34.81
CA LYS A 157 -0.30 -1.53 -34.94
C LYS A 157 -0.90 -1.96 -36.26
N ALA A 158 -0.16 -2.79 -36.99
CA ALA A 158 -0.61 -3.29 -38.27
C ALA A 158 -0.52 -4.81 -38.23
N TYR A 159 -1.66 -5.43 -38.51
CA TYR A 159 -1.78 -6.87 -38.47
C TYR A 159 -2.04 -7.39 -39.86
N LEU A 160 -1.17 -8.28 -40.32
CA LEU A 160 -1.35 -8.91 -41.61
C LEU A 160 -2.38 -10.01 -41.49
N LEU A 161 -3.37 -9.97 -42.36
CA LEU A 161 -4.44 -10.96 -42.36
C LEU A 161 -4.14 -12.08 -43.35
N LYS A 162 -4.87 -13.18 -43.23
CA LYS A 162 -4.69 -14.35 -44.10
C LYS A 162 -4.95 -14.02 -45.57
N ASP A 163 -5.83 -13.06 -45.83
CA ASP A 163 -6.12 -12.65 -47.21
C ASP A 163 -5.11 -11.63 -47.75
N GLY A 164 -4.09 -11.33 -46.94
CA GLY A 164 -3.03 -10.41 -47.35
C GLY A 164 -3.31 -8.95 -47.05
N SER A 165 -4.51 -8.65 -46.59
CA SER A 165 -4.86 -7.29 -46.21
C SER A 165 -4.34 -6.96 -44.81
N TYR A 166 -4.42 -5.68 -44.44
CA TYR A 166 -4.01 -5.25 -43.12
C TYR A 166 -5.19 -4.87 -42.25
N TYR A 167 -5.01 -5.12 -40.95
CA TYR A 167 -5.98 -4.76 -39.94
C TYR A 167 -5.19 -3.94 -38.93
N TYR A 168 -5.67 -2.75 -38.61
CA TYR A 168 -4.87 -1.88 -37.78
C TYR A 168 -5.50 -1.50 -36.46
N GLY A 169 -4.66 -1.02 -35.56
CA GLY A 169 -5.08 -0.52 -34.28
C GLY A 169 -4.12 0.54 -33.82
N HIS A 170 -4.59 1.40 -32.92
CA HIS A 170 -3.74 2.39 -32.27
C HIS A 170 -3.57 1.96 -30.84
N MET A 171 -2.32 1.75 -30.43
CA MET A 171 -2.02 1.40 -29.05
C MET A 171 -1.58 2.60 -28.23
N THR A 172 -2.18 2.76 -27.06
CA THR A 172 -1.75 3.74 -26.09
C THR A 172 -1.41 2.99 -24.82
N THR A 173 -0.21 3.24 -24.29
CA THR A 173 0.24 2.65 -23.05
C THR A 173 0.67 3.72 -22.07
N PHE A 174 0.25 3.57 -20.82
CA PHE A 174 0.81 4.31 -19.71
C PHE A 174 1.77 3.38 -18.99
N TYR A 175 3.00 3.84 -18.80
CA TYR A 175 3.99 3.13 -18.01
C TYR A 175 4.26 3.95 -16.78
N ARG A 176 4.21 3.31 -15.62
CA ARG A 176 4.43 3.99 -14.36
C ARG A 176 5.38 3.16 -13.52
N SER A 177 6.52 3.76 -13.19
CA SER A 177 7.49 3.11 -12.34
C SER A 177 7.00 3.10 -10.90
N LYS A 178 7.36 2.04 -10.18
CA LYS A 178 6.99 1.92 -8.78
C LYS A 178 8.12 2.38 -7.84
N LYS A 179 9.19 2.91 -8.42
CA LYS A 179 10.22 3.60 -7.62
C LYS A 179 9.78 5.05 -7.41
N SER A 180 9.54 5.39 -6.14
CA SER A 180 8.80 6.61 -5.75
C SER A 180 9.25 7.94 -6.36
N GLY A 181 10.56 8.16 -6.46
CA GLY A 181 11.07 9.44 -6.91
C GLY A 181 11.71 9.45 -8.28
N GLN A 182 11.54 8.35 -9.02
CA GLN A 182 12.25 8.19 -10.30
C GLN A 182 11.78 9.18 -11.37
N PRO A 183 12.73 9.91 -11.98
CA PRO A 183 12.43 10.86 -13.04
C PRO A 183 11.91 10.17 -14.30
N LEU A 184 11.06 10.87 -15.04
CA LEU A 184 10.58 10.39 -16.32
C LEU A 184 11.62 10.64 -17.40
N PRO A 185 11.68 9.77 -18.43
CA PRO A 185 12.67 9.98 -19.47
C PRO A 185 12.22 11.08 -20.43
N GLY A 186 13.12 11.52 -21.29
CA GLY A 186 12.79 12.47 -22.33
C GLY A 186 12.04 11.80 -23.46
N PHE A 187 11.53 12.61 -24.37
CA PHE A 187 10.83 12.14 -25.55
C PHE A 187 11.73 11.19 -26.33
N HIS A 188 11.19 10.03 -26.71
CA HIS A 188 11.92 9.11 -27.56
C HIS A 188 10.98 8.11 -28.21
N PHE A 189 11.57 7.15 -28.90
CA PHE A 189 10.84 6.16 -29.64
C PHE A 189 11.39 4.80 -29.26
N ILE A 190 10.56 3.77 -29.42
CA ILE A 190 11.02 2.40 -29.33
C ILE A 190 10.52 1.67 -30.57
N LYS A 191 11.47 1.12 -31.34
CA LYS A 191 11.13 0.25 -32.44
C LYS A 191 10.98 -1.17 -31.91
N HIS A 192 9.98 -1.88 -32.43
CA HIS A 192 9.61 -3.20 -31.95
C HIS A 192 9.51 -4.14 -33.12
N ARG A 193 9.90 -5.40 -32.92
CA ARG A 193 9.47 -6.46 -33.80
C ARG A 193 9.09 -7.63 -32.92
N LEU A 194 7.82 -8.03 -33.02
CA LEU A 194 7.32 -9.18 -32.28
C LEU A 194 6.94 -10.25 -33.27
N VAL A 195 7.44 -11.46 -33.04
CA VAL A 195 7.18 -12.57 -33.93
C VAL A 195 6.74 -13.77 -33.12
N LYS A 196 5.65 -14.39 -33.53
CA LYS A 196 5.25 -15.69 -32.98
C LYS A 196 6.11 -16.73 -33.72
N THR A 197 7.18 -17.16 -33.05
CA THR A 197 8.15 -18.07 -33.65
C THR A 197 7.62 -19.50 -33.81
N LYS A 198 6.65 -19.87 -32.98
CA LYS A 198 5.88 -21.10 -33.18
C LYS A 198 4.53 -21.06 -32.49
N VAL A 199 3.54 -21.65 -33.15
CA VAL A 199 2.18 -21.69 -32.65
C VAL A 199 1.68 -23.15 -32.67
N GLU A 200 1.17 -23.60 -31.54
CA GLU A 200 0.48 -24.88 -31.48
C GLU A 200 -1.00 -24.66 -31.76
N PRO A 201 -1.68 -25.68 -32.32
CA PRO A 201 -3.10 -25.55 -32.68
C PRO A 201 -3.95 -24.92 -31.58
N GLY A 202 -4.80 -23.98 -31.96
CA GLY A 202 -5.70 -23.29 -31.03
C GLY A 202 -5.01 -22.34 -30.07
N PHE A 203 -3.78 -21.96 -30.42
CA PHE A 203 -2.91 -21.12 -29.57
C PHE A 203 -2.70 -21.70 -28.17
N LYS A 204 -2.84 -23.02 -28.04
CA LYS A 204 -2.66 -23.70 -26.76
C LYS A 204 -1.23 -23.50 -26.25
N MET A 205 -0.30 -23.35 -27.18
CA MET A 205 1.08 -23.00 -26.87
C MET A 205 1.57 -22.04 -27.93
N VAL A 206 2.24 -20.98 -27.50
CA VAL A 206 2.86 -20.03 -28.41
C VAL A 206 4.24 -19.66 -27.89
N GLU A 207 5.22 -19.62 -28.79
CA GLU A 207 6.49 -19.00 -28.49
C GLU A 207 6.57 -17.70 -29.28
N GLN A 208 6.99 -16.65 -28.61
CA GLN A 208 7.08 -15.35 -29.24
C GLN A 208 8.35 -14.64 -28.81
N ALA A 209 8.92 -13.89 -29.73
CA ALA A 209 10.09 -13.09 -29.45
C ALA A 209 9.76 -11.63 -29.73
N GLU A 210 10.27 -10.75 -28.87
CA GLU A 210 10.20 -9.32 -29.12
C GLU A 210 11.60 -8.73 -29.11
N TYR A 211 11.90 -7.98 -30.17
CA TYR A 211 13.11 -7.18 -30.25
C TYR A 211 12.67 -5.74 -30.09
N ALA A 212 13.32 -5.00 -29.21
CA ALA A 212 12.96 -3.62 -28.95
C ALA A 212 14.17 -2.75 -28.71
N THR A 213 14.23 -1.63 -29.40
CA THR A 213 15.34 -0.70 -29.26
C THR A 213 14.79 0.71 -29.18
N ALA A 214 15.22 1.44 -28.15
CA ALA A 214 14.88 2.84 -28.02
C ALA A 214 15.78 3.65 -28.94
N HIS A 215 15.24 4.76 -29.44
CA HIS A 215 16.01 5.64 -30.30
C HIS A 215 15.37 7.00 -30.30
N VAL A 216 16.15 8.01 -30.67
CA VAL A 216 15.63 9.34 -30.91
C VAL A 216 15.67 9.59 -32.42
N CYS A 217 15.34 10.81 -32.82
CA CYS A 217 15.30 11.15 -34.22
C CYS A 217 16.70 11.44 -34.74
N ASP A 218 17.11 10.71 -35.77
CA ASP A 218 18.44 10.91 -36.35
C ASP A 218 18.43 11.81 -37.58
N LEU A 219 17.28 12.41 -37.89
CA LEU A 219 17.19 13.36 -38.98
C LEU A 219 17.89 14.65 -38.59
N PRO A 220 18.46 15.38 -39.56
CA PRO A 220 19.11 16.65 -39.25
C PRO A 220 18.10 17.73 -38.86
N LEU B 4 12.23 12.04 -60.20
CA LEU B 4 12.22 13.53 -60.08
C LEU B 4 13.63 14.12 -59.99
N ASP B 5 13.75 15.39 -60.34
CA ASP B 5 15.00 16.15 -60.18
C ASP B 5 15.28 16.39 -58.71
N ASN B 6 16.48 16.88 -58.41
CA ASN B 6 16.87 17.17 -57.03
C ASN B 6 16.53 18.60 -56.59
N ASN B 7 15.79 19.32 -57.43
CA ASN B 7 15.22 20.61 -57.05
C ASN B 7 13.80 20.72 -57.56
N LEU B 8 12.85 20.74 -56.63
CA LEU B 8 11.43 20.78 -56.96
C LEU B 8 10.79 21.92 -56.19
N SER B 9 10.19 22.86 -56.92
CA SER B 9 9.48 23.97 -56.31
C SER B 9 8.07 23.55 -55.91
N VAL B 10 7.57 24.19 -54.87
CA VAL B 10 6.26 23.89 -54.34
C VAL B 10 5.49 25.18 -54.16
N SER B 11 4.19 25.12 -54.43
CA SER B 11 3.29 26.19 -54.05
C SER B 11 2.10 25.53 -53.39
N VAL B 12 1.48 26.24 -52.46
CA VAL B 12 0.39 25.66 -51.73
C VAL B 12 -0.62 26.74 -51.40
N TYR B 13 -1.88 26.36 -51.43
CA TYR B 13 -2.95 27.20 -50.96
C TYR B 13 -3.78 26.38 -49.99
N MET B 14 -4.07 26.98 -48.85
CA MET B 14 -4.89 26.32 -47.87
C MET B 14 -6.00 27.26 -47.49
N LYS B 15 -7.23 26.77 -47.55
CA LYS B 15 -8.33 27.45 -46.90
C LYS B 15 -8.72 26.61 -45.70
N GLY B 16 -8.96 27.29 -44.59
CA GLY B 16 -9.16 26.60 -43.35
C GLY B 16 -10.24 27.23 -42.52
N ASN B 17 -10.77 26.42 -41.61
CA ASN B 17 -11.80 26.84 -40.70
C ASN B 17 -11.57 26.00 -39.46
N VAL B 18 -11.09 26.62 -38.40
CA VAL B 18 -10.85 25.91 -37.15
C VAL B 18 -11.68 26.58 -36.08
N ASN B 19 -12.55 25.80 -35.43
CA ASN B 19 -13.54 26.33 -34.47
C ASN B 19 -14.22 27.58 -35.00
N ASN B 20 -14.67 27.48 -36.24
CA ASN B 20 -15.39 28.56 -36.92
C ASN B 20 -14.54 29.78 -37.26
N HIS B 21 -13.22 29.67 -37.09
CA HIS B 21 -12.31 30.72 -37.52
C HIS B 21 -11.77 30.41 -38.91
N GLU B 22 -12.13 31.25 -39.88
CA GLU B 22 -11.72 31.04 -41.25
C GLU B 22 -10.42 31.75 -41.52
N PHE B 23 -9.59 31.12 -42.34
CA PHE B 23 -8.31 31.69 -42.71
C PHE B 23 -7.87 31.09 -44.04
N GLU B 24 -6.91 31.74 -44.67
CA GLU B 24 -6.29 31.24 -45.89
C GLU B 24 -4.82 31.48 -45.78
N TYR B 25 -4.05 30.49 -46.23
CA TYR B 25 -2.62 30.65 -46.37
C TYR B 25 -2.20 30.39 -47.81
N ASP B 26 -1.21 31.13 -48.25
CA ASP B 26 -0.49 30.79 -49.46
C ASP B 26 0.92 30.47 -49.06
N GLY B 27 1.50 29.44 -49.68
CA GLY B 27 2.88 29.09 -49.40
C GLY B 27 3.67 28.78 -50.65
N ILE B 28 4.95 29.10 -50.60
CA ILE B 28 5.87 28.71 -51.65
C ILE B 28 7.15 28.20 -51.04
N GLY B 29 7.80 27.28 -51.72
CA GLY B 29 9.07 26.81 -51.26
C GLY B 29 9.53 25.73 -52.20
N GLY B 30 10.20 24.73 -51.63
CA GLY B 30 10.74 23.66 -52.43
C GLY B 30 11.93 23.06 -51.74
N GLY B 31 12.62 22.20 -52.46
CA GLY B 31 13.79 21.52 -51.93
C GLY B 31 14.09 20.33 -52.79
N ASP B 32 14.75 19.35 -52.20
CA ASP B 32 15.15 18.15 -52.90
C ASP B 32 14.22 17.02 -52.52
N PRO B 33 13.34 16.60 -53.45
CA PRO B 33 12.38 15.55 -53.09
C PRO B 33 13.06 14.21 -52.87
N ASN B 34 14.20 14.00 -53.52
CA ASN B 34 14.95 12.76 -53.35
C ASN B 34 15.69 12.68 -52.01
N SER B 35 16.03 13.84 -51.45
CA SER B 35 16.70 13.92 -50.15
C SER B 35 15.68 13.92 -49.02
N GLY B 36 14.42 14.15 -49.37
CA GLY B 36 13.35 14.24 -48.38
C GLY B 36 13.49 15.44 -47.48
N GLN B 37 13.97 16.54 -48.05
CA GLN B 37 14.13 17.78 -47.31
C GLN B 37 13.51 18.90 -48.11
N PHE B 38 12.60 19.64 -47.49
CA PHE B 38 12.13 20.87 -48.14
C PHE B 38 11.60 21.84 -47.14
N SER B 39 11.50 23.08 -47.58
CA SER B 39 11.03 24.15 -46.75
C SER B 39 10.04 24.96 -47.55
N LEU B 40 9.15 25.62 -46.83
CA LEU B 40 8.28 26.57 -47.48
C LEU B 40 8.01 27.73 -46.55
N LYS B 41 7.52 28.79 -47.16
CA LYS B 41 7.12 29.98 -46.45
C LYS B 41 5.65 30.14 -46.70
N THR B 42 4.88 30.30 -45.62
CA THR B 42 3.46 30.53 -45.75
C THR B 42 3.14 31.95 -45.30
N LYS B 43 2.11 32.51 -45.90
CA LYS B 43 1.65 33.84 -45.52
C LYS B 43 0.15 33.81 -45.38
N LEU B 44 -0.33 34.30 -44.25
CA LEU B 44 -1.74 34.37 -43.95
C LEU B 44 -2.34 35.52 -44.73
N ARG B 45 -3.45 35.26 -45.41
CA ARG B 45 -4.16 36.30 -46.12
C ARG B 45 -4.91 37.16 -45.10
N GLY B 46 -5.04 38.46 -45.40
CA GLY B 46 -5.71 39.38 -44.50
C GLY B 46 -4.80 39.94 -43.43
N GLY B 47 -5.38 40.73 -42.52
CA GLY B 47 -4.62 41.43 -41.49
C GLY B 47 -4.84 40.92 -40.08
N LYS B 48 -5.76 39.95 -39.93
CA LYS B 48 -6.01 39.36 -38.61
C LYS B 48 -4.95 38.31 -38.29
N PRO B 49 -4.55 38.24 -37.01
CA PRO B 49 -3.68 37.13 -36.59
C PRO B 49 -4.44 35.82 -36.64
N LEU B 50 -3.72 34.71 -36.79
CA LEU B 50 -4.32 33.39 -36.69
C LEU B 50 -4.77 33.17 -35.24
N PRO B 51 -6.07 32.87 -35.04
CA PRO B 51 -6.62 32.79 -33.69
C PRO B 51 -6.45 31.43 -32.99
N PHE B 52 -5.51 30.62 -33.46
CA PHE B 52 -5.23 29.33 -32.85
C PHE B 52 -3.83 28.92 -33.24
N SER B 53 -3.37 27.80 -32.70
CA SER B 53 -2.03 27.31 -32.98
C SER B 53 -1.86 26.83 -34.41
N TYR B 54 -0.97 27.51 -35.12
CA TYR B 54 -0.59 27.11 -36.46
C TYR B 54 0.01 25.71 -36.48
N ASP B 55 0.52 25.26 -35.34
CA ASP B 55 1.17 23.96 -35.33
C ASP B 55 0.27 22.81 -35.75
N ILE B 56 -1.04 22.98 -35.63
CA ILE B 56 -1.95 21.91 -36.02
C ILE B 56 -2.20 21.85 -37.53
N ILE B 57 -1.72 22.85 -38.27
CA ILE B 57 -1.87 22.85 -39.74
C ILE B 57 -0.56 22.72 -40.52
N THR B 58 0.55 22.58 -39.82
CA THR B 58 1.85 22.49 -40.47
C THR B 58 1.90 21.37 -41.49
N MET B 59 1.25 20.26 -41.18
CA MET B 59 1.28 19.11 -42.07
C MET B 59 0.36 19.27 -43.27
N GLY B 60 -0.52 20.26 -43.21
CA GLY B 60 -1.29 20.63 -44.40
C GLY B 60 -0.37 21.18 -45.46
N PHE B 61 0.62 21.95 -45.05
CA PHE B 61 1.57 22.56 -45.98
C PHE B 61 2.62 21.56 -46.38
N PHE B 63 3.64 17.28 -48.55
CA PHE B 63 3.98 16.84 -49.92
C PHE B 63 4.89 15.66 -49.78
N ARG B 64 4.29 14.49 -49.69
CA ARG B 64 5.06 13.29 -49.48
C ARG B 64 5.99 12.93 -50.64
N ALA B 65 5.92 13.70 -51.73
CA ALA B 65 6.92 13.60 -52.79
C ALA B 65 8.30 13.90 -52.20
N PHE B 66 8.33 14.72 -51.14
CA PHE B 66 9.58 15.04 -50.45
C PHE B 66 9.83 14.05 -49.32
N THR B 67 10.23 12.85 -49.72
CA THR B 67 10.61 11.81 -48.78
C THR B 67 11.81 11.10 -49.39
N LYS B 68 12.86 10.91 -48.58
CA LYS B 68 13.98 10.10 -49.00
C LYS B 68 13.53 8.65 -48.95
N TYR B 69 13.45 8.01 -50.12
CA TYR B 69 13.12 6.59 -50.22
C TYR B 69 14.31 5.77 -50.63
N PRO B 70 14.74 4.84 -49.77
CA PRO B 70 15.82 3.96 -50.16
C PRO B 70 15.34 2.99 -51.23
N GLU B 71 16.25 2.48 -52.04
CA GLU B 71 15.90 1.65 -53.20
C GLU B 71 14.96 0.48 -52.90
N GLY B 72 15.10 -0.13 -51.73
CA GLY B 72 14.31 -1.30 -51.35
C GLY B 72 12.85 -1.05 -50.97
N ILE B 73 12.45 0.21 -50.91
CA ILE B 73 11.07 0.56 -50.56
C ILE B 73 10.42 1.31 -51.72
N ALA B 74 9.25 0.83 -52.15
CA ALA B 74 8.50 1.48 -53.21
C ALA B 74 8.07 2.88 -52.80
N ASP B 75 8.35 3.83 -53.68
CA ASP B 75 8.04 5.23 -53.48
C ASP B 75 6.75 5.54 -54.21
N TYR B 76 5.64 5.41 -53.50
CA TYR B 76 4.32 5.61 -54.05
C TYR B 76 4.14 7.03 -54.57
N PHE B 77 4.77 7.97 -53.88
CA PHE B 77 4.54 9.39 -54.13
C PHE B 77 5.23 9.86 -55.39
N LYS B 78 6.52 9.56 -55.52
CA LYS B 78 7.23 9.90 -56.74
C LYS B 78 6.75 9.07 -57.91
N GLY B 79 6.34 7.84 -57.62
CA GLY B 79 5.78 6.95 -58.63
C GLY B 79 4.46 7.43 -59.22
N SER B 80 3.79 8.36 -58.55
CA SER B 80 2.48 8.84 -58.99
C SER B 80 2.60 9.91 -60.08
N PHE B 81 3.82 10.38 -60.28
CA PHE B 81 4.07 11.48 -61.18
C PHE B 81 4.08 11.15 -62.66
N PRO B 82 3.17 11.79 -63.41
CA PRO B 82 3.04 13.24 -63.48
C PRO B 82 1.66 13.57 -62.88
N GLU B 83 0.82 12.53 -62.73
CA GLU B 83 -0.54 12.71 -62.21
C GLU B 83 -0.55 13.17 -60.76
N ALA B 84 0.50 12.79 -60.02
CA ALA B 84 0.66 13.11 -58.60
C ALA B 84 -0.40 12.41 -57.75
N PHE B 85 -0.69 12.98 -56.58
CA PHE B 85 -1.52 12.26 -55.63
C PHE B 85 -2.52 13.21 -55.01
N GLN B 86 -3.55 12.70 -54.34
CA GLN B 86 -4.08 13.31 -53.13
C GLN B 86 -3.91 12.69 -51.79
N TRP B 87 -4.27 13.46 -50.78
CA TRP B 87 -4.36 12.90 -49.45
C TRP B 87 -5.49 13.51 -48.68
N ASN B 88 -5.99 12.74 -47.73
CA ASN B 88 -6.99 13.21 -46.80
C ASN B 88 -6.61 12.69 -45.43
N ARG B 89 -6.84 13.51 -44.42
CA ARG B 89 -6.13 13.34 -43.17
C ARG B 89 -6.92 13.85 -41.99
N ARG B 90 -6.78 13.15 -40.87
CA ARG B 90 -7.28 13.66 -39.62
C ARG B 90 -6.20 13.59 -38.56
N ILE B 91 -6.19 14.60 -37.70
CA ILE B 91 -5.46 14.48 -36.47
C ILE B 91 -6.49 14.57 -35.36
N GLU B 92 -6.57 13.51 -34.58
CA GLU B 92 -7.49 13.43 -33.44
C GLU B 92 -6.67 13.72 -32.21
N PHE B 93 -6.96 14.84 -31.57
CA PHE B 93 -6.19 15.28 -30.43
C PHE B 93 -6.75 14.74 -29.11
N GLU B 94 -5.90 14.74 -28.09
CA GLU B 94 -6.19 14.15 -26.79
C GLU B 94 -7.43 14.73 -26.11
N ASP B 95 -7.74 15.98 -26.41
CA ASP B 95 -8.87 16.68 -25.78
C ASP B 95 -10.09 16.78 -26.68
N GLY B 96 -10.12 15.94 -27.72
CA GLY B 96 -11.33 15.81 -28.53
C GLY B 96 -11.35 16.70 -29.74
N GLY B 97 -10.42 17.65 -29.82
CA GLY B 97 -10.31 18.46 -31.01
C GLY B 97 -9.89 17.56 -32.16
N VAL B 98 -10.41 17.82 -33.35
CA VAL B 98 -10.04 17.05 -34.52
C VAL B 98 -9.85 18.02 -35.65
N ILE B 99 -8.72 17.91 -36.33
CA ILE B 99 -8.58 18.66 -37.56
C ILE B 99 -8.52 17.70 -38.71
N ASN B 100 -9.37 17.96 -39.69
CA ASN B 100 -9.32 17.25 -40.94
C ASN B 100 -8.63 18.13 -41.94
N MET B 101 -7.85 17.51 -42.82
CA MET B 101 -7.19 18.23 -43.86
C MET B 101 -7.19 17.36 -45.09
N SER B 102 -7.29 17.99 -46.25
CA SER B 102 -7.19 17.27 -47.49
C SER B 102 -6.43 18.10 -48.50
N SER B 103 -5.69 17.42 -49.36
CA SER B 103 -4.92 18.11 -50.36
C SER B 103 -4.99 17.39 -51.68
N ASP B 104 -5.14 18.19 -52.72
CA ASP B 104 -5.01 17.73 -54.07
C ASP B 104 -3.70 18.30 -54.59
N ILE B 105 -2.82 17.41 -54.99
CA ILE B 105 -1.50 17.82 -55.42
C ILE B 105 -1.41 17.66 -56.92
N THR B 106 -0.95 18.70 -57.59
CA THR B 106 -0.79 18.64 -59.02
C THR B 106 0.63 19.05 -59.35
N TYR B 107 1.10 18.61 -60.52
CA TYR B 107 2.42 18.94 -60.98
C TYR B 107 2.30 19.59 -62.34
N LYS B 108 2.72 20.85 -62.43
CA LYS B 108 2.68 21.57 -63.70
C LYS B 108 3.92 22.44 -63.82
N ASP B 109 4.57 22.36 -64.98
CA ASP B 109 5.87 22.98 -65.21
C ASP B 109 6.86 22.54 -64.12
N LYS B 110 7.57 23.50 -63.51
CA LYS B 110 8.58 23.19 -62.50
C LYS B 110 7.99 22.93 -61.10
N VAL B 111 6.67 23.09 -60.94
CA VAL B 111 6.09 23.25 -59.61
C VAL B 111 5.07 22.19 -59.15
N LEU B 112 5.25 21.75 -57.92
CA LEU B 112 4.27 20.89 -57.24
C LEU B 112 3.32 21.80 -56.47
N HIS B 113 2.05 21.77 -56.83
CA HIS B 113 1.04 22.58 -56.16
C HIS B 113 0.11 21.76 -55.30
N GLY B 114 -0.16 22.26 -54.10
CA GLY B 114 -1.15 21.63 -53.23
C GLY B 114 -2.31 22.58 -52.99
N ASP B 115 -3.51 22.08 -53.19
CA ASP B 115 -4.71 22.81 -52.85
C ASP B 115 -5.29 22.12 -51.63
N VAL B 116 -5.32 22.83 -50.51
CA VAL B 116 -5.55 22.19 -49.24
C VAL B 116 -6.79 22.77 -48.56
N TRP B 117 -7.57 21.88 -47.98
CA TRP B 117 -8.65 22.25 -47.06
C TRP B 117 -8.22 21.87 -45.68
N ALA B 118 -8.56 22.71 -44.70
CA ALA B 118 -8.40 22.36 -43.29
C ALA B 118 -9.69 22.71 -42.56
N LEU B 119 -10.20 21.75 -41.79
CA LEU B 119 -11.40 22.00 -41.01
C LEU B 119 -11.19 21.41 -39.65
N GLY B 120 -11.04 22.29 -38.66
CA GLY B 120 -10.79 21.87 -37.29
C GLY B 120 -12.03 22.13 -36.49
N VAL B 121 -12.41 21.14 -35.69
CA VAL B 121 -13.64 21.21 -34.91
C VAL B 121 -13.41 20.70 -33.51
N ASN B 122 -14.28 21.16 -32.61
CA ASN B 122 -14.36 20.64 -31.26
C ASN B 122 -13.10 20.86 -30.45
N PHE B 123 -12.35 21.90 -30.76
CA PHE B 123 -11.20 22.24 -29.93
C PHE B 123 -11.69 22.97 -28.69
N PRO B 124 -11.35 22.45 -27.51
CA PRO B 124 -11.78 23.16 -26.30
C PRO B 124 -11.31 24.60 -26.37
N PRO B 125 -12.23 25.57 -26.15
CA PRO B 125 -11.83 26.97 -26.20
C PRO B 125 -10.67 27.31 -25.28
N ASN B 126 -10.52 26.56 -24.20
CA ASN B 126 -9.46 26.78 -23.22
C ASN B 126 -8.26 25.86 -23.42
N GLY B 127 -8.29 25.10 -24.51
CA GLY B 127 -7.22 24.14 -24.80
C GLY B 127 -6.00 24.78 -25.44
N PRO B 128 -4.91 24.01 -25.55
CA PRO B 128 -3.65 24.54 -26.08
C PRO B 128 -3.71 25.00 -27.53
N VAL B 129 -4.63 24.44 -28.32
CA VAL B 129 -4.78 24.87 -29.70
C VAL B 129 -5.38 26.26 -29.77
N MET B 130 -6.54 26.44 -29.15
CA MET B 130 -7.23 27.72 -29.23
C MET B 130 -6.53 28.81 -28.42
N LYS B 131 -5.78 28.40 -27.40
CA LYS B 131 -5.02 29.35 -26.58
C LYS B 131 -3.58 29.54 -27.05
N ASN B 132 -3.26 28.97 -28.22
CA ASN B 132 -1.96 29.16 -28.85
C ASN B 132 -0.79 28.84 -27.90
N GLU B 133 -0.83 27.66 -27.31
CA GLU B 133 0.13 27.29 -26.28
C GLU B 133 1.18 26.31 -26.80
N ILE B 134 1.00 25.83 -28.02
CA ILE B 134 1.96 24.92 -28.63
C ILE B 134 3.20 25.69 -29.07
N VAL B 135 4.37 25.16 -28.76
CA VAL B 135 5.60 25.78 -29.25
C VAL B 135 6.21 25.05 -30.43
N MET B 136 6.04 23.73 -30.48
CA MET B 136 6.58 22.92 -31.59
C MET B 136 5.99 21.53 -31.57
N GLU B 137 6.11 20.82 -32.69
CA GLU B 137 5.78 19.40 -32.72
C GLU B 137 7.09 18.67 -32.70
N GLU B 138 7.09 17.54 -32.02
CA GLU B 138 8.24 16.68 -32.00
C GLU B 138 8.39 15.96 -33.32
N PRO B 139 9.59 15.40 -33.58
CA PRO B 139 9.74 14.49 -34.69
C PRO B 139 8.77 13.33 -34.55
N ALA B 140 8.46 12.67 -35.65
CA ALA B 140 7.47 11.61 -35.61
C ALA B 140 7.83 10.42 -36.47
N GLU B 141 7.16 9.31 -36.20
CA GLU B 141 7.27 8.12 -37.02
C GLU B 141 5.88 7.82 -37.53
N GLU B 142 5.77 7.72 -38.86
CA GLU B 142 4.54 7.37 -39.52
C GLU B 142 4.64 5.94 -40.00
N THR B 143 3.62 5.13 -39.70
CA THR B 143 3.55 3.75 -40.13
C THR B 143 2.59 3.68 -41.29
N LEU B 144 3.04 3.12 -42.41
CA LEU B 144 2.25 3.11 -43.63
C LEU B 144 1.96 1.71 -44.15
N THR B 145 0.70 1.49 -44.51
CA THR B 145 0.24 0.22 -45.07
C THR B 145 -0.75 0.48 -46.17
N ALA B 146 -0.75 -0.37 -47.19
CA ALA B 146 -1.84 -0.43 -48.15
C ALA B 146 -3.10 -0.84 -47.39
N LYS B 147 -4.20 -0.17 -47.70
CA LYS B 147 -5.50 -0.51 -47.11
C LYS B 147 -6.62 -0.09 -48.05
N ASN B 148 -7.49 -1.04 -48.40
CA ASN B 148 -8.64 -0.77 -49.27
C ASN B 148 -8.32 0.06 -50.52
N GLY B 149 -7.14 -0.19 -51.11
CA GLY B 149 -6.76 0.46 -52.36
C GLY B 149 -6.09 1.81 -52.24
N VAL B 150 -5.83 2.25 -51.01
CA VAL B 150 -5.06 3.48 -50.79
C VAL B 150 -3.92 3.20 -49.82
N LEU B 151 -3.01 4.15 -49.71
CA LEU B 151 -1.92 4.04 -48.76
C LEU B 151 -2.34 4.78 -47.50
N VAL B 152 -2.28 4.09 -46.37
CA VAL B 152 -2.70 4.70 -45.11
C VAL B 152 -1.51 4.88 -44.20
N GLY B 153 -1.40 6.08 -43.63
CA GLY B 153 -0.32 6.37 -42.71
C GLY B 153 -0.89 6.71 -41.35
N PHE B 154 -0.28 6.14 -40.33
CA PHE B 154 -0.66 6.46 -38.96
C PHE B 154 0.52 7.08 -38.28
N CYS B 155 0.30 8.20 -37.59
CA CYS B 155 1.42 8.90 -37.03
C CYS B 155 1.06 9.58 -35.72
N PRO B 156 1.55 9.05 -34.59
CA PRO B 156 1.40 9.77 -33.32
C PRO B 156 2.10 11.13 -33.36
N LYS B 157 1.42 12.15 -32.86
CA LYS B 157 1.94 13.50 -32.87
C LYS B 157 2.05 14.00 -31.45
N ALA B 158 3.20 14.56 -31.13
CA ALA B 158 3.42 15.13 -29.81
C ALA B 158 3.78 16.59 -29.95
N TYR B 159 2.99 17.44 -29.30
CA TYR B 159 3.18 18.88 -29.37
C TYR B 159 3.65 19.37 -28.03
N LEU B 160 4.80 20.04 -28.03
CA LEU B 160 5.33 20.61 -26.81
C LEU B 160 4.62 21.92 -26.54
N LEU B 161 4.18 22.11 -25.30
CA LEU B 161 3.51 23.35 -24.93
C LEU B 161 4.46 24.31 -24.23
N LYS B 162 4.03 25.57 -24.17
CA LYS B 162 4.77 26.62 -23.47
C LYS B 162 5.06 26.21 -22.02
N ASP B 163 4.14 25.47 -21.41
CA ASP B 163 4.28 25.09 -20.01
C ASP B 163 5.19 23.88 -19.82
N GLY B 164 5.71 23.35 -20.93
CA GLY B 164 6.67 22.25 -20.91
C GLY B 164 6.05 20.87 -21.00
N SER B 165 4.74 20.80 -20.91
CA SER B 165 4.02 19.54 -21.04
C SER B 165 3.74 19.22 -22.50
N TYR B 166 3.21 18.04 -22.75
CA TYR B 166 2.89 17.60 -24.10
C TYR B 166 1.39 17.52 -24.37
N TYR B 167 1.05 17.80 -25.61
CA TYR B 167 -0.31 17.67 -26.11
C TYR B 167 -0.22 16.70 -27.26
N TYR B 168 -1.06 15.66 -27.25
CA TYR B 168 -0.94 14.57 -28.20
C TYR B 168 -2.06 14.51 -29.19
N GLY B 169 -1.76 13.95 -30.35
CA GLY B 169 -2.78 13.58 -31.31
C GLY B 169 -2.39 12.36 -32.10
N HIS B 170 -3.38 11.70 -32.71
CA HIS B 170 -3.15 10.58 -33.61
C HIS B 170 -3.51 11.05 -35.00
N MET B 171 -2.55 10.97 -35.91
CA MET B 171 -2.82 11.32 -37.28
C MET B 171 -3.07 10.08 -38.14
N THR B 172 -4.11 10.15 -38.94
CA THR B 172 -4.36 9.14 -39.95
C THR B 172 -4.44 9.82 -41.29
N THR B 173 -3.69 9.32 -42.26
CA THR B 173 -3.72 9.88 -43.59
C THR B 173 -4.00 8.80 -44.61
N PHE B 174 -4.88 9.11 -45.55
CA PHE B 174 -5.04 8.31 -46.75
C PHE B 174 -4.32 9.04 -47.87
N TYR B 175 -3.44 8.33 -48.56
CA TYR B 175 -2.78 8.85 -49.74
C TYR B 175 -3.25 8.06 -50.93
N ARG B 176 -3.67 8.75 -51.98
CA ARG B 176 -4.17 8.08 -53.15
C ARG B 176 -3.52 8.67 -54.38
N SER B 177 -2.79 7.83 -55.11
CA SER B 177 -2.21 8.24 -56.37
C SER B 177 -3.31 8.51 -57.38
N LYS B 178 -3.12 9.54 -58.18
CA LYS B 178 -4.02 9.83 -59.29
C LYS B 178 -3.54 9.14 -60.57
N LYS B 179 -2.45 8.38 -60.45
CA LYS B 179 -1.98 7.60 -61.58
C LYS B 179 -2.72 6.28 -61.64
N SER B 180 -3.51 6.15 -62.70
CA SER B 180 -3.86 4.86 -63.29
C SER B 180 -4.13 3.77 -62.26
N GLY B 181 -3.47 2.63 -62.42
CA GLY B 181 -3.53 1.54 -61.45
C GLY B 181 -2.17 1.38 -60.83
N GLN B 182 -1.62 2.49 -60.30
CA GLN B 182 -0.31 2.45 -59.67
C GLN B 182 -0.35 1.52 -58.46
N PRO B 183 0.58 0.56 -58.40
CA PRO B 183 0.61 -0.34 -57.25
C PRO B 183 0.90 0.41 -55.96
N LEU B 184 0.36 -0.11 -54.88
CA LEU B 184 0.63 0.42 -53.56
C LEU B 184 1.98 -0.11 -53.11
N PRO B 185 2.66 0.64 -52.23
CA PRO B 185 3.94 0.18 -51.73
C PRO B 185 3.75 -0.86 -50.64
N GLY B 186 4.83 -1.53 -50.26
CA GLY B 186 4.80 -2.42 -49.13
C GLY B 186 4.74 -1.65 -47.83
N PHE B 187 4.46 -2.35 -46.75
CA PHE B 187 4.52 -1.82 -45.41
C PHE B 187 5.86 -1.15 -45.16
N HIS B 188 5.82 0.07 -44.63
CA HIS B 188 7.04 0.77 -44.26
C HIS B 188 6.72 1.93 -43.32
N PHE B 189 7.77 2.68 -42.98
CA PHE B 189 7.63 3.79 -42.08
C PHE B 189 8.23 5.02 -42.74
N ILE B 190 7.78 6.18 -42.31
CA ILE B 190 8.45 7.42 -42.64
C ILE B 190 8.75 8.15 -41.35
N LYS B 191 10.02 8.49 -41.15
CA LYS B 191 10.42 9.35 -40.05
C LYS B 191 10.39 10.79 -40.53
N HIS B 192 9.88 11.66 -39.67
CA HIS B 192 9.65 13.05 -40.00
C HIS B 192 10.23 13.95 -38.93
N ARG B 193 10.73 15.11 -39.35
CA ARG B 193 10.97 16.20 -38.42
C ARG B 193 10.53 17.48 -39.11
N LEU B 194 9.53 18.13 -38.53
CA LEU B 194 9.05 19.40 -39.02
C LEU B 194 9.37 20.47 -37.99
N VAL B 195 10.01 21.54 -38.46
CA VAL B 195 10.37 22.66 -37.61
C VAL B 195 9.88 23.95 -38.24
N LYS B 196 9.32 24.82 -37.42
CA LYS B 196 9.00 26.17 -37.85
C LYS B 196 10.25 26.99 -37.59
N THR B 197 10.92 27.38 -38.67
CA THR B 197 12.23 28.03 -38.56
C THR B 197 12.11 29.54 -38.39
N LYS B 198 10.99 30.10 -38.84
CA LYS B 198 10.64 31.49 -38.59
C LYS B 198 9.13 31.61 -38.41
N VAL B 199 8.71 32.41 -37.44
CA VAL B 199 7.29 32.60 -37.15
C VAL B 199 7.03 34.07 -36.84
N GLU B 200 6.30 34.75 -37.72
CA GLU B 200 5.89 36.12 -37.46
C GLU B 200 4.71 36.15 -36.49
N PRO B 201 4.59 37.23 -35.70
CA PRO B 201 3.48 37.35 -34.77
C PRO B 201 2.13 37.07 -35.44
N GLY B 202 1.26 36.37 -34.70
CA GLY B 202 -0.05 35.97 -35.20
C GLY B 202 0.00 34.91 -36.29
N PHE B 203 1.16 34.28 -36.44
CA PHE B 203 1.43 33.34 -37.54
C PHE B 203 1.08 33.95 -38.90
N LYS B 204 1.32 35.26 -39.04
CA LYS B 204 1.02 35.93 -40.29
C LYS B 204 1.94 35.47 -41.39
N MET B 205 3.13 35.01 -41.00
CA MET B 205 4.08 34.40 -41.91
C MET B 205 4.83 33.34 -41.13
N VAL B 206 5.01 32.19 -41.77
CA VAL B 206 5.77 31.11 -41.15
C VAL B 206 6.71 30.52 -42.18
N GLU B 207 7.93 30.26 -41.76
CA GLU B 207 8.83 29.43 -42.55
C GLU B 207 8.94 28.10 -41.83
N GLN B 208 8.74 27.02 -42.57
CA GLN B 208 8.80 25.68 -41.98
C GLN B 208 9.57 24.74 -42.89
N ALA B 209 10.26 23.79 -42.26
CA ALA B 209 11.00 22.79 -42.99
C ALA B 209 10.57 21.43 -42.50
N GLU B 210 10.54 20.47 -43.42
CA GLU B 210 10.25 19.08 -43.09
C GLU B 210 11.35 18.20 -43.65
N TYR B 211 11.85 17.32 -42.81
CA TYR B 211 12.79 16.29 -43.21
C TYR B 211 12.03 14.98 -43.09
N ALA B 212 12.05 14.16 -44.14
CA ALA B 212 11.31 12.92 -44.12
C ALA B 212 12.06 11.83 -44.83
N THR B 213 12.18 10.68 -44.17
CA THR B 213 12.88 9.54 -44.72
C THR B 213 12.08 8.27 -44.50
N ALA B 214 11.85 7.53 -45.58
CA ALA B 214 11.23 6.23 -45.50
C ALA B 214 12.23 5.20 -45.00
N HIS B 215 11.75 4.25 -44.21
CA HIS B 215 12.58 3.16 -43.73
C HIS B 215 11.72 1.95 -43.46
N VAL B 216 12.34 0.79 -43.40
CA VAL B 216 11.68 -0.40 -42.90
C VAL B 216 12.31 -0.71 -41.55
N CYS B 217 11.99 -1.86 -40.99
CA CYS B 217 12.50 -2.22 -39.68
C CYS B 217 13.88 -2.84 -39.78
N ASP B 218 14.84 -2.27 -39.06
CA ASP B 218 16.23 -2.74 -39.12
C ASP B 218 16.57 -3.72 -37.99
N LEU B 219 15.59 -4.03 -37.14
CA LEU B 219 15.76 -5.02 -36.08
C LEU B 219 15.95 -6.42 -36.65
N PRO B 220 16.75 -7.27 -35.97
CA PRO B 220 16.98 -8.62 -36.47
C PRO B 220 15.72 -9.49 -36.56
N LYS B 221 15.83 -10.59 -37.31
CA LYS B 221 14.75 -11.56 -37.53
C LYS B 221 13.49 -10.93 -38.13
N LEU C 4 -39.51 -13.55 -16.56
CA LEU C 4 -40.81 -12.81 -16.58
C LEU C 4 -41.54 -12.99 -15.26
N ASP C 5 -41.18 -12.14 -14.28
CA ASP C 5 -41.87 -12.08 -12.99
C ASP C 5 -41.59 -10.72 -12.37
N ASN C 6 -42.57 -10.18 -11.64
CA ASN C 6 -42.47 -8.81 -11.12
C ASN C 6 -41.45 -8.59 -9.99
N ASN C 7 -40.81 -9.67 -9.55
CA ASN C 7 -39.71 -9.57 -8.59
C ASN C 7 -38.56 -10.49 -9.01
N LEU C 8 -37.38 -9.91 -9.17
CA LEU C 8 -36.21 -10.68 -9.61
C LEU C 8 -35.01 -10.33 -8.74
N SER C 9 -34.45 -11.34 -8.07
CA SER C 9 -33.27 -11.18 -7.21
C SER C 9 -32.03 -11.10 -8.08
N VAL C 10 -31.13 -10.18 -7.73
CA VAL C 10 -29.89 -9.98 -8.48
C VAL C 10 -28.69 -10.09 -7.55
N SER C 11 -27.66 -10.78 -8.04
CA SER C 11 -26.36 -10.71 -7.41
C SER C 11 -25.36 -10.34 -8.47
N VAL C 12 -24.26 -9.75 -8.04
CA VAL C 12 -23.23 -9.34 -8.98
C VAL C 12 -21.89 -9.47 -8.31
N TYR C 13 -20.91 -9.91 -9.09
CA TYR C 13 -19.52 -9.87 -8.66
C TYR C 13 -18.76 -9.17 -9.75
N MET C 14 -17.94 -8.21 -9.35
CA MET C 14 -17.07 -7.52 -10.28
C MET C 14 -15.65 -7.63 -9.80
N LYS C 15 -14.77 -8.10 -10.68
CA LYS C 15 -13.34 -7.94 -10.44
C LYS C 15 -12.84 -6.89 -11.41
N GLY C 16 -12.07 -5.95 -10.90
CA GLY C 16 -11.67 -4.83 -11.69
C GLY C 16 -10.24 -4.45 -11.49
N ASN C 17 -9.74 -3.71 -12.46
CA ASN C 17 -8.42 -3.18 -12.43
C ASN C 17 -8.49 -1.87 -13.19
N VAL C 18 -8.30 -0.76 -12.48
CA VAL C 18 -8.35 0.56 -13.09
C VAL C 18 -7.04 1.27 -12.80
N ASN C 19 -6.33 1.64 -13.86
CA ASN C 19 -5.01 2.23 -13.74
C ASN C 19 -4.14 1.43 -12.76
N ASN C 20 -4.20 0.10 -12.92
CA ASN C 20 -3.42 -0.85 -12.14
C ASN C 20 -3.85 -1.00 -10.68
N HIS C 21 -5.02 -0.46 -10.36
CA HIS C 21 -5.60 -0.63 -9.04
C HIS C 21 -6.63 -1.74 -9.11
N GLU C 22 -6.35 -2.83 -8.41
CA GLU C 22 -7.25 -3.97 -8.43
C GLU C 22 -8.28 -3.84 -7.33
N PHE C 23 -9.49 -4.29 -7.63
CA PHE C 23 -10.57 -4.23 -6.66
C PHE C 23 -11.60 -5.27 -7.05
N GLU C 24 -12.46 -5.59 -6.09
CA GLU C 24 -13.57 -6.48 -6.31
C GLU C 24 -14.76 -5.96 -5.54
N TYR C 25 -15.92 -6.11 -6.14
CA TYR C 25 -17.18 -5.81 -5.47
C TYR C 25 -18.11 -6.99 -5.53
N ASP C 26 -18.90 -7.13 -4.48
CA ASP C 26 -20.07 -7.99 -4.50
C ASP C 26 -21.29 -7.10 -4.40
N GLY C 27 -22.34 -7.46 -5.10
CA GLY C 27 -23.57 -6.71 -5.02
C GLY C 27 -24.78 -7.61 -4.90
N ILE C 28 -25.80 -7.06 -4.26
CA ILE C 28 -27.06 -7.76 -4.03
C ILE C 28 -28.17 -6.75 -4.20
N GLY C 29 -29.26 -7.18 -4.83
CA GLY C 29 -30.45 -6.36 -4.88
C GLY C 29 -31.48 -7.02 -5.76
N GLY C 30 -32.13 -6.19 -6.56
CA GLY C 30 -33.17 -6.67 -7.44
C GLY C 30 -34.26 -5.65 -7.59
N GLY C 31 -35.39 -6.08 -8.12
CA GLY C 31 -36.52 -5.22 -8.35
C GLY C 31 -37.46 -5.86 -9.35
N ASP C 32 -38.25 -5.02 -10.00
CA ASP C 32 -39.18 -5.48 -11.03
C ASP C 32 -38.53 -5.29 -12.40
N PRO C 33 -38.16 -6.39 -13.06
CA PRO C 33 -37.53 -6.25 -14.37
C PRO C 33 -38.50 -5.68 -15.41
N ASN C 34 -39.79 -5.87 -15.20
CA ASN C 34 -40.80 -5.35 -16.12
C ASN C 34 -41.04 -3.85 -15.95
N SER C 35 -40.74 -3.34 -14.75
CA SER C 35 -40.86 -1.92 -14.43
C SER C 35 -39.64 -1.14 -14.91
N GLY C 36 -38.53 -1.86 -15.11
CA GLY C 36 -37.26 -1.26 -15.48
C GLY C 36 -36.67 -0.47 -14.34
N GLN C 37 -36.96 -0.90 -13.12
CA GLN C 37 -36.45 -0.25 -11.92
C GLN C 37 -35.82 -1.31 -11.05
N PHE C 38 -34.57 -1.09 -10.68
CA PHE C 38 -33.93 -1.94 -9.68
C PHE C 38 -32.80 -1.25 -8.95
N SER C 39 -32.44 -1.84 -7.83
CA SER C 39 -31.50 -1.26 -6.91
C SER C 39 -30.53 -2.34 -6.49
N LEU C 40 -29.30 -1.93 -6.23
CA LEU C 40 -28.27 -2.84 -5.77
C LEU C 40 -27.50 -2.18 -4.66
N LYS C 41 -27.04 -2.99 -3.72
CA LYS C 41 -26.08 -2.57 -2.73
C LYS C 41 -24.79 -3.30 -3.04
N THR C 42 -23.72 -2.55 -3.27
CA THR C 42 -22.44 -3.16 -3.57
C THR C 42 -21.53 -2.98 -2.37
N LYS C 43 -20.64 -3.95 -2.21
CA LYS C 43 -19.69 -3.92 -1.11
CA LYS C 43 -19.70 -3.93 -1.10
C LYS C 43 -18.32 -4.28 -1.61
N LEU C 44 -17.36 -3.43 -1.30
CA LEU C 44 -15.99 -3.60 -1.70
C LEU C 44 -15.34 -4.73 -0.92
N ARG C 45 -14.72 -5.67 -1.64
CA ARG C 45 -13.94 -6.71 -1.00
C ARG C 45 -12.61 -6.12 -0.58
N GLY C 46 -11.95 -6.76 0.37
CA GLY C 46 -10.60 -6.36 0.72
C GLY C 46 -10.54 -5.24 1.73
N GLY C 47 -9.36 -4.65 1.86
CA GLY C 47 -9.09 -3.70 2.92
C GLY C 47 -8.65 -2.33 2.48
N LYS C 48 -8.86 -2.02 1.21
CA LYS C 48 -8.44 -0.74 0.64
C LYS C 48 -9.64 0.07 0.16
N PRO C 49 -9.67 1.38 0.47
CA PRO C 49 -10.69 2.22 -0.16
C PRO C 49 -10.47 2.23 -1.67
N LEU C 50 -11.52 2.50 -2.41
CA LEU C 50 -11.42 2.51 -3.84
C LEU C 50 -10.83 3.78 -4.40
N PRO C 51 -9.76 3.68 -5.20
CA PRO C 51 -8.67 4.65 -5.22
C PRO C 51 -8.99 5.52 -6.48
N PHE C 52 -10.26 5.51 -6.91
CA PHE C 52 -10.75 6.23 -8.11
C PHE C 52 -12.28 6.31 -8.07
N SER C 53 -12.87 7.05 -9.00
CA SER C 53 -14.32 7.28 -9.01
C SER C 53 -15.12 6.04 -9.34
N TYR C 54 -15.94 5.62 -8.37
CA TYR C 54 -16.86 4.51 -8.54
C TYR C 54 -17.85 4.76 -9.67
N ASP C 55 -18.09 6.02 -9.97
CA ASP C 55 -19.07 6.36 -10.99
C ASP C 55 -18.78 5.75 -12.36
N ILE C 56 -17.52 5.43 -12.64
CA ILE C 56 -17.19 4.82 -13.93
C ILE C 56 -17.46 3.32 -13.98
N ILE C 57 -17.78 2.71 -12.84
CA ILE C 57 -18.14 1.28 -12.85
C ILE C 57 -19.60 1.00 -12.53
N THR C 58 -20.40 2.04 -12.31
CA THR C 58 -21.80 1.86 -11.93
C THR C 58 -22.57 1.00 -12.93
N MET C 59 -22.26 1.17 -14.20
CA MET C 59 -22.93 0.40 -15.24
C MET C 59 -22.46 -1.04 -15.35
N GLY C 60 -21.35 -1.37 -14.70
CA GLY C 60 -20.98 -2.77 -14.55
C GLY C 60 -21.97 -3.49 -13.65
N PHE C 61 -22.44 -2.81 -12.63
CA PHE C 61 -23.39 -3.40 -11.69
C PHE C 61 -24.79 -3.34 -12.27
N PHE C 63 -27.81 -4.82 -15.93
CA PHE C 63 -28.71 -5.97 -16.17
C PHE C 63 -29.85 -5.41 -16.96
N ARG C 64 -29.69 -5.45 -18.29
CA ARG C 64 -30.72 -4.90 -19.17
C ARG C 64 -32.04 -5.65 -19.13
N ALA C 65 -32.06 -6.79 -18.45
CA ALA C 65 -33.32 -7.44 -18.12
C ALA C 65 -34.24 -6.47 -17.37
N PHE C 66 -33.64 -5.54 -16.62
CA PHE C 66 -34.40 -4.49 -15.94
C PHE C 66 -34.57 -3.26 -16.81
N THR C 67 -35.52 -3.38 -17.74
CA THR C 67 -35.85 -2.30 -18.66
C THR C 67 -37.33 -2.43 -18.94
N LYS C 68 -38.04 -1.32 -18.83
CA LYS C 68 -39.44 -1.30 -19.17
C LYS C 68 -39.52 -1.30 -20.69
N TYR C 69 -40.05 -2.39 -21.25
CA TYR C 69 -40.25 -2.49 -22.68
C TYR C 69 -41.73 -2.39 -23.00
N PRO C 70 -42.12 -1.39 -23.82
CA PRO C 70 -43.51 -1.32 -24.26
C PRO C 70 -43.77 -2.42 -25.29
N GLU C 71 -45.05 -2.74 -25.49
CA GLU C 71 -45.44 -3.84 -26.38
C GLU C 71 -44.86 -3.76 -27.79
N GLY C 72 -44.71 -2.54 -28.30
CA GLY C 72 -44.22 -2.31 -29.66
C GLY C 72 -42.75 -2.62 -29.92
N ILE C 73 -41.98 -2.84 -28.86
CA ILE C 73 -40.54 -3.04 -29.00
C ILE C 73 -40.12 -4.41 -28.46
N ALA C 74 -39.42 -5.19 -29.28
CA ALA C 74 -38.93 -6.50 -28.86
C ALA C 74 -37.94 -6.36 -27.71
N ASP C 75 -38.13 -7.17 -26.69
CA ASP C 75 -37.31 -7.17 -25.49
C ASP C 75 -36.32 -8.32 -25.61
N TYR C 76 -35.13 -8.01 -26.10
CA TYR C 76 -34.08 -8.97 -26.36
C TYR C 76 -33.63 -9.60 -25.05
N PHE C 77 -33.63 -8.77 -24.02
CA PHE C 77 -33.06 -9.14 -22.73
C PHE C 77 -33.91 -10.14 -22.00
N LYS C 78 -35.20 -9.84 -21.83
CA LYS C 78 -36.10 -10.79 -21.20
C LYS C 78 -36.34 -12.00 -22.10
N GLY C 79 -36.28 -11.78 -23.42
CA GLY C 79 -36.41 -12.85 -24.40
C GLY C 79 -35.28 -13.87 -24.37
N SER C 80 -34.17 -13.54 -23.73
CA SER C 80 -32.99 -14.42 -23.67
C SER C 80 -33.12 -15.47 -22.58
N PHE C 81 -34.11 -15.30 -21.72
CA PHE C 81 -34.27 -16.12 -20.54
C PHE C 81 -34.88 -17.50 -20.76
N PRO C 82 -34.11 -18.55 -20.44
CA PRO C 82 -33.54 -18.78 -19.12
C PRO C 82 -32.01 -18.66 -19.31
N GLU C 83 -31.57 -18.68 -20.58
CA GLU C 83 -30.14 -18.67 -20.90
C GLU C 83 -29.49 -17.34 -20.57
N ALA C 84 -30.30 -16.27 -20.64
CA ALA C 84 -29.85 -14.91 -20.37
C ALA C 84 -28.86 -14.43 -21.44
N PHE C 85 -28.05 -13.45 -21.09
CA PHE C 85 -27.20 -12.78 -22.07
C PHE C 85 -25.79 -12.63 -21.50
N GLN C 86 -24.78 -12.40 -22.33
CA GLN C 86 -23.75 -11.40 -22.05
C GLN C 86 -23.70 -10.03 -22.65
N TRP C 87 -22.84 -9.21 -22.06
CA TRP C 87 -22.46 -7.96 -22.68
C TRP C 87 -20.99 -7.65 -22.52
N ASN C 88 -20.48 -6.89 -23.48
CA ASN C 88 -19.14 -6.36 -23.38
C ASN C 88 -19.20 -4.91 -23.82
N ARG C 89 -18.38 -4.07 -23.20
CA ARG C 89 -18.65 -2.66 -23.16
C ARG C 89 -17.38 -1.86 -23.02
N ARG C 90 -17.37 -0.70 -23.66
CA ARG C 90 -16.30 0.24 -23.44
C ARG C 90 -16.93 1.59 -23.17
N ILE C 91 -16.32 2.33 -22.26
CA ILE C 91 -16.61 3.75 -22.15
C ILE C 91 -15.32 4.48 -22.42
N GLU C 92 -15.38 5.32 -23.44
CA GLU C 92 -14.25 6.06 -23.95
C GLU C 92 -14.43 7.49 -23.43
N PHE C 93 -13.59 7.91 -22.50
CA PHE C 93 -13.75 9.22 -21.86
C PHE C 93 -13.00 10.31 -22.58
N GLU C 94 -13.40 11.55 -22.31
CA GLU C 94 -12.93 12.73 -23.02
C GLU C 94 -11.43 12.95 -22.93
N ASP C 95 -10.83 12.45 -21.86
CA ASP C 95 -9.40 12.66 -21.59
C ASP C 95 -8.55 11.42 -21.87
N GLY C 96 -9.12 10.45 -22.58
CA GLY C 96 -8.35 9.31 -23.06
C GLY C 96 -8.46 8.08 -22.20
N GLY C 97 -9.00 8.24 -20.99
CA GLY C 97 -9.30 7.08 -20.16
C GLY C 97 -10.31 6.21 -20.87
N VAL C 98 -10.14 4.90 -20.76
CA VAL C 98 -11.11 3.95 -21.30
C VAL C 98 -11.31 2.87 -20.28
N ILE C 99 -12.56 2.58 -19.97
CA ILE C 99 -12.86 1.41 -19.18
C ILE C 99 -13.63 0.43 -20.04
N ASN C 100 -13.11 -0.79 -20.09
CA ASN C 100 -13.82 -1.90 -20.67
C ASN C 100 -14.46 -2.66 -19.54
N MET C 101 -15.65 -3.17 -19.81
CA MET C 101 -16.31 -4.06 -18.88
C MET C 101 -17.00 -5.15 -19.65
N SER C 102 -17.07 -6.32 -19.02
CA SER C 102 -17.82 -7.40 -19.62
C SER C 102 -18.57 -8.10 -18.52
N SER C 103 -19.74 -8.63 -18.87
CA SER C 103 -20.52 -9.37 -17.91
C SER C 103 -21.14 -10.59 -18.54
N ASP C 104 -21.08 -11.69 -17.81
CA ASP C 104 -21.81 -12.88 -18.15
C ASP C 104 -22.93 -13.00 -17.15
N ILE C 105 -24.15 -12.86 -17.64
CA ILE C 105 -25.34 -12.89 -16.80
C ILE C 105 -25.95 -14.27 -16.89
N THR C 106 -26.22 -14.85 -15.72
CA THR C 106 -26.85 -16.16 -15.66
C THR C 106 -28.08 -16.04 -14.82
N TYR C 107 -29.05 -16.90 -15.13
CA TYR C 107 -30.25 -17.01 -14.34
C TYR C 107 -30.37 -18.47 -13.94
N LYS C 108 -29.99 -18.75 -12.71
CA LYS C 108 -30.23 -20.07 -12.16
C LYS C 108 -30.35 -20.03 -10.66
N ASP C 109 -30.74 -21.18 -10.11
CA ASP C 109 -31.22 -21.30 -8.74
C ASP C 109 -32.50 -20.48 -8.75
N LYS C 110 -32.39 -19.18 -8.49
CA LYS C 110 -33.40 -18.24 -9.00
C LYS C 110 -32.70 -16.97 -9.48
N VAL C 111 -31.83 -16.44 -8.63
CA VAL C 111 -31.08 -15.20 -8.84
C VAL C 111 -30.53 -14.93 -10.26
N LEU C 112 -30.67 -13.68 -10.70
CA LEU C 112 -30.00 -13.20 -11.90
C LEU C 112 -28.62 -12.73 -11.44
N HIS C 113 -27.57 -13.39 -11.93
CA HIS C 113 -26.22 -13.07 -11.49
C HIS C 113 -25.38 -12.51 -12.62
N GLY C 114 -24.64 -11.46 -12.31
CA GLY C 114 -23.69 -10.89 -13.23
C GLY C 114 -22.28 -11.16 -12.76
N ASP C 115 -21.48 -11.78 -13.63
CA ASP C 115 -20.07 -12.00 -13.37
C ASP C 115 -19.33 -11.00 -14.22
N VAL C 116 -18.74 -9.99 -13.58
CA VAL C 116 -18.29 -8.80 -14.29
C VAL C 116 -16.78 -8.61 -14.20
N TRP C 117 -16.20 -8.23 -15.33
CA TRP C 117 -14.81 -7.81 -15.40
C TRP C 117 -14.82 -6.33 -15.71
N ALA C 118 -13.93 -5.59 -15.08
CA ALA C 118 -13.72 -4.19 -15.41
C ALA C 118 -12.24 -3.93 -15.54
N LEU C 119 -11.85 -3.29 -16.64
CA LEU C 119 -10.46 -2.98 -16.86
C LEU C 119 -10.37 -1.58 -17.41
N GLY C 120 -9.93 -0.67 -16.55
CA GLY C 120 -9.81 0.73 -16.89
C GLY C 120 -8.36 1.07 -17.09
N VAL C 121 -8.08 1.76 -18.19
CA VAL C 121 -6.72 2.10 -18.55
C VAL C 121 -6.61 3.52 -19.05
N ASN C 122 -5.41 4.06 -18.95
CA ASN C 122 -5.01 5.35 -19.52
C ASN C 122 -5.80 6.53 -18.96
N PHE C 123 -6.24 6.41 -17.72
CA PHE C 123 -6.84 7.56 -17.05
C PHE C 123 -5.75 8.50 -16.59
N PRO C 124 -5.83 9.78 -17.00
CA PRO C 124 -4.85 10.73 -16.52
C PRO C 124 -4.82 10.72 -14.98
N PRO C 125 -3.63 10.54 -14.38
CA PRO C 125 -3.54 10.51 -12.92
C PRO C 125 -4.16 11.72 -12.23
N ASN C 126 -4.19 12.85 -12.94
CA ASN C 126 -4.76 14.09 -12.39
C ASN C 126 -6.20 14.34 -12.86
N GLY C 127 -6.75 13.37 -13.58
CA GLY C 127 -8.09 13.47 -14.13
C GLY C 127 -9.16 13.26 -13.08
N PRO C 128 -10.41 13.60 -13.41
CA PRO C 128 -11.50 13.50 -12.44
C PRO C 128 -11.81 12.08 -11.97
N VAL C 129 -11.44 11.07 -12.77
CA VAL C 129 -11.65 9.68 -12.36
C VAL C 129 -10.67 9.28 -11.25
N MET C 130 -9.38 9.50 -11.50
CA MET C 130 -8.37 9.11 -10.53
C MET C 130 -8.36 10.03 -9.32
N LYS C 131 -8.85 11.25 -9.50
CA LYS C 131 -8.93 12.21 -8.41
C LYS C 131 -10.30 12.23 -7.72
N ASN C 132 -11.17 11.30 -8.11
CA ASN C 132 -12.47 11.11 -7.47
C ASN C 132 -13.29 12.40 -7.42
N GLU C 133 -13.39 13.05 -8.57
CA GLU C 133 -14.03 14.36 -8.66
C GLU C 133 -15.43 14.30 -9.27
N ILE C 134 -15.88 13.09 -9.61
CA ILE C 134 -17.22 12.89 -10.15
C ILE C 134 -18.25 12.87 -9.02
N VAL C 135 -19.32 13.65 -9.17
CA VAL C 135 -20.42 13.68 -8.22
C VAL C 135 -21.48 12.65 -8.58
N MET C 136 -21.87 12.61 -9.85
CA MET C 136 -22.92 11.73 -10.32
C MET C 136 -22.85 11.66 -11.82
N GLU C 137 -23.55 10.68 -12.39
CA GLU C 137 -23.75 10.64 -13.82
C GLU C 137 -25.16 11.10 -14.11
N GLU C 138 -25.29 11.81 -15.21
CA GLU C 138 -26.58 12.31 -15.62
C GLU C 138 -27.40 11.18 -16.20
N PRO C 139 -28.72 11.37 -16.30
CA PRO C 139 -29.50 10.41 -17.08
C PRO C 139 -28.98 10.38 -18.50
N ALA C 140 -29.32 9.32 -19.22
CA ALA C 140 -28.73 9.09 -20.52
C ALA C 140 -29.71 8.44 -21.46
N GLU C 141 -29.43 8.60 -22.75
CA GLU C 141 -30.19 7.95 -23.79
C GLU C 141 -29.25 7.01 -24.53
N GLU C 142 -29.62 5.74 -24.57
CA GLU C 142 -28.85 4.73 -25.27
C GLU C 142 -29.58 4.43 -26.57
N THR C 143 -28.83 4.42 -27.65
CA THR C 143 -29.34 4.10 -28.98
C THR C 143 -28.93 2.67 -29.29
N LEU C 144 -29.90 1.84 -29.65
CA LEU C 144 -29.63 0.42 -29.85
C LEU C 144 -30.03 -0.08 -31.22
N THR C 145 -29.13 -0.86 -31.82
CA THR C 145 -29.31 -1.39 -33.17
C THR C 145 -28.72 -2.78 -33.24
N ALA C 146 -29.38 -3.66 -33.97
CA ALA C 146 -28.80 -4.95 -34.31
C ALA C 146 -27.64 -4.70 -35.26
N LYS C 147 -26.50 -5.35 -35.01
CA LYS C 147 -25.36 -5.30 -35.93
C LYS C 147 -24.46 -6.50 -35.80
N ASN C 148 -24.10 -7.08 -36.95
CA ASN C 148 -23.24 -8.27 -37.00
C ASN C 148 -23.66 -9.36 -36.02
N GLY C 149 -24.96 -9.54 -35.88
CA GLY C 149 -25.50 -10.64 -35.08
C GLY C 149 -25.65 -10.37 -33.59
N VAL C 150 -25.24 -9.19 -33.13
CA VAL C 150 -25.43 -8.79 -31.74
C VAL C 150 -26.21 -7.49 -31.67
N LEU C 151 -26.69 -7.16 -30.47
CA LEU C 151 -27.33 -5.87 -30.24
C LEU C 151 -26.29 -4.90 -29.70
N VAL C 152 -26.18 -3.75 -30.36
CA VAL C 152 -25.19 -2.76 -29.99
C VAL C 152 -25.89 -1.51 -29.49
N GLY C 153 -25.45 -1.03 -28.34
CA GLY C 153 -25.97 0.20 -27.77
C GLY C 153 -24.89 1.26 -27.69
N PHE C 154 -25.25 2.48 -28.05
CA PHE C 154 -24.37 3.62 -27.94
C PHE C 154 -24.97 4.62 -27.00
N CYS C 155 -24.18 5.12 -26.08
CA CYS C 155 -24.76 5.95 -25.06
C CYS C 155 -23.77 7.00 -24.59
N PRO C 156 -24.01 8.26 -24.98
CA PRO C 156 -23.17 9.30 -24.40
C PRO C 156 -23.37 9.36 -22.89
N LYS C 157 -22.30 9.57 -22.16
CA LYS C 157 -22.36 9.62 -20.71
C LYS C 157 -21.86 10.97 -20.25
N ALA C 158 -22.60 11.60 -19.35
CA ALA C 158 -22.17 12.88 -18.81
C ALA C 158 -22.06 12.76 -17.31
N TYR C 159 -20.89 13.13 -16.81
CA TYR C 159 -20.59 13.02 -15.39
C TYR C 159 -20.41 14.41 -14.84
N LEU C 160 -21.24 14.74 -13.86
CA LEU C 160 -21.14 16.01 -13.18
C LEU C 160 -19.98 15.96 -12.19
N LEU C 161 -19.10 16.94 -12.29
CA LEU C 161 -17.94 17.02 -11.42
C LEU C 161 -18.18 17.93 -10.24
N LYS C 162 -17.32 17.83 -9.24
CA LYS C 162 -17.45 18.61 -8.00
C LYS C 162 -17.42 20.12 -8.26
N ASP C 163 -16.70 20.55 -9.29
CA ASP C 163 -16.61 21.97 -9.64
C ASP C 163 -17.81 22.46 -10.47
N GLY C 164 -18.73 21.55 -10.75
CA GLY C 164 -19.94 21.88 -11.50
C GLY C 164 -19.82 21.67 -13.01
N SER C 165 -18.62 21.35 -13.47
CA SER C 165 -18.40 21.06 -14.88
C SER C 165 -18.76 19.62 -15.22
N TYR C 166 -18.73 19.30 -16.51
CA TYR C 166 -19.08 17.97 -16.98
C TYR C 166 -17.88 17.25 -17.57
N TYR C 167 -17.83 15.96 -17.33
CA TYR C 167 -16.82 15.06 -17.85
C TYR C 167 -17.58 14.05 -18.66
N TYR C 168 -17.22 13.87 -19.92
CA TYR C 168 -18.02 13.01 -20.77
C TYR C 168 -17.30 11.76 -21.23
N GLY C 169 -18.09 10.77 -21.60
CA GLY C 169 -17.60 9.56 -22.21
C GLY C 169 -18.60 9.07 -23.23
N HIS C 170 -18.14 8.22 -24.14
CA HIS C 170 -19.02 7.57 -25.09
C HIS C 170 -19.02 6.10 -24.73
N MET C 171 -20.19 5.54 -24.46
CA MET C 171 -20.29 4.12 -24.17
C MET C 171 -20.77 3.33 -25.38
N THR C 172 -20.09 2.21 -25.63
CA THR C 172 -20.54 1.26 -26.63
C THR C 172 -20.67 -0.08 -25.95
N THR C 173 -21.81 -0.73 -26.15
CA THR C 173 -22.05 -2.03 -25.55
C THR C 173 -22.52 -3.01 -26.61
N PHE C 174 -21.94 -4.21 -26.57
CA PHE C 174 -22.43 -5.34 -27.33
C PHE C 174 -23.22 -6.21 -26.38
N TYR C 175 -24.47 -6.50 -26.72
CA TYR C 175 -25.29 -7.43 -25.95
C TYR C 175 -25.53 -8.66 -26.79
N ARG C 176 -25.30 -9.83 -26.22
CA ARG C 176 -25.48 -11.06 -26.97
C ARG C 176 -26.22 -12.07 -26.13
N SER C 177 -27.37 -12.49 -26.64
CA SER C 177 -28.18 -13.50 -25.98
C SER C 177 -27.48 -14.85 -26.03
N LYS C 178 -27.63 -15.61 -24.95
CA LYS C 178 -27.13 -16.97 -24.90
C LYS C 178 -28.22 -17.95 -25.35
N LYS C 179 -29.41 -17.42 -25.67
CA LYS C 179 -30.49 -18.24 -26.22
C LYS C 179 -30.27 -18.41 -27.72
N SER C 180 -30.18 -19.66 -28.14
CA SER C 180 -29.67 -20.07 -29.45
C SER C 180 -30.19 -19.28 -30.67
N GLY C 181 -31.49 -19.37 -30.93
CA GLY C 181 -32.02 -18.79 -32.17
C GLY C 181 -32.55 -17.37 -32.05
N GLN C 182 -32.30 -16.72 -30.91
CA GLN C 182 -33.04 -15.52 -30.58
C GLN C 182 -32.91 -14.37 -31.58
N PRO C 183 -34.05 -13.94 -32.15
CA PRO C 183 -34.04 -12.79 -33.04
C PRO C 183 -33.54 -11.55 -32.30
N LEU C 184 -32.83 -10.70 -33.03
CA LEU C 184 -32.43 -9.41 -32.50
C LEU C 184 -33.61 -8.46 -32.58
N PRO C 185 -33.66 -7.46 -31.69
CA PRO C 185 -34.76 -6.53 -31.75
C PRO C 185 -34.54 -5.49 -32.83
N GLY C 186 -35.57 -4.68 -33.07
CA GLY C 186 -35.46 -3.55 -33.97
C GLY C 186 -34.74 -2.39 -33.31
N PHE C 187 -34.45 -1.38 -34.13
CA PHE C 187 -33.86 -0.15 -33.67
C PHE C 187 -34.73 0.44 -32.57
N HIS C 188 -34.10 0.85 -31.48
CA HIS C 188 -34.80 1.55 -30.44
C HIS C 188 -33.82 2.24 -29.49
N PHE C 189 -34.38 2.84 -28.46
CA PHE C 189 -33.62 3.58 -27.48
C PHE C 189 -33.97 3.07 -26.10
N ILE C 190 -33.04 3.24 -25.17
CA ILE C 190 -33.34 3.05 -23.78
C ILE C 190 -32.91 4.30 -23.04
N LYS C 191 -33.85 4.91 -22.32
CA LYS C 191 -33.53 6.02 -21.44
CA LYS C 191 -33.50 6.02 -21.45
C LYS C 191 -33.16 5.48 -20.07
N HIS C 192 -32.12 6.05 -19.48
CA HIS C 192 -31.60 5.57 -18.21
C HIS C 192 -31.49 6.70 -17.23
N ARG C 193 -31.72 6.37 -15.97
CA ARG C 193 -31.28 7.22 -14.87
C ARG C 193 -30.67 6.33 -13.81
N LEU C 194 -29.39 6.52 -13.58
CA LEU C 194 -28.71 5.79 -12.52
C LEU C 194 -28.30 6.78 -11.45
N VAL C 195 -28.64 6.44 -10.20
CA VAL C 195 -28.30 7.29 -9.08
C VAL C 195 -27.70 6.44 -7.97
N LYS C 196 -26.61 6.92 -7.39
CA LYS C 196 -26.04 6.35 -6.19
C LYS C 196 -26.78 6.99 -5.02
N THR C 197 -27.59 6.19 -4.35
CA THR C 197 -28.46 6.72 -3.31
C THR C 197 -27.77 6.74 -1.94
N LYS C 198 -26.75 5.90 -1.77
CA LYS C 198 -25.93 5.90 -0.56
C LYS C 198 -24.50 5.56 -0.94
N VAL C 199 -23.55 6.28 -0.35
CA VAL C 199 -22.13 6.05 -0.58
C VAL C 199 -21.41 6.13 0.75
N GLU C 200 -20.70 5.06 1.09
CA GLU C 200 -19.84 5.06 2.27
C GLU C 200 -18.42 5.46 1.84
N PRO C 201 -17.62 6.01 2.78
CA PRO C 201 -16.29 6.49 2.42
C PRO C 201 -15.46 5.48 1.68
N GLY C 202 -14.75 5.95 0.66
CA GLY C 202 -13.91 5.10 -0.18
C GLY C 202 -14.73 4.17 -1.05
N PHE C 203 -16.01 4.47 -1.20
CA PHE C 203 -16.95 3.63 -1.95
C PHE C 203 -16.95 2.19 -1.47
N LYS C 204 -16.73 2.01 -0.17
CA LYS C 204 -16.64 0.66 0.35
C LYS C 204 -18.02 -0.01 0.36
N MET C 205 -19.05 0.81 0.33
CA MET C 205 -20.41 0.35 0.14
C MET C 205 -21.12 1.42 -0.65
N VAL C 206 -21.90 0.99 -1.64
CA VAL C 206 -22.68 1.91 -2.44
C VAL C 206 -24.05 1.29 -2.64
N GLU C 207 -25.08 2.10 -2.54
CA GLU C 207 -26.39 1.70 -2.98
C GLU C 207 -26.70 2.51 -4.22
N GLN C 208 -27.12 1.80 -5.27
CA GLN C 208 -27.40 2.45 -6.54
C GLN C 208 -28.70 1.94 -7.12
N ALA C 209 -29.40 2.82 -7.80
CA ALA C 209 -30.63 2.47 -8.44
C ALA C 209 -30.54 2.87 -9.89
N GLU C 210 -31.14 2.06 -10.75
CA GLU C 210 -31.23 2.37 -12.17
C GLU C 210 -32.67 2.22 -12.61
N TYR C 211 -33.15 3.26 -13.29
CA TYR C 211 -34.42 3.22 -13.98
C TYR C 211 -34.13 3.25 -15.46
N ALA C 212 -34.77 2.35 -16.20
CA ALA C 212 -34.52 2.26 -17.64
C ALA C 212 -35.80 1.88 -18.35
N THR C 213 -36.08 2.60 -19.42
CA THR C 213 -37.28 2.38 -20.22
C THR C 213 -36.91 2.42 -21.69
N ALA C 214 -37.31 1.40 -22.42
CA ALA C 214 -37.13 1.37 -23.86
C ALA C 214 -38.20 2.22 -24.54
N HIS C 215 -37.82 2.86 -25.63
CA HIS C 215 -38.75 3.66 -26.40
C HIS C 215 -38.27 3.76 -27.83
N VAL C 216 -39.19 4.11 -28.71
CA VAL C 216 -38.83 4.49 -30.06
C VAL C 216 -39.06 5.99 -30.16
N CYS C 217 -38.84 6.55 -31.34
CA CYS C 217 -38.96 7.97 -31.53
C CYS C 217 -40.42 8.38 -31.61
N ASP C 218 -40.82 9.32 -30.76
CA ASP C 218 -42.20 9.78 -30.72
C ASP C 218 -42.45 11.05 -31.51
N LEU C 219 -41.44 11.52 -32.23
CA LEU C 219 -41.60 12.65 -33.14
C LEU C 219 -42.45 12.24 -34.34
N PRO C 220 -43.22 13.19 -34.90
CA PRO C 220 -44.00 12.89 -36.10
C PRO C 220 -43.10 12.54 -37.29
N LYS C 221 -43.70 12.00 -38.35
CA LYS C 221 -42.98 11.69 -39.58
C LYS C 221 -43.42 12.62 -40.70
N LEU D 4 -38.83 34.60 -31.62
CA LEU D 4 -38.96 34.15 -33.04
C LEU D 4 -40.42 33.82 -33.38
N ASP D 5 -40.87 34.36 -34.51
CA ASP D 5 -42.21 34.05 -35.01
C ASP D 5 -42.27 32.66 -35.65
N ASN D 6 -43.47 32.13 -35.81
CA ASN D 6 -43.66 30.72 -36.18
C ASN D 6 -43.41 30.34 -37.65
N ASN D 7 -42.86 31.27 -38.42
CA ASN D 7 -42.30 30.94 -39.73
C ASN D 7 -40.95 31.61 -39.93
N LEU D 8 -39.95 30.80 -40.22
CA LEU D 8 -38.60 31.30 -40.45
C LEU D 8 -38.04 30.69 -41.73
N SER D 9 -37.67 31.56 -42.67
CA SER D 9 -37.05 31.15 -43.91
C SER D 9 -35.58 30.83 -43.70
N VAL D 10 -35.09 29.85 -44.44
CA VAL D 10 -33.72 29.38 -44.30
C VAL D 10 -33.04 29.32 -45.66
N SER D 11 -31.79 29.76 -45.70
CA SER D 11 -30.93 29.52 -46.84
C SER D 11 -29.64 28.89 -46.36
N VAL D 12 -29.04 28.06 -47.19
CA VAL D 12 -27.81 27.39 -46.80
C VAL D 12 -26.91 27.25 -48.01
N TYR D 13 -25.63 27.44 -47.76
CA TYR D 13 -24.60 27.14 -48.71
C TYR D 13 -23.64 26.19 -48.03
N MET D 14 -23.30 25.09 -48.70
CA MET D 14 -22.29 24.18 -48.20
C MET D 14 -21.24 23.98 -49.27
N LYS D 15 -19.98 24.14 -48.89
CA LYS D 15 -18.89 23.65 -49.70
C LYS D 15 -18.27 22.51 -48.95
N GLY D 16 -17.88 21.49 -49.69
CA GLY D 16 -17.41 20.29 -49.05
C GLY D 16 -16.36 19.56 -49.84
N ASN D 17 -15.68 18.68 -49.14
CA ASN D 17 -14.64 17.87 -49.73
C ASN D 17 -14.66 16.59 -48.92
N VAL D 18 -15.05 15.49 -49.56
CA VAL D 18 -15.13 14.19 -48.90
C VAL D 18 -14.25 13.22 -49.68
N ASN D 19 -13.24 12.68 -49.01
CA ASN D 19 -12.24 11.85 -49.67
C ASN D 19 -11.77 12.49 -50.97
N ASN D 20 -11.45 13.77 -50.89
CA ASN D 20 -10.92 14.55 -52.01
C ASN D 20 -11.92 14.82 -53.13
N HIS D 21 -13.19 14.55 -52.89
CA HIS D 21 -14.23 14.94 -53.84
C HIS D 21 -14.87 16.24 -53.39
N GLU D 22 -14.70 17.26 -54.22
CA GLU D 22 -15.26 18.56 -53.92
C GLU D 22 -16.69 18.66 -54.41
N PHE D 23 -17.49 19.41 -53.66
CA PHE D 23 -18.88 19.64 -54.02
C PHE D 23 -19.38 20.89 -53.35
N GLU D 24 -20.50 21.40 -53.86
CA GLU D 24 -21.18 22.52 -53.26
C GLU D 24 -22.67 22.30 -53.35
N TYR D 25 -23.38 22.66 -52.30
CA TYR D 25 -24.84 22.65 -52.30
C TYR D 25 -25.36 24.02 -51.95
N ASP D 26 -26.47 24.38 -52.57
CA ASP D 26 -27.29 25.48 -52.09
C ASP D 26 -28.58 24.89 -51.58
N GLY D 27 -29.12 25.49 -50.54
CA GLY D 27 -30.37 25.01 -49.97
C GLY D 27 -31.29 26.15 -49.63
N ILE D 28 -32.58 25.88 -49.73
CA ILE D 28 -33.61 26.85 -49.43
C ILE D 28 -34.71 26.12 -48.70
N GLY D 29 -35.28 26.74 -47.69
CA GLY D 29 -36.45 26.19 -47.05
C GLY D 29 -36.89 27.02 -45.87
N GLY D 30 -37.37 26.34 -44.84
CA GLY D 30 -37.84 27.01 -43.65
C GLY D 30 -38.86 26.17 -42.93
N GLY D 31 -39.44 26.75 -41.89
CA GLY D 31 -40.42 26.06 -41.10
C GLY D 31 -40.71 26.84 -39.84
N ASP D 32 -41.18 26.12 -38.84
CA ASP D 32 -41.55 26.71 -37.56
C ASP D 32 -40.46 26.43 -36.55
N PRO D 33 -39.67 27.46 -36.18
CA PRO D 33 -38.58 27.22 -35.24
C PRO D 33 -39.08 26.85 -33.85
N ASN D 34 -40.26 27.36 -33.48
CA ASN D 34 -40.82 27.11 -32.16
C ASN D 34 -41.36 25.70 -31.98
N SER D 35 -41.85 25.09 -33.06
CA SER D 35 -42.30 23.71 -33.03
C SER D 35 -41.18 22.74 -33.42
N GLY D 36 -40.03 23.30 -33.80
CA GLY D 36 -38.85 22.52 -34.14
C GLY D 36 -39.03 21.61 -35.34
N GLN D 37 -39.72 22.12 -36.35
CA GLN D 37 -39.93 21.39 -37.60
C GLN D 37 -39.59 22.30 -38.76
N PHE D 38 -38.71 21.83 -39.62
CA PHE D 38 -38.44 22.53 -40.87
C PHE D 38 -37.97 21.61 -41.96
N SER D 39 -38.06 22.09 -43.18
CA SER D 39 -37.63 21.34 -44.34
C SER D 39 -36.80 22.23 -45.23
N LEU D 40 -35.98 21.58 -46.04
CA LEU D 40 -35.03 22.26 -46.92
CA LEU D 40 -35.12 22.30 -46.95
C LEU D 40 -34.92 21.50 -48.23
N LYS D 41 -34.79 22.23 -49.32
CA LYS D 41 -34.51 21.62 -50.61
C LYS D 41 -33.09 22.05 -50.96
N THR D 42 -32.23 21.06 -51.17
CA THR D 42 -30.86 21.34 -51.55
C THR D 42 -30.64 21.00 -53.00
N LYS D 43 -29.74 21.74 -53.63
CA LYS D 43 -29.40 21.52 -55.02
C LYS D 43 -27.90 21.50 -55.17
N LEU D 44 -27.41 20.41 -55.74
CA LEU D 44 -25.98 20.22 -55.98
C LEU D 44 -25.54 21.12 -57.12
N ARG D 45 -24.47 21.87 -56.92
CA ARG D 45 -23.94 22.71 -57.98
C ARG D 45 -23.16 21.83 -58.95
N GLY D 46 -23.15 22.21 -60.23
CA GLY D 46 -22.48 21.41 -61.25
C GLY D 46 -23.41 20.36 -61.81
N GLY D 47 -22.95 19.64 -62.82
CA GLY D 47 -23.79 18.67 -63.51
C GLY D 47 -23.67 17.25 -63.01
N LYS D 48 -22.62 16.99 -62.23
CA LYS D 48 -22.28 15.62 -61.83
C LYS D 48 -22.97 15.19 -60.54
N PRO D 49 -23.19 13.87 -60.37
CA PRO D 49 -23.79 13.37 -59.15
C PRO D 49 -22.82 13.46 -57.97
N LEU D 50 -23.36 13.41 -56.77
CA LEU D 50 -22.54 13.37 -55.57
C LEU D 50 -21.86 12.00 -55.51
N PRO D 51 -20.52 11.99 -55.39
CA PRO D 51 -19.76 10.74 -55.42
C PRO D 51 -19.65 10.00 -54.08
N PHE D 52 -20.58 10.27 -53.17
CA PHE D 52 -20.59 9.62 -51.87
C PHE D 52 -21.98 9.81 -51.29
N SER D 53 -22.23 9.16 -50.15
CA SER D 53 -23.54 9.25 -49.53
C SER D 53 -23.85 10.61 -48.95
N TYR D 54 -24.89 11.23 -49.49
CA TYR D 54 -25.42 12.51 -49.01
C TYR D 54 -25.83 12.42 -47.54
N ASP D 55 -26.14 11.23 -47.07
CA ASP D 55 -26.63 11.07 -45.71
C ASP D 55 -25.66 11.55 -44.65
N ILE D 56 -24.37 11.59 -44.96
CA ILE D 56 -23.39 12.05 -43.99
C ILE D 56 -23.27 13.57 -43.91
N ILE D 57 -23.95 14.28 -44.81
CA ILE D 57 -23.97 15.76 -44.76
C ILE D 57 -25.34 16.37 -44.46
N THR D 58 -26.34 15.52 -44.23
CA THR D 58 -27.70 16.02 -43.97
C THR D 58 -27.72 16.99 -42.81
N MET D 59 -26.90 16.73 -41.80
CA MET D 59 -26.89 17.58 -40.62
C MET D 59 -26.12 18.89 -40.81
N GLY D 60 -25.39 19.01 -41.91
CA GLY D 60 -24.80 20.29 -42.28
C GLY D 60 -25.89 21.27 -42.69
N PHE D 61 -26.89 20.75 -43.38
CA PHE D 61 -28.01 21.56 -43.83
C PHE D 61 -28.96 21.80 -42.68
N PHE D 63 -29.72 23.70 -38.22
CA PHE D 63 -30.15 25.01 -37.66
C PHE D 63 -30.89 24.69 -36.39
N ARG D 64 -30.15 24.63 -35.29
CA ARG D 64 -30.73 24.29 -33.99
C ARG D 64 -31.69 25.37 -33.49
N ALA D 65 -31.80 26.46 -34.24
CA ALA D 65 -32.86 27.44 -34.01
C ALA D 65 -34.22 26.75 -34.13
N PHE D 66 -34.28 25.73 -34.97
CA PHE D 66 -35.47 24.91 -35.16
C PHE D 66 -35.48 23.72 -34.20
N THR D 67 -35.78 24.02 -32.95
CA THR D 67 -35.90 22.99 -31.92
C THR D 67 -37.04 23.44 -31.02
N LYS D 68 -37.97 22.52 -30.76
CA LYS D 68 -39.05 22.78 -29.82
C LYS D 68 -38.45 22.74 -28.43
N TYR D 69 -38.40 23.90 -27.77
CA TYR D 69 -37.92 23.98 -26.41
C TYR D 69 -39.05 24.21 -25.43
N PRO D 70 -39.21 23.29 -24.45
CA PRO D 70 -40.21 23.52 -23.42
C PRO D 70 -39.74 24.59 -22.43
N GLU D 71 -40.66 25.12 -21.64
CA GLU D 71 -40.37 26.24 -20.74
C GLU D 71 -39.26 25.96 -19.73
N GLY D 72 -39.11 24.70 -19.33
CA GLY D 72 -38.12 24.31 -18.32
C GLY D 72 -36.67 24.32 -18.78
N ILE D 73 -36.43 24.40 -20.09
CA ILE D 73 -35.08 24.36 -20.64
C ILE D 73 -34.75 25.62 -21.43
N ALA D 74 -33.63 26.26 -21.07
CA ALA D 74 -33.15 27.43 -21.78
C ALA D 74 -32.84 27.08 -23.24
N ASP D 75 -33.37 27.90 -24.14
CA ASP D 75 -33.19 27.74 -25.57
C ASP D 75 -32.02 28.62 -25.99
N TYR D 76 -30.84 28.01 -26.05
CA TYR D 76 -29.60 28.70 -26.35
C TYR D 76 -29.62 29.29 -27.76
N PHE D 77 -30.26 28.54 -28.66
CA PHE D 77 -30.22 28.85 -30.08
C PHE D 77 -31.12 30.02 -30.43
N LYS D 78 -32.36 29.99 -29.97
CA LYS D 78 -33.26 31.11 -30.20
C LYS D 78 -32.81 32.31 -29.38
N GLY D 79 -32.21 32.02 -28.23
CA GLY D 79 -31.66 33.05 -27.35
C GLY D 79 -30.52 33.84 -27.97
N SER D 80 -29.87 33.27 -28.98
CA SER D 80 -28.70 33.90 -29.60
C SER D 80 -29.06 34.99 -30.60
N PHE D 81 -30.34 35.05 -30.95
CA PHE D 81 -30.83 35.91 -32.01
C PHE D 81 -31.02 37.38 -31.69
N PRO D 82 -30.24 38.24 -32.36
CA PRO D 82 -30.29 38.41 -33.80
C PRO D 82 -28.91 37.93 -34.31
N GLU D 83 -27.95 37.84 -33.38
CA GLU D 83 -26.56 37.48 -33.69
C GLU D 83 -26.42 36.06 -34.19
N ALA D 84 -27.31 35.20 -33.70
CA ALA D 84 -27.32 33.77 -34.03
C ALA D 84 -26.10 33.04 -33.47
N PHE D 85 -25.76 31.90 -34.06
CA PHE D 85 -24.75 31.03 -33.48
C PHE D 85 -23.77 30.60 -34.57
N GLN D 86 -22.61 30.06 -34.21
CA GLN D 86 -22.03 28.93 -34.91
C GLN D 86 -21.99 27.55 -34.32
N TRP D 87 -21.66 26.59 -35.17
CA TRP D 87 -21.38 25.26 -34.70
C TRP D 87 -20.25 24.61 -35.46
N ASN D 88 -19.55 23.71 -34.78
CA ASN D 88 -18.53 22.91 -35.42
C ASN D 88 -18.69 21.49 -34.90
N ARG D 89 -18.42 20.52 -35.75
CA ARG D 89 -19.00 19.22 -35.56
C ARG D 89 -18.14 18.18 -36.21
N ARG D 90 -18.10 17.01 -35.58
CA ARG D 90 -17.48 15.87 -36.21
C ARG D 90 -18.42 14.69 -36.07
N ILE D 91 -18.45 13.85 -37.09
CA ILE D 91 -19.06 12.54 -36.97
C ILE D 91 -17.96 11.54 -37.21
N GLU D 92 -17.69 10.73 -36.20
CA GLU D 92 -16.68 9.69 -36.26
C GLU D 92 -17.37 8.38 -36.55
N PHE D 93 -17.10 7.82 -37.71
CA PHE D 93 -17.80 6.62 -38.12
C PHE D 93 -17.06 5.36 -37.70
N GLU D 94 -17.83 4.28 -37.63
CA GLU D 94 -17.34 2.99 -37.14
C GLU D 94 -16.12 2.46 -37.88
N ASP D 95 -15.96 2.88 -39.14
CA ASP D 95 -14.89 2.38 -40.00
C ASP D 95 -13.74 3.39 -40.18
N GLY D 96 -13.72 4.41 -39.33
CA GLY D 96 -12.60 5.34 -39.30
C GLY D 96 -12.82 6.60 -40.11
N GLY D 97 -13.84 6.60 -40.95
CA GLY D 97 -14.21 7.81 -41.67
C GLY D 97 -14.61 8.88 -40.67
N VAL D 98 -14.25 10.12 -40.95
CA VAL D 98 -14.66 11.22 -40.08
C VAL D 98 -15.07 12.36 -40.97
N ILE D 99 -16.26 12.88 -40.74
CA ILE D 99 -16.62 14.10 -41.42
C ILE D 99 -16.70 15.20 -40.39
N ASN D 100 -15.98 16.28 -40.68
CA ASN D 100 -16.07 17.50 -39.89
C ASN D 100 -16.96 18.44 -40.65
N MET D 101 -17.77 19.20 -39.92
CA MET D 101 -18.59 20.21 -40.54
C MET D 101 -18.62 21.41 -39.63
N SER D 102 -18.70 22.58 -40.22
CA SER D 102 -18.87 23.79 -39.43
C SER D 102 -19.83 24.71 -40.13
N SER D 103 -20.59 25.47 -39.35
CA SER D 103 -21.52 26.41 -39.92
C SER D 103 -21.49 27.71 -39.16
N ASP D 104 -21.52 28.79 -39.93
CA ASP D 104 -21.73 30.11 -39.38
C ASP D 104 -23.14 30.48 -39.79
N ILE D 105 -23.99 30.68 -38.79
CA ILE D 105 -25.38 30.99 -39.04
C ILE D 105 -25.60 32.47 -38.80
N THR D 106 -26.25 33.12 -39.75
CA THR D 106 -26.54 34.54 -39.65
C THR D 106 -28.02 34.75 -39.89
N TYR D 107 -28.54 35.80 -39.28
CA TYR D 107 -29.93 36.18 -39.44
C TYR D 107 -29.95 37.59 -40.04
N LYS D 108 -30.32 37.67 -41.31
CA LYS D 108 -30.27 38.91 -42.07
C LYS D 108 -31.57 39.09 -42.81
N ASP D 109 -32.09 40.32 -42.79
CA ASP D 109 -33.42 40.65 -43.31
C ASP D 109 -34.45 39.79 -42.58
N LYS D 110 -34.95 38.76 -43.25
CA LYS D 110 -35.88 37.80 -42.62
C LYS D 110 -35.53 36.35 -43.02
N VAL D 111 -34.24 36.09 -43.17
CA VAL D 111 -33.76 34.76 -43.53
C VAL D 111 -32.60 34.30 -42.65
N LEU D 112 -32.69 33.06 -42.19
CA LEU D 112 -31.61 32.43 -41.46
C LEU D 112 -30.69 31.74 -42.45
N HIS D 113 -29.45 32.20 -42.52
CA HIS D 113 -28.48 31.63 -43.46
C HIS D 113 -27.42 30.81 -42.74
N GLY D 114 -27.12 29.65 -43.32
CA GLY D 114 -26.00 28.83 -42.87
C GLY D 114 -24.94 28.82 -43.94
N ASP D 115 -23.72 29.18 -43.55
CA ASP D 115 -22.56 29.03 -44.41
C ASP D 115 -21.77 27.86 -43.85
N VAL D 116 -21.72 26.77 -44.61
CA VAL D 116 -21.28 25.49 -44.07
C VAL D 116 -20.05 24.96 -44.81
N TRP D 117 -19.12 24.40 -44.03
CA TRP D 117 -17.99 23.66 -44.57
C TRP D 117 -18.20 22.22 -44.20
N ALA D 118 -17.83 21.33 -45.11
CA ALA D 118 -17.79 19.90 -44.81
C ALA D 118 -16.49 19.34 -45.29
N LEU D 119 -15.80 18.60 -44.44
CA LEU D 119 -14.54 18.01 -44.83
C LEU D 119 -14.53 16.60 -44.27
N GLY D 120 -14.67 15.63 -45.17
CA GLY D 120 -14.74 14.24 -44.79
C GLY D 120 -13.46 13.55 -45.22
N VAL D 121 -12.89 12.77 -44.31
CA VAL D 121 -11.60 12.15 -44.59
C VAL D 121 -11.61 10.72 -44.11
N ASN D 122 -10.71 9.93 -44.68
CA ASN D 122 -10.42 8.58 -44.26
C ASN D 122 -11.60 7.63 -44.36
N PHE D 123 -12.53 7.90 -45.27
CA PHE D 123 -13.59 6.94 -45.52
C PHE D 123 -13.05 5.80 -46.37
N PRO D 124 -13.22 4.55 -45.89
CA PRO D 124 -12.76 3.44 -46.72
C PRO D 124 -13.37 3.55 -48.11
N PRO D 125 -12.55 3.48 -49.17
CA PRO D 125 -13.08 3.60 -50.53
C PRO D 125 -14.16 2.57 -50.87
N ASN D 126 -14.13 1.43 -50.19
CA ASN D 126 -15.13 0.38 -50.38
C ASN D 126 -16.19 0.39 -49.29
N GLY D 127 -16.19 1.43 -48.46
CA GLY D 127 -17.15 1.58 -47.37
C GLY D 127 -18.49 2.08 -47.86
N PRO D 128 -19.51 2.03 -46.98
CA PRO D 128 -20.86 2.44 -47.35
C PRO D 128 -21.02 3.93 -47.70
N VAL D 129 -20.15 4.78 -47.18
CA VAL D 129 -20.21 6.20 -47.53
C VAL D 129 -19.75 6.41 -48.98
N MET D 130 -18.56 5.92 -49.30
CA MET D 130 -18.02 6.13 -50.63
C MET D 130 -18.73 5.32 -51.70
N LYS D 131 -19.33 4.20 -51.30
CA LYS D 131 -20.09 3.37 -52.22
C LYS D 131 -21.59 3.71 -52.24
N ASN D 132 -21.94 4.80 -51.57
CA ASN D 132 -23.33 5.30 -51.54
C ASN D 132 -24.32 4.22 -51.13
N GLU D 133 -24.08 3.59 -49.98
CA GLU D 133 -24.87 2.45 -49.55
C GLU D 133 -25.81 2.77 -48.39
N ILE D 134 -25.91 4.05 -48.02
CA ILE D 134 -26.81 4.44 -46.94
C ILE D 134 -28.20 4.76 -47.48
N VAL D 135 -29.22 4.16 -46.88
CA VAL D 135 -30.62 4.45 -47.19
C VAL D 135 -31.09 5.72 -46.48
N MET D 136 -30.83 5.77 -45.17
CA MET D 136 -31.37 6.83 -44.32
C MET D 136 -30.67 6.77 -42.97
N GLU D 137 -30.80 7.86 -42.22
CA GLU D 137 -30.37 7.86 -40.82
C GLU D 137 -31.58 7.72 -39.92
N GLU D 138 -31.38 7.00 -38.83
CA GLU D 138 -32.46 6.80 -37.88
C GLU D 138 -32.68 8.07 -37.06
N PRO D 139 -33.82 8.15 -36.36
CA PRO D 139 -33.96 9.22 -35.37
C PRO D 139 -32.85 9.10 -34.34
N ALA D 140 -32.59 10.19 -33.64
CA ALA D 140 -31.45 10.26 -32.76
C ALA D 140 -31.73 11.08 -31.52
N GLU D 141 -31.03 10.72 -30.45
CA GLU D 141 -31.05 11.49 -29.23
C GLU D 141 -29.68 12.14 -29.06
N GLU D 142 -29.70 13.46 -28.91
CA GLU D 142 -28.51 14.23 -28.68
C GLU D 142 -28.50 14.64 -27.22
N THR D 143 -27.36 14.42 -26.57
CA THR D 143 -27.17 14.79 -25.18
C THR D 143 -26.32 16.04 -25.15
N LEU D 144 -26.82 17.08 -24.50
CA LEU D 144 -26.17 18.39 -24.52
C LEU D 144 -25.77 18.85 -23.14
N THR D 145 -24.55 19.37 -23.06
CA THR D 145 -23.98 19.87 -21.82
C THR D 145 -23.11 21.08 -22.12
N ALA D 146 -23.12 22.05 -21.21
CA ALA D 146 -22.15 23.15 -21.25
C ALA D 146 -20.78 22.58 -20.97
N LYS D 147 -19.78 23.03 -21.73
CA LYS D 147 -18.41 22.52 -21.57
C LYS D 147 -17.43 23.62 -21.99
N ASN D 148 -16.66 24.11 -21.02
CA ASN D 148 -15.78 25.28 -21.15
C ASN D 148 -16.24 26.37 -22.13
N GLY D 149 -17.42 26.92 -21.86
CA GLY D 149 -17.91 28.11 -22.55
C GLY D 149 -18.75 27.87 -23.80
N VAL D 150 -18.86 26.60 -24.19
CA VAL D 150 -19.63 26.24 -25.38
C VAL D 150 -20.64 25.18 -24.99
N LEU D 151 -21.70 25.05 -25.78
CA LEU D 151 -22.66 23.98 -25.61
C LEU D 151 -22.21 22.80 -26.48
N VAL D 152 -22.05 21.64 -25.86
CA VAL D 152 -21.57 20.46 -26.56
C VAL D 152 -22.68 19.43 -26.64
N GLY D 153 -22.92 18.94 -27.84
CA GLY D 153 -23.89 17.88 -28.05
C GLY D 153 -23.22 16.62 -28.53
N PHE D 154 -23.65 15.50 -27.94
CA PHE D 154 -23.19 14.18 -28.35
C PHE D 154 -24.34 13.40 -28.88
N CYS D 155 -24.19 12.77 -30.03
CA CYS D 155 -25.32 12.14 -30.67
C CYS D 155 -24.89 10.92 -31.45
N PRO D 156 -25.21 9.73 -30.93
CA PRO D 156 -24.99 8.53 -31.73
C PRO D 156 -25.83 8.58 -32.98
N LYS D 157 -25.24 8.19 -34.11
CA LYS D 157 -25.92 8.23 -35.39
C LYS D 157 -25.94 6.83 -35.95
N ALA D 158 -27.13 6.38 -36.31
CA ALA D 158 -27.29 5.06 -36.91
C ALA D 158 -27.82 5.23 -38.31
N TYR D 159 -27.09 4.69 -39.28
CA TYR D 159 -27.46 4.80 -40.68
C TYR D 159 -27.87 3.43 -41.17
N LEU D 160 -29.10 3.33 -41.68
CA LEU D 160 -29.54 2.10 -42.31
C LEU D 160 -28.92 2.01 -43.69
N LEU D 161 -28.35 0.86 -44.00
CA LEU D 161 -27.73 0.62 -45.30
C LEU D 161 -28.68 -0.05 -46.26
N LYS D 162 -28.37 0.09 -47.55
CA LYS D 162 -29.15 -0.51 -48.64
C LYS D 162 -29.23 -2.03 -48.53
N ASP D 163 -28.23 -2.60 -47.85
CA ASP D 163 -28.14 -4.02 -47.59
C ASP D 163 -28.94 -4.46 -46.35
N GLY D 164 -29.58 -3.50 -45.70
CA GLY D 164 -30.46 -3.78 -44.55
C GLY D 164 -29.79 -3.69 -43.19
N SER D 165 -28.46 -3.53 -43.21
CA SER D 165 -27.67 -3.45 -41.97
C SER D 165 -27.47 -2.00 -41.52
N TYR D 166 -26.80 -1.84 -40.38
CA TYR D 166 -26.55 -0.51 -39.83
C TYR D 166 -25.09 -0.11 -39.85
N TYR D 167 -24.88 1.18 -40.01
CA TYR D 167 -23.57 1.81 -40.03
C TYR D 167 -23.61 2.93 -39.00
N TYR D 168 -22.63 2.95 -38.10
CA TYR D 168 -22.67 3.87 -36.97
C TYR D 168 -21.68 5.00 -37.03
N GLY D 169 -22.06 6.12 -36.43
CA GLY D 169 -21.13 7.20 -36.15
C GLY D 169 -21.45 7.84 -34.81
N HIS D 170 -20.45 8.49 -34.23
CA HIS D 170 -20.65 9.30 -33.03
C HIS D 170 -20.49 10.74 -33.44
N MET D 171 -21.52 11.56 -33.20
CA MET D 171 -21.41 12.96 -33.52
C MET D 171 -21.12 13.79 -32.29
N THR D 172 -20.18 14.72 -32.42
CA THR D 172 -19.94 15.71 -31.38
C THR D 172 -20.07 17.07 -32.02
N THR D 173 -20.85 17.94 -31.39
CA THR D 173 -21.03 19.28 -31.90
C THR D 173 -20.73 20.28 -30.82
N PHE D 174 -20.00 21.32 -31.18
CA PHE D 174 -19.86 22.50 -30.34
C PHE D 174 -20.80 23.53 -30.92
N TYR D 175 -21.68 24.08 -30.09
CA TYR D 175 -22.52 25.20 -30.48
C TYR D 175 -22.09 26.43 -29.70
N ARG D 176 -21.89 27.53 -30.39
CA ARG D 176 -21.42 28.73 -29.72
C ARG D 176 -22.23 29.92 -30.20
N SER D 177 -22.91 30.57 -29.27
CA SER D 177 -23.66 31.77 -29.57
C SER D 177 -22.71 32.92 -29.90
N LYS D 178 -23.12 33.74 -30.85
CA LYS D 178 -22.37 34.95 -31.19
C LYS D 178 -22.90 36.17 -30.44
N LYS D 179 -23.92 35.96 -29.63
CA LYS D 179 -24.38 36.99 -28.71
C LYS D 179 -23.51 36.94 -27.47
N SER D 180 -22.60 37.90 -27.35
CA SER D 180 -21.65 37.96 -26.25
C SER D 180 -22.35 37.91 -24.90
N GLY D 181 -21.86 37.05 -24.02
CA GLY D 181 -22.37 36.96 -22.66
C GLY D 181 -23.63 36.13 -22.48
N GLN D 182 -24.15 35.54 -23.55
CA GLN D 182 -25.33 34.70 -23.42
C GLN D 182 -24.97 33.46 -22.60
N PRO D 183 -25.75 33.20 -21.54
CA PRO D 183 -25.48 32.02 -20.70
C PRO D 183 -25.74 30.72 -21.45
N LEU D 184 -25.02 29.66 -21.03
CA LEU D 184 -25.27 28.29 -21.50
C LEU D 184 -26.66 27.94 -20.96
N PRO D 185 -27.42 27.05 -21.63
CA PRO D 185 -28.25 26.02 -21.01
C PRO D 185 -27.73 24.98 -20.07
N GLY D 186 -28.68 24.48 -19.28
CA GLY D 186 -28.46 23.35 -18.42
C GLY D 186 -28.46 22.08 -19.26
N PHE D 187 -28.02 21.01 -18.62
CA PHE D 187 -27.99 19.70 -19.24
C PHE D 187 -29.37 19.33 -19.80
N HIS D 188 -29.41 18.90 -21.05
CA HIS D 188 -30.65 18.41 -21.64
C HIS D 188 -30.38 17.55 -22.86
N PHE D 189 -31.47 17.12 -23.50
CA PHE D 189 -31.41 16.27 -24.67
C PHE D 189 -32.18 16.92 -25.78
N ILE D 190 -31.85 16.57 -27.01
CA ILE D 190 -32.68 16.90 -28.15
C ILE D 190 -32.95 15.62 -28.91
N LYS D 191 -34.24 15.31 -29.09
CA LYS D 191 -34.65 14.20 -29.95
C LYS D 191 -34.73 14.74 -31.36
N HIS D 192 -34.23 13.95 -32.32
CA HIS D 192 -34.21 14.35 -33.72
C HIS D 192 -34.82 13.28 -34.58
N ARG D 193 -35.47 13.71 -35.64
CA ARG D 193 -35.80 12.86 -36.75
C ARG D 193 -35.55 13.65 -38.02
N LEU D 194 -34.57 13.19 -38.78
CA LEU D 194 -34.27 13.79 -40.08
C LEU D 194 -34.59 12.79 -41.16
N VAL D 195 -35.40 13.22 -42.12
CA VAL D 195 -35.84 12.36 -43.20
C VAL D 195 -35.58 13.07 -44.53
N LYS D 196 -35.02 12.33 -45.48
CA LYS D 196 -34.93 12.81 -46.85
C LYS D 196 -36.24 12.44 -47.50
N THR D 197 -37.11 13.43 -47.67
CA THR D 197 -38.47 13.19 -48.15
C THR D 197 -38.52 13.06 -49.67
N LYS D 198 -37.54 13.62 -50.35
CA LYS D 198 -37.39 13.51 -51.80
C LYS D 198 -35.92 13.47 -52.17
N VAL D 199 -35.55 12.47 -52.97
CA VAL D 199 -34.17 12.34 -53.44
C VAL D 199 -34.14 12.15 -54.94
N GLU D 200 -33.55 13.12 -55.65
CA GLU D 200 -33.25 12.96 -57.07
C GLU D 200 -32.01 12.08 -57.19
N PRO D 201 -31.93 11.24 -58.26
CA PRO D 201 -30.74 10.42 -58.46
C PRO D 201 -29.47 11.26 -58.40
N GLY D 202 -28.41 10.69 -57.83
CA GLY D 202 -27.13 11.36 -57.68
C GLY D 202 -27.09 12.43 -56.58
N PHE D 203 -28.17 12.52 -55.81
CA PHE D 203 -28.35 13.58 -54.81
C PHE D 203 -28.19 14.96 -55.42
N LYS D 204 -28.58 15.07 -56.69
CA LYS D 204 -28.52 16.33 -57.39
C LYS D 204 -29.49 17.33 -56.78
N MET D 205 -30.61 16.82 -56.28
CA MET D 205 -31.53 17.63 -55.50
C MET D 205 -32.06 16.76 -54.38
N VAL D 206 -32.16 17.33 -53.18
CA VAL D 206 -32.70 16.59 -52.05
C VAL D 206 -33.65 17.49 -51.28
N GLU D 207 -34.76 16.89 -50.85
CA GLU D 207 -35.64 17.54 -49.89
C GLU D 207 -35.52 16.79 -48.60
N GLN D 208 -35.23 17.51 -47.53
CA GLN D 208 -35.09 16.88 -46.22
C GLN D 208 -35.84 17.67 -45.18
N ALA D 209 -36.31 16.95 -44.17
CA ALA D 209 -37.05 17.55 -43.08
C ALA D 209 -36.38 17.11 -41.80
N GLU D 210 -36.33 18.02 -40.84
CA GLU D 210 -35.86 17.67 -39.51
C GLU D 210 -36.89 18.11 -38.50
N TYR D 211 -37.21 17.21 -37.59
CA TYR D 211 -38.00 17.54 -36.42
C TYR D 211 -37.11 17.36 -35.22
N ALA D 212 -37.11 18.34 -34.33
CA ALA D 212 -36.25 18.30 -33.15
C ALA D 212 -36.95 18.91 -31.96
N THR D 213 -36.87 18.21 -30.83
CA THR D 213 -37.49 18.65 -29.60
C THR D 213 -36.51 18.45 -28.46
N ALA D 214 -36.32 19.51 -27.69
CA ALA D 214 -35.50 19.43 -26.50
C ALA D 214 -36.32 18.83 -25.38
N HIS D 215 -35.68 18.02 -24.56
CA HIS D 215 -36.36 17.43 -23.42
C HIS D 215 -35.39 17.16 -22.31
N VAL D 216 -35.91 16.98 -21.10
CA VAL D 216 -35.10 16.48 -20.00
C VAL D 216 -35.54 15.06 -19.74
N CYS D 217 -34.94 14.43 -18.74
CA CYS D 217 -35.27 13.07 -18.42
C CYS D 217 -36.60 13.00 -17.67
N ASP D 218 -37.52 12.22 -18.20
CA ASP D 218 -38.85 12.05 -17.59
C ASP D 218 -38.94 10.84 -16.66
N LEU D 219 -37.84 10.11 -16.52
CA LEU D 219 -37.79 9.01 -15.56
C LEU D 219 -37.87 9.54 -14.14
N PRO D 220 -38.51 8.78 -13.23
CA PRO D 220 -38.57 9.22 -11.84
C PRO D 220 -37.18 9.27 -11.22
N LYS D 221 -37.08 9.92 -10.06
CA LYS D 221 -35.83 10.01 -9.33
C LYS D 221 -35.75 8.94 -8.24
N PRO D 222 -34.52 8.58 -7.82
CA PRO D 222 -34.16 7.43 -6.98
C PRO D 222 -35.21 7.03 -5.95
N ASP E 5 36.55 -13.14 0.32
CA ASP E 5 37.81 -12.40 0.05
C ASP E 5 38.14 -11.45 1.21
N ASN E 6 39.41 -11.08 1.33
CA ASN E 6 39.86 -10.12 2.34
C ASN E 6 39.29 -8.72 2.15
N ASN E 7 38.58 -8.53 1.04
CA ASN E 7 37.96 -7.26 0.69
C ASN E 7 36.49 -7.52 0.39
N LEU E 8 35.59 -6.94 1.18
CA LEU E 8 34.16 -7.10 0.95
C LEU E 8 33.40 -5.79 1.04
N SER E 9 32.76 -5.41 -0.06
CA SER E 9 31.95 -4.21 -0.15
C SER E 9 30.61 -4.43 0.53
N VAL E 10 30.10 -3.38 1.16
CA VAL E 10 28.84 -3.44 1.88
C VAL E 10 27.96 -2.28 1.46
N SER E 11 26.66 -2.58 1.30
CA SER E 11 25.66 -1.56 1.16
C SER E 11 24.57 -1.84 2.18
N VAL E 12 23.93 -0.78 2.66
CA VAL E 12 22.88 -0.95 3.64
C VAL E 12 21.79 0.08 3.36
N TYR E 13 20.56 -0.37 3.51
CA TYR E 13 19.42 0.51 3.56
C TYR E 13 18.70 0.24 4.86
N MET E 14 18.38 1.29 5.60
CA MET E 14 17.57 1.15 6.78
C MET E 14 16.38 2.07 6.69
N LYS E 15 15.19 1.52 6.92
CA LYS E 15 14.04 2.36 7.19
C LYS E 15 13.69 2.16 8.63
N GLY E 16 13.31 3.24 9.29
CA GLY E 16 13.12 3.19 10.71
C GLY E 16 12.01 4.09 11.17
N ASN E 17 11.55 3.79 12.38
CA ASN E 17 10.53 4.58 13.03
C ASN E 17 10.82 4.46 14.51
N VAL E 18 11.21 5.56 15.14
CA VAL E 18 11.53 5.57 16.55
C VAL E 18 10.64 6.60 17.20
N ASN E 19 9.81 6.16 18.15
CA ASN E 19 8.82 7.03 18.78
C ASN E 19 8.09 7.86 17.74
N ASN E 20 7.67 7.16 16.68
CA ASN E 20 6.86 7.74 15.62
C ASN E 20 7.60 8.71 14.71
N HIS E 21 8.92 8.76 14.84
CA HIS E 21 9.75 9.52 13.92
C HIS E 21 10.29 8.60 12.84
N GLU E 22 9.86 8.86 11.61
CA GLU E 22 10.29 8.06 10.49
C GLU E 22 11.59 8.59 9.92
N PHE E 23 12.41 7.67 9.45
CA PHE E 23 13.69 8.04 8.86
C PHE E 23 14.20 6.91 7.97
N GLU E 24 15.14 7.25 7.11
CA GLU E 24 15.79 6.29 6.23
C GLU E 24 17.25 6.64 6.13
N TYR E 25 18.08 5.60 6.17
CA TYR E 25 19.51 5.75 5.93
C TYR E 25 19.94 4.86 4.79
N ASP E 26 20.88 5.38 4.01
CA ASP E 26 21.62 4.55 3.07
C ASP E 26 23.04 4.50 3.56
N GLY E 27 23.69 3.36 3.37
CA GLY E 27 25.04 3.20 3.85
C GLY E 27 25.89 2.49 2.84
N ILE E 28 27.17 2.84 2.81
CA ILE E 28 28.14 2.23 1.92
C ILE E 28 29.43 2.04 2.67
N GLY E 29 30.10 0.91 2.46
CA GLY E 29 31.41 0.73 3.01
C GLY E 29 31.94 -0.65 2.72
N GLY E 30 32.66 -1.19 3.69
CA GLY E 30 33.28 -2.49 3.52
C GLY E 30 34.48 -2.64 4.42
N GLY E 31 35.18 -3.76 4.26
CA GLY E 31 36.34 -4.02 5.08
C GLY E 31 36.77 -5.45 4.88
N ASP E 32 37.48 -5.97 5.88
CA ASP E 32 38.02 -7.31 5.82
C ASP E 32 37.18 -8.20 6.72
N PRO E 33 36.32 -9.04 6.11
CA PRO E 33 35.44 -9.90 6.92
C PRO E 33 36.22 -10.94 7.70
N ASN E 34 37.38 -11.35 7.17
CA ASN E 34 38.22 -12.31 7.86
C ASN E 34 38.96 -11.72 9.05
N SER E 35 39.22 -10.41 9.01
CA SER E 35 39.87 -9.71 10.11
C SER E 35 38.84 -9.19 11.11
N GLY E 36 37.57 -9.24 10.72
CA GLY E 36 36.47 -8.72 11.55
C GLY E 36 36.55 -7.22 11.74
N GLN E 37 36.93 -6.50 10.71
CA GLN E 37 36.98 -5.05 10.76
C GLN E 37 36.31 -4.48 9.53
N PHE E 38 35.35 -3.60 9.73
CA PHE E 38 34.80 -2.86 8.60
C PHE E 38 34.24 -1.53 9.01
N SER E 39 34.03 -0.68 8.02
CA SER E 39 33.51 0.64 8.26
C SER E 39 32.44 0.94 7.23
N LEU E 40 31.52 1.82 7.61
CA LEU E 40 30.43 2.23 6.74
C LEU E 40 30.25 3.72 6.88
N LYS E 41 29.83 4.36 5.80
CA LYS E 41 29.37 5.73 5.86
C LYS E 41 27.88 5.69 5.58
N THR E 42 27.12 6.29 6.49
CA THR E 42 25.68 6.32 6.35
C THR E 42 25.23 7.73 6.07
N LYS E 43 24.15 7.85 5.33
CA LYS E 43 23.62 9.13 4.91
C LYS E 43 22.13 9.13 5.13
N LEU E 44 21.67 10.09 5.92
CA LEU E 44 20.27 10.23 6.25
C LEU E 44 19.53 10.80 5.05
N ARG E 45 18.43 10.17 4.68
CA ARG E 45 17.57 10.70 3.62
C ARG E 45 16.78 11.89 4.12
N GLY E 46 16.45 12.81 3.22
CA GLY E 46 15.71 14.00 3.59
C GLY E 46 16.63 15.09 4.08
N GLY E 47 16.07 16.26 4.35
CA GLY E 47 16.88 17.41 4.74
C GLY E 47 17.00 17.61 6.23
N LYS E 48 16.21 16.89 7.01
CA LYS E 48 16.12 17.14 8.43
C LYS E 48 17.09 16.29 9.25
N PRO E 49 17.45 16.76 10.46
CA PRO E 49 18.31 15.99 11.35
C PRO E 49 17.57 14.80 11.92
N LEU E 50 18.32 13.80 12.35
CA LEU E 50 17.74 12.68 13.07
C LEU E 50 17.23 13.16 14.44
N PRO E 51 15.95 12.94 14.73
CA PRO E 51 15.34 13.44 15.97
C PRO E 51 15.52 12.54 17.21
N PHE E 52 16.52 11.67 17.18
CA PHE E 52 16.85 10.82 18.31
C PHE E 52 18.31 10.39 18.18
N SER E 53 18.84 9.75 19.20
CA SER E 53 20.22 9.30 19.17
C SER E 53 20.48 8.20 18.15
N TYR E 54 21.32 8.51 17.17
CA TYR E 54 21.76 7.54 16.18
C TYR E 54 22.45 6.35 16.82
N ASP E 55 22.95 6.52 18.04
CA ASP E 55 23.67 5.45 18.69
C ASP E 55 22.86 4.17 18.90
N ILE E 56 21.54 4.28 18.92
CA ILE E 56 20.71 3.09 19.11
C ILE E 56 20.45 2.30 17.83
N ILE E 57 20.88 2.84 16.69
CA ILE E 57 20.74 2.13 15.41
C ILE E 57 22.06 1.73 14.78
N THR E 58 23.18 2.00 15.45
CA THR E 58 24.49 1.71 14.89
C THR E 58 24.62 0.24 14.55
N MET E 59 23.99 -0.62 15.34
CA MET E 59 24.09 -2.06 15.11
C MET E 59 23.16 -2.57 14.00
N GLY E 60 22.25 -1.72 13.55
CA GLY E 60 21.48 -2.03 12.36
C GLY E 60 22.39 -1.97 11.14
N PHE E 61 23.29 -1.00 11.14
CA PHE E 61 24.23 -0.86 10.03
C PHE E 61 25.36 -1.84 10.16
N PHE E 63 26.57 -6.67 10.29
CA PHE E 63 26.94 -7.69 9.31
C PHE E 63 27.94 -8.60 9.98
N ARG E 64 27.43 -9.64 10.62
CA ARG E 64 28.27 -10.56 11.37
C ARG E 64 29.20 -11.37 10.49
N ALA E 65 29.05 -11.23 9.16
CA ALA E 65 30.05 -11.74 8.23
C ALA E 65 31.41 -11.15 8.57
N PHE E 66 31.42 -9.93 9.11
CA PHE E 66 32.65 -9.27 9.51
C PHE E 66 32.97 -9.59 10.97
N THR E 67 33.45 -10.79 11.17
CA THR E 67 33.88 -11.24 12.48
C THR E 67 35.10 -12.10 12.28
N LYS E 68 36.16 -11.81 13.01
CA LYS E 68 37.33 -12.68 13.02
C LYS E 68 36.96 -13.92 13.79
N TYR E 69 36.92 -15.05 13.09
CA TYR E 69 36.67 -16.34 13.70
C TYR E 69 37.93 -17.17 13.75
N PRO E 70 38.32 -17.61 14.96
CA PRO E 70 39.45 -18.53 15.05
C PRO E 70 39.05 -19.91 14.56
N GLU E 71 40.03 -20.75 14.24
CA GLU E 71 39.74 -22.07 13.68
C GLU E 71 38.98 -23.00 14.64
N GLY E 72 39.05 -22.69 15.93
CA GLY E 72 38.35 -23.47 16.95
C GLY E 72 36.83 -23.31 16.96
N ILE E 73 36.33 -22.24 16.33
CA ILE E 73 34.89 -21.95 16.35
C ILE E 73 34.34 -21.85 14.93
N ALA E 74 33.28 -22.61 14.65
CA ALA E 74 32.62 -22.55 13.36
C ALA E 74 32.00 -21.18 13.13
N ASP E 75 32.19 -20.67 11.92
CA ASP E 75 31.75 -19.34 11.53
C ASP E 75 30.43 -19.49 10.78
N TYR E 76 29.35 -19.30 11.53
CA TYR E 76 28.00 -19.47 11.02
C TYR E 76 27.72 -18.48 9.91
N PHE E 77 28.27 -17.28 10.06
CA PHE E 77 27.95 -16.17 9.18
C PHE E 77 28.62 -16.31 7.82
N LYS E 78 29.92 -16.62 7.82
CA LYS E 78 30.60 -16.87 6.56
C LYS E 78 30.13 -18.19 5.96
N GLY E 79 29.80 -19.14 6.83
CA GLY E 79 29.27 -20.43 6.40
C GLY E 79 27.92 -20.34 5.70
N SER E 80 27.21 -19.23 5.89
CA SER E 80 25.88 -19.07 5.30
C SER E 80 25.92 -18.68 3.83
N PHE E 81 27.10 -18.28 3.37
CA PHE E 81 27.26 -17.75 2.03
C PHE E 81 27.30 -18.77 0.89
N PRO E 82 26.37 -18.64 -0.06
CA PRO E 82 26.18 -17.43 -0.84
C PRO E 82 24.78 -16.87 -0.44
N GLU E 83 24.00 -17.71 0.27
CA GLU E 83 22.63 -17.37 0.67
C GLU E 83 22.60 -16.27 1.72
N ALA E 84 23.65 -16.21 2.53
CA ALA E 84 23.79 -15.24 3.62
C ALA E 84 22.79 -15.53 4.74
N PHE E 85 22.51 -14.51 5.53
CA PHE E 85 21.71 -14.72 6.73
C PHE E 85 20.65 -13.63 6.80
N GLN E 86 19.63 -13.81 7.64
CA GLN E 86 19.10 -12.73 8.44
C GLN E 86 19.29 -12.65 9.93
N TRP E 87 18.93 -11.49 10.46
CA TRP E 87 18.89 -11.34 11.90
C TRP E 87 17.71 -10.50 12.33
N ASN E 88 17.26 -10.75 13.54
CA ASN E 88 16.24 -9.93 14.15
C ASN E 88 16.65 -9.72 15.59
N ARG E 89 16.33 -8.55 16.12
CA ARG E 89 17.06 -8.06 17.27
C ARG E 89 16.22 -7.09 18.05
N ARG E 90 16.40 -7.11 19.36
CA ARG E 90 15.84 -6.09 20.20
C ARG E 90 16.92 -5.61 21.13
N ILE E 91 16.88 -4.32 21.43
CA ILE E 91 17.64 -3.79 22.53
C ILE E 91 16.61 -3.24 23.50
N GLU E 92 16.63 -3.80 24.70
CA GLU E 92 15.74 -3.36 25.76
C GLU E 92 16.52 -2.44 26.68
N PHE E 93 16.12 -1.18 26.70
CA PHE E 93 16.87 -0.19 27.45
C PHE E 93 16.36 -0.04 28.86
N GLU E 94 17.24 0.49 29.71
CA GLU E 94 17.01 0.60 31.14
C GLU E 94 15.74 1.36 31.51
N ASP E 95 15.31 2.26 30.63
CA ASP E 95 14.16 3.13 30.90
C ASP E 95 12.91 2.70 30.15
N GLY E 96 12.92 1.47 29.62
CA GLY E 96 11.75 0.90 29.01
C GLY E 96 11.64 1.08 27.52
N GLY E 97 12.49 1.94 26.95
CA GLY E 97 12.56 2.06 25.51
C GLY E 97 13.02 0.74 24.93
N VAL E 98 12.47 0.35 23.79
CA VAL E 98 12.93 -0.86 23.12
C VAL E 98 13.05 -0.54 21.66
N ILE E 99 14.19 -0.88 21.07
CA ILE E 99 14.28 -0.82 19.63
C ILE E 99 14.42 -2.23 19.10
N ASN E 100 13.53 -2.55 18.16
CA ASN E 100 13.64 -3.78 17.40
C ASN E 100 14.29 -3.44 16.08
N MET E 101 15.13 -4.34 15.60
CA MET E 101 15.70 -4.18 14.27
C MET E 101 15.77 -5.52 13.63
N SER E 102 15.62 -5.54 12.31
CA SER E 102 15.78 -6.77 11.58
C SER E 102 16.50 -6.46 10.29
N SER E 103 17.32 -7.40 9.84
CA SER E 103 18.01 -7.23 8.59
C SER E 103 17.95 -8.49 7.78
N ASP E 104 17.72 -8.31 6.49
CA ASP E 104 17.88 -9.35 5.52
C ASP E 104 19.15 -9.04 4.74
N ILE E 105 20.13 -9.92 4.86
CA ILE E 105 21.42 -9.73 4.24
C ILE E 105 21.52 -10.59 2.99
N THR E 106 21.92 -9.98 1.88
CA THR E 106 22.08 -10.68 0.62
C THR E 106 23.46 -10.41 0.07
N TYR E 107 23.96 -11.35 -0.72
CA TYR E 107 25.24 -11.20 -1.37
C TYR E 107 25.03 -11.30 -2.88
N LYS E 108 25.34 -10.21 -3.60
CA LYS E 108 25.10 -10.14 -5.04
C LYS E 108 26.09 -9.21 -5.72
N ASP E 109 26.45 -9.56 -6.97
CA ASP E 109 27.42 -8.82 -7.80
C ASP E 109 28.83 -8.90 -7.24
N LYS E 110 29.02 -8.28 -6.07
CA LYS E 110 30.26 -8.34 -5.28
C LYS E 110 30.05 -7.49 -4.03
N VAL E 111 28.78 -7.32 -3.65
CA VAL E 111 28.43 -6.49 -2.51
C VAL E 111 27.47 -7.22 -1.56
N LEU E 112 27.79 -7.13 -0.28
CA LEU E 112 26.93 -7.61 0.77
C LEU E 112 25.94 -6.49 1.10
N HIS E 113 24.65 -6.77 0.92
CA HIS E 113 23.63 -5.77 1.18
C HIS E 113 22.80 -6.13 2.38
N GLY E 114 22.51 -5.13 3.19
CA GLY E 114 21.61 -5.27 4.33
C GLY E 114 20.39 -4.42 4.10
N ASP E 115 19.23 -5.06 4.16
CA ASP E 115 17.95 -4.38 4.13
C ASP E 115 17.40 -4.44 5.54
N VAL E 116 17.34 -3.28 6.18
CA VAL E 116 17.13 -3.19 7.63
C VAL E 116 15.88 -2.43 7.99
N TRP E 117 15.13 -2.96 8.96
CA TRP E 117 14.02 -2.27 9.58
C TRP E 117 14.45 -1.90 10.97
N ALA E 118 14.02 -0.74 11.43
CA ALA E 118 14.23 -0.35 12.81
C ALA E 118 12.92 0.21 13.33
N LEU E 119 12.48 -0.29 14.49
CA LEU E 119 11.25 0.21 15.07
C LEU E 119 11.50 0.36 16.55
N GLY E 120 11.57 1.60 17.00
CA GLY E 120 11.86 1.92 18.38
C GLY E 120 10.62 2.48 19.03
N VAL E 121 10.29 1.95 20.20
CA VAL E 121 9.06 2.36 20.85
C VAL E 121 9.30 2.60 22.33
N ASN E 122 8.40 3.38 22.92
CA ASN E 122 8.33 3.58 24.36
C ASN E 122 9.57 4.25 24.94
N PHE E 123 10.28 5.02 24.13
CA PHE E 123 11.39 5.80 24.66
C PHE E 123 10.85 7.00 25.40
N PRO E 124 11.25 7.16 26.68
CA PRO E 124 10.79 8.35 27.38
C PRO E 124 11.14 9.59 26.58
N PRO E 125 10.16 10.47 26.33
CA PRO E 125 10.42 11.69 25.55
C PRO E 125 11.53 12.56 26.13
N ASN E 126 11.73 12.49 27.44
CA ASN E 126 12.80 13.22 28.11
C ASN E 126 14.02 12.37 28.41
N GLY E 127 14.05 11.17 27.82
CA GLY E 127 15.16 10.24 27.99
C GLY E 127 16.33 10.56 27.09
N PRO E 128 17.49 9.94 27.36
CA PRO E 128 18.71 10.21 26.59
C PRO E 128 18.64 9.85 25.10
N VAL E 129 17.76 8.92 24.72
CA VAL E 129 17.62 8.58 23.32
C VAL E 129 16.90 9.71 22.59
N MET E 130 15.72 10.09 23.08
CA MET E 130 14.94 11.11 22.40
C MET E 130 15.57 12.49 22.54
N LYS E 131 16.32 12.71 23.61
CA LYS E 131 17.00 13.99 23.81
C LYS E 131 18.40 14.02 23.20
N ASN E 132 18.74 12.95 22.49
CA ASN E 132 20.04 12.83 21.81
C ASN E 132 21.21 13.10 22.75
N GLU E 133 21.28 12.31 23.83
CA GLU E 133 22.25 12.55 24.88
C GLU E 133 23.32 11.46 24.97
N ILE E 134 23.35 10.57 23.99
CA ILE E 134 24.36 9.54 23.95
C ILE E 134 25.58 10.04 23.18
N VAL E 135 26.75 9.85 23.78
CA VAL E 135 28.03 10.15 23.14
C VAL E 135 28.46 8.98 22.26
N MET E 136 28.45 7.79 22.84
CA MET E 136 29.02 6.61 22.19
C MET E 136 28.59 5.37 22.93
N GLU E 137 28.76 4.23 22.28
CA GLU E 137 28.57 2.95 22.94
C GLU E 137 29.91 2.35 23.26
N GLU E 138 29.98 1.66 24.38
CA GLU E 138 31.22 1.03 24.79
C GLU E 138 31.43 -0.25 24.01
N PRO E 139 32.66 -0.78 24.04
CA PRO E 139 32.87 -2.12 23.53
C PRO E 139 31.95 -3.08 24.27
N ALA E 140 31.70 -4.23 23.67
CA ALA E 140 30.73 -5.14 24.23
C ALA E 140 31.14 -6.58 23.99
N GLU E 141 30.69 -7.44 24.87
CA GLU E 141 30.82 -8.87 24.71
C GLU E 141 29.44 -9.44 24.43
N GLU E 142 29.35 -10.19 23.35
CA GLU E 142 28.14 -10.87 22.97
C GLU E 142 28.33 -12.35 23.25
N THR E 143 27.35 -12.93 23.93
CA THR E 143 27.36 -14.35 24.28
C THR E 143 26.39 -15.03 23.31
N LEU E 144 26.89 -16.01 22.59
CA LEU E 144 26.11 -16.67 21.55
C LEU E 144 25.91 -18.13 21.85
N THR E 145 24.68 -18.58 21.66
CA THR E 145 24.32 -19.97 21.83
C THR E 145 23.24 -20.36 20.83
N ALA E 146 23.25 -21.63 20.42
CA ALA E 146 22.17 -22.19 19.66
C ALA E 146 20.93 -22.24 20.56
N LYS E 147 19.77 -21.89 20.01
CA LYS E 147 18.52 -21.93 20.78
C LYS E 147 17.36 -22.08 19.80
N ASN E 148 16.64 -23.19 19.94
CA ASN E 148 15.50 -23.51 19.06
C ASN E 148 15.79 -23.38 17.57
N GLY E 149 16.98 -23.84 17.17
CA GLY E 149 17.33 -23.88 15.75
C GLY E 149 17.89 -22.60 15.15
N VAL E 150 18.04 -21.57 15.96
CA VAL E 150 18.71 -20.33 15.51
C VAL E 150 19.87 -20.00 16.43
N LEU E 151 20.76 -19.14 15.97
CA LEU E 151 21.85 -18.68 16.80
C LEU E 151 21.41 -17.41 17.52
N VAL E 152 21.48 -17.44 18.85
CA VAL E 152 21.03 -16.32 19.65
C VAL E 152 22.21 -15.67 20.35
N GLY E 153 22.30 -14.36 20.21
CA GLY E 153 23.34 -13.58 20.88
C GLY E 153 22.73 -12.67 21.90
N PHE E 154 23.36 -12.61 23.06
CA PHE E 154 22.98 -11.72 24.14
C PHE E 154 24.11 -10.76 24.40
N CYS E 155 23.82 -9.48 24.48
CA CYS E 155 24.88 -8.52 24.58
C CYS E 155 24.48 -7.30 25.37
N PRO E 156 25.01 -7.17 26.59
CA PRO E 156 24.79 -5.94 27.32
C PRO E 156 25.39 -4.75 26.57
N LYS E 157 24.64 -3.68 26.51
CA LYS E 157 25.08 -2.49 25.80
C LYS E 157 25.16 -1.33 26.76
N ALA E 158 26.33 -0.68 26.80
CA ALA E 158 26.52 0.46 27.68
C ALA E 158 26.79 1.69 26.83
N TYR E 159 25.96 2.71 27.00
CA TYR E 159 26.07 3.95 26.24
C TYR E 159 26.53 5.06 27.16
N LEU E 160 27.63 5.70 26.81
CA LEU E 160 28.10 6.87 27.54
C LEU E 160 27.24 8.06 27.14
N LEU E 161 26.77 8.80 28.13
CA LEU E 161 25.94 9.97 27.87
C LEU E 161 26.77 11.25 27.86
N LYS E 162 26.20 12.30 27.29
CA LYS E 162 26.86 13.61 27.19
C LYS E 162 27.13 14.24 28.56
N ASP E 163 26.39 13.80 29.57
CA ASP E 163 26.61 14.25 30.94
C ASP E 163 27.63 13.39 31.69
N GLY E 164 28.18 12.39 31.00
CA GLY E 164 29.22 11.54 31.57
C GLY E 164 28.74 10.26 32.25
N SER E 165 27.42 10.11 32.38
CA SER E 165 26.83 8.91 32.97
C SER E 165 26.59 7.84 31.92
N TYR E 166 26.16 6.66 32.36
CA TYR E 166 25.87 5.57 31.44
C TYR E 166 24.40 5.21 31.38
N TYR E 167 24.02 4.74 30.19
CA TYR E 167 22.68 4.32 29.86
C TYR E 167 22.82 2.93 29.29
N TYR E 168 22.04 1.97 29.80
CA TYR E 168 22.26 0.61 29.35
C TYR E 168 21.08 -0.03 28.66
N GLY E 169 21.38 -1.05 27.86
CA GLY E 169 20.37 -1.88 27.26
C GLY E 169 20.86 -3.31 27.19
N HIS E 170 19.92 -4.24 27.07
CA HIS E 170 20.23 -5.63 26.84
C HIS E 170 19.83 -5.94 25.42
N MET E 171 20.79 -6.41 24.62
CA MET E 171 20.48 -6.76 23.26
C MET E 171 20.32 -8.26 23.11
N THR E 172 19.28 -8.67 22.39
CA THR E 172 19.12 -10.06 22.01
C THR E 172 18.97 -10.12 20.52
N THR E 173 19.75 -10.99 19.89
CA THR E 173 19.69 -11.12 18.46
C THR E 173 19.49 -12.58 18.10
N PHE E 174 18.57 -12.81 17.16
CA PHE E 174 18.46 -14.09 16.50
C PHE E 174 19.19 -13.96 15.18
N TYR E 175 20.12 -14.86 14.92
CA TYR E 175 20.77 -14.95 13.63
C TYR E 175 20.33 -16.25 12.97
N ARG E 176 19.89 -16.16 11.72
CA ARG E 176 19.39 -17.32 11.04
C ARG E 176 19.91 -17.35 9.62
N SER E 177 20.69 -18.39 9.33
CA SER E 177 21.21 -18.59 8.00
C SER E 177 20.08 -18.88 7.02
N LYS E 178 20.23 -18.35 5.80
CA LYS E 178 19.30 -18.68 4.74
C LYS E 178 19.78 -19.87 3.92
N LYS E 179 20.90 -20.47 4.33
CA LYS E 179 21.33 -21.75 3.79
C LYS E 179 20.63 -22.83 4.62
N SER E 180 19.60 -23.43 4.04
CA SER E 180 18.78 -24.42 4.72
C SER E 180 19.60 -25.56 5.30
N GLY E 181 19.31 -25.88 6.56
CA GLY E 181 19.95 -27.00 7.25
C GLY E 181 21.34 -26.72 7.80
N GLN E 182 21.88 -25.53 7.56
CA GLN E 182 23.21 -25.19 8.07
C GLN E 182 23.26 -25.36 9.59
N PRO E 183 24.23 -26.15 10.07
CA PRO E 183 24.41 -26.37 11.50
C PRO E 183 24.75 -25.08 12.22
N LEU E 184 24.31 -25.01 13.46
CA LEU E 184 24.62 -23.91 14.33
C LEU E 184 25.97 -24.14 14.97
N PRO E 185 26.71 -23.06 15.25
CA PRO E 185 27.99 -23.19 15.90
C PRO E 185 27.83 -23.51 17.37
N GLY E 186 28.92 -23.88 18.02
CA GLY E 186 28.93 -24.10 19.44
C GLY E 186 28.87 -22.79 20.20
N PHE E 187 28.65 -22.90 21.50
CA PHE E 187 28.65 -21.76 22.39
C PHE E 187 29.94 -20.96 22.26
N HIS E 188 29.82 -19.66 22.07
CA HIS E 188 30.98 -18.80 22.02
C HIS E 188 30.61 -17.36 22.26
N PHE E 189 31.59 -16.47 22.15
CA PHE E 189 31.43 -15.06 22.41
C PHE E 189 31.92 -14.30 21.20
N ILE E 190 31.41 -13.10 21.03
CA ILE E 190 32.00 -12.16 20.11
C ILE E 190 32.27 -10.89 20.87
N LYS E 191 33.53 -10.43 20.83
CA LYS E 191 33.87 -9.13 21.37
C LYS E 191 33.71 -8.10 20.26
N HIS E 192 33.15 -6.95 20.62
CA HIS E 192 32.85 -5.91 19.65
C HIS E 192 33.39 -4.59 20.12
N ARG E 193 33.82 -3.77 19.15
CA ARG E 193 34.03 -2.37 19.40
C ARG E 193 33.49 -1.61 18.21
N LEU E 194 32.45 -0.84 18.45
CA LEU E 194 31.86 -0.01 17.42
C LEU E 194 32.09 1.45 17.76
N VAL E 195 32.66 2.19 16.80
CA VAL E 195 32.97 3.59 17.00
C VAL E 195 32.43 4.40 15.84
N LYS E 196 31.73 5.50 16.16
CA LYS E 196 31.37 6.49 15.16
C LYS E 196 32.58 7.39 14.99
N THR E 197 33.32 7.17 13.91
CA THR E 197 34.60 7.83 13.70
C THR E 197 34.43 9.25 13.18
N LYS E 198 33.28 9.51 12.56
CA LYS E 198 32.95 10.86 12.11
C LYS E 198 31.43 11.03 12.15
N VAL E 199 31.00 12.14 12.72
CA VAL E 199 29.58 12.44 12.85
C VAL E 199 29.34 13.87 12.39
N GLU E 200 28.48 14.01 11.39
CA GLU E 200 27.99 15.31 10.96
C GLU E 200 26.82 15.71 11.87
N PRO E 201 26.63 17.02 12.10
CA PRO E 201 25.50 17.46 12.94
C PRO E 201 24.18 16.87 12.45
N GLY E 202 23.32 16.51 13.40
CA GLY E 202 22.03 15.92 13.09
C GLY E 202 22.10 14.47 12.65
N PHE E 203 23.28 13.85 12.74
CA PHE E 203 23.53 12.51 12.22
C PHE E 203 23.14 12.39 10.74
N LYS E 204 23.28 13.51 10.03
CA LYS E 204 22.93 13.56 8.62
C LYS E 204 23.89 12.67 7.82
N MET E 205 25.13 12.57 8.30
CA MET E 205 26.08 11.58 7.82
C MET E 205 26.87 11.07 9.00
N VAL E 206 27.13 9.78 9.00
CA VAL E 206 27.94 9.16 10.03
C VAL E 206 28.90 8.17 9.38
N GLU E 207 30.13 8.15 9.88
CA GLU E 207 31.04 7.09 9.55
C GLU E 207 31.25 6.27 10.81
N GLN E 208 31.09 4.96 10.69
CA GLN E 208 31.23 4.08 11.82
C GLN E 208 32.04 2.87 11.46
N ALA E 209 32.80 2.38 12.43
CA ALA E 209 33.62 1.20 12.25
C ALA E 209 33.23 0.22 13.31
N GLU E 210 33.25 -1.05 12.96
CA GLU E 210 33.06 -2.09 13.94
C GLU E 210 34.18 -3.10 13.82
N TYR E 211 34.78 -3.42 14.95
CA TYR E 211 35.72 -4.53 15.05
C TYR E 211 35.05 -5.63 15.86
N ALA E 212 35.14 -6.86 15.39
CA ALA E 212 34.50 -7.99 16.06
C ALA E 212 35.33 -9.23 15.91
N THR E 213 35.51 -9.94 17.03
CA THR E 213 36.28 -11.17 17.05
C THR E 213 35.54 -12.18 17.90
N ALA E 214 35.36 -13.37 17.35
CA ALA E 214 34.77 -14.46 18.10
C ALA E 214 35.83 -15.08 18.97
N HIS E 215 35.43 -15.53 20.15
CA HIS E 215 36.37 -16.19 21.03
C HIS E 215 35.64 -17.12 21.96
N VAL E 216 36.38 -18.02 22.58
CA VAL E 216 35.83 -18.83 23.63
C VAL E 216 36.41 -18.33 24.94
N CYS E 217 36.13 -19.03 26.02
CA CYS E 217 36.66 -18.62 27.31
C CYS E 217 38.11 -19.06 27.46
N ASP E 218 38.99 -18.11 27.78
CA ASP E 218 40.40 -18.45 27.94
C ASP E 218 40.80 -18.69 29.39
N LEU E 219 39.84 -18.58 30.30
CA LEU E 219 40.05 -18.94 31.70
C LEU E 219 40.39 -20.42 31.82
N PRO E 220 41.27 -20.79 32.77
CA PRO E 220 41.54 -22.20 32.98
C PRO E 220 40.30 -22.92 33.53
N LYS E 221 40.37 -24.25 33.55
CA LYS E 221 39.28 -25.07 34.06
C LYS E 221 39.75 -25.86 35.28
N PRO E 222 38.86 -26.09 36.25
CA PRO E 222 39.17 -27.03 37.33
C PRO E 222 38.93 -28.48 36.90
N ASN F 7 46.36 -15.67 50.68
CA ASN F 7 45.14 -16.51 50.87
C ASN F 7 44.08 -15.78 51.67
N LEU F 8 42.82 -15.99 51.28
CA LEU F 8 41.70 -15.38 51.99
C LEU F 8 40.64 -16.43 52.23
N SER F 9 40.35 -16.66 53.51
CA SER F 9 39.33 -17.62 53.93
C SER F 9 37.95 -17.03 53.73
N VAL F 10 37.04 -17.85 53.23
CA VAL F 10 35.69 -17.41 52.95
C VAL F 10 34.68 -18.29 53.66
N SER F 11 33.66 -17.65 54.22
CA SER F 11 32.49 -18.38 54.67
C SER F 11 31.25 -17.70 54.09
N VAL F 12 30.19 -18.47 53.99
CA VAL F 12 28.97 -17.96 53.40
C VAL F 12 27.79 -18.64 54.02
N TYR F 13 26.72 -17.87 54.21
CA TYR F 13 25.46 -18.41 54.62
C TYR F 13 24.43 -17.85 53.66
N MET F 14 23.58 -18.73 53.15
CA MET F 14 22.49 -18.31 52.30
C MET F 14 21.21 -18.84 52.87
N LYS F 15 20.24 -17.94 53.05
CA LYS F 15 18.88 -18.40 53.25
C LYS F 15 18.10 -18.07 51.99
N GLY F 16 17.35 -19.03 51.51
CA GLY F 16 16.67 -18.86 50.26
C GLY F 16 15.26 -19.39 50.26
N ASN F 17 14.52 -18.94 49.26
CA ASN F 17 13.17 -19.36 49.03
C ASN F 17 12.97 -19.27 47.53
N VAL F 18 12.80 -20.43 46.90
CA VAL F 18 12.60 -20.48 45.46
C VAL F 18 11.30 -21.21 45.19
N ASN F 19 10.38 -20.52 44.51
CA ASN F 19 9.02 -21.04 44.30
C ASN F 19 8.43 -21.62 45.59
N ASN F 20 8.60 -20.85 46.67
CA ASN F 20 8.07 -21.19 48.00
C ASN F 20 8.77 -22.35 48.69
N HIS F 21 9.88 -22.77 48.12
CA HIS F 21 10.71 -23.80 48.74
C HIS F 21 11.83 -23.12 49.52
N GLU F 22 11.80 -23.26 50.84
CA GLU F 22 12.80 -22.65 51.70
C GLU F 22 14.00 -23.55 51.87
N PHE F 23 15.17 -22.95 51.92
CA PHE F 23 16.40 -23.71 52.07
C PHE F 23 17.47 -22.80 52.64
N GLU F 24 18.51 -23.40 53.20
CA GLU F 24 19.65 -22.66 53.71
C GLU F 24 20.90 -23.46 53.38
N TYR F 25 21.96 -22.72 53.03
CA TYR F 25 23.27 -23.32 52.84
C TYR F 25 24.30 -22.63 53.70
N ASP F 26 25.28 -23.41 54.15
CA ASP F 26 26.52 -22.86 54.67
C ASP F 26 27.63 -23.24 53.72
N GLY F 27 28.59 -22.34 53.54
CA GLY F 27 29.73 -22.63 52.70
C GLY F 27 31.01 -22.19 53.34
N ILE F 28 32.09 -22.87 52.97
CA ILE F 28 33.43 -22.58 53.46
C ILE F 28 34.40 -22.77 52.31
N GLY F 29 35.41 -21.92 52.24
CA GLY F 29 36.45 -22.14 51.27
C GLY F 29 37.37 -20.95 51.25
N GLY F 30 37.79 -20.58 50.05
CA GLY F 30 38.66 -19.43 49.89
C GLY F 30 39.64 -19.65 48.77
N GLY F 31 40.69 -18.83 48.77
CA GLY F 31 41.72 -18.89 47.76
C GLY F 31 42.51 -17.60 47.79
N ASP F 32 43.28 -17.36 46.75
CA ASP F 32 44.02 -16.11 46.61
C ASP F 32 43.12 -15.12 45.85
N PRO F 33 42.68 -14.05 46.53
CA PRO F 33 41.78 -13.08 45.88
C PRO F 33 42.42 -12.35 44.71
N ASN F 34 43.74 -12.22 44.74
CA ASN F 34 44.48 -11.59 43.64
C ASN F 34 44.53 -12.46 42.39
N SER F 35 44.39 -13.77 42.59
CA SER F 35 44.43 -14.75 41.51
C SER F 35 43.12 -14.80 40.74
N GLY F 36 42.05 -14.31 41.37
CA GLY F 36 40.71 -14.40 40.82
C GLY F 36 40.17 -15.82 40.81
N GLN F 37 40.77 -16.70 41.62
CA GLN F 37 40.36 -18.09 41.68
C GLN F 37 40.04 -18.48 43.10
N PHE F 38 38.84 -19.00 43.31
CA PHE F 38 38.52 -19.56 44.61
C PHE F 38 37.47 -20.64 44.52
N SER F 39 37.38 -21.42 45.59
CA SER F 39 36.46 -22.53 45.64
C SER F 39 35.80 -22.56 46.99
N LEU F 40 34.58 -23.09 46.98
CA LEU F 40 33.76 -23.18 48.18
C LEU F 40 33.13 -24.53 48.20
N LYS F 41 32.93 -25.04 49.42
CA LYS F 41 32.12 -26.22 49.64
C LYS F 41 30.90 -25.74 50.37
N THR F 42 29.73 -25.99 49.80
CA THR F 42 28.48 -25.61 50.44
C THR F 42 27.78 -26.86 50.94
N LYS F 43 27.07 -26.70 52.04
CA LYS F 43 26.33 -27.79 52.65
CA LYS F 43 26.32 -27.79 52.63
C LYS F 43 24.92 -27.32 52.96
N LEU F 44 23.94 -28.08 52.49
CA LEU F 44 22.55 -27.79 52.72
C LEU F 44 22.20 -28.02 54.17
N ARG F 45 21.56 -27.03 54.81
CA ARG F 45 21.05 -27.23 56.17
C ARG F 45 19.73 -27.97 56.06
N GLY F 46 19.30 -28.57 57.16
CA GLY F 46 18.01 -29.24 57.19
C GLY F 46 18.01 -30.66 56.65
N GLY F 47 16.82 -31.17 56.38
CA GLY F 47 16.67 -32.58 56.04
C GLY F 47 15.99 -32.87 54.72
N LYS F 48 15.90 -31.87 53.85
CA LYS F 48 15.25 -32.05 52.55
C LYS F 48 16.26 -31.85 51.43
N PRO F 49 16.22 -32.73 50.40
CA PRO F 49 17.01 -32.44 49.22
C PRO F 49 16.53 -31.13 48.61
N LEU F 50 17.41 -30.47 47.88
CA LEU F 50 17.03 -29.23 47.28
C LEU F 50 16.24 -29.38 45.99
N PRO F 51 15.04 -28.75 45.91
CA PRO F 51 13.90 -29.30 45.20
C PRO F 51 13.89 -28.51 43.85
N PHE F 52 15.03 -27.91 43.50
CA PHE F 52 15.21 -27.15 42.25
C PHE F 52 16.70 -27.10 41.91
N SER F 53 17.04 -26.57 40.74
CA SER F 53 18.42 -26.52 40.29
C SER F 53 19.30 -25.58 41.10
N TYR F 54 20.34 -26.14 41.73
CA TYR F 54 21.30 -25.37 42.50
C TYR F 54 22.04 -24.37 41.61
N ASP F 55 22.07 -24.65 40.30
CA ASP F 55 22.81 -23.80 39.39
C ASP F 55 22.35 -22.36 39.39
N ILE F 56 21.10 -22.11 39.76
CA ILE F 56 20.62 -20.72 39.80
C ILE F 56 21.05 -19.95 41.05
N ILE F 57 21.64 -20.65 42.03
CA ILE F 57 22.14 -19.96 43.22
C ILE F 57 23.66 -19.97 43.37
N THR F 58 24.38 -20.55 42.40
CA THR F 58 25.84 -20.63 42.47
C THR F 58 26.51 -19.28 42.66
N MET F 59 25.94 -18.24 42.04
CA MET F 59 26.54 -16.92 42.12
C MET F 59 26.22 -16.21 43.42
N GLY F 60 25.28 -16.75 44.19
CA GLY F 60 25.06 -16.28 45.54
C GLY F 60 26.26 -16.63 46.41
N PHE F 61 26.84 -17.79 46.14
CA PHE F 61 27.99 -18.24 46.91
C PHE F 61 29.25 -17.59 46.37
N PHE F 63 31.74 -13.43 45.56
CA PHE F 63 32.68 -12.56 46.27
C PHE F 63 33.60 -11.99 45.23
N ARG F 64 33.21 -10.84 44.70
CA ARG F 64 34.00 -10.22 43.65
C ARG F 64 35.37 -9.77 44.11
N ALA F 65 35.64 -9.87 45.42
CA ALA F 65 37.00 -9.69 45.94
C ALA F 65 37.93 -10.69 45.25
N PHE F 66 37.40 -11.84 44.86
CA PHE F 66 38.15 -12.83 44.10
C PHE F 66 38.00 -12.58 42.61
N THR F 67 38.77 -11.62 42.14
CA THR F 67 38.83 -11.29 40.73
C THR F 67 40.24 -10.85 40.48
N LYS F 68 40.84 -11.36 39.41
CA LYS F 68 42.14 -10.90 39.01
C LYS F 68 41.95 -9.56 38.33
N TYR F 69 42.46 -8.51 38.95
CA TYR F 69 42.42 -7.18 38.37
C TYR F 69 43.80 -6.77 37.89
N PRO F 70 43.92 -6.48 36.58
CA PRO F 70 45.18 -5.94 36.09
C PRO F 70 45.36 -4.51 36.61
N GLU F 71 46.60 -4.04 36.64
CA GLU F 71 46.92 -2.69 37.14
C GLU F 71 46.08 -1.57 36.53
N GLY F 72 45.74 -1.71 35.25
CA GLY F 72 45.02 -0.67 34.52
C GLY F 72 43.56 -0.47 34.86
N ILE F 73 43.00 -1.34 35.69
CA ILE F 73 41.59 -1.27 36.04
C ILE F 73 41.43 -1.16 37.56
N ALA F 74 40.69 -0.15 38.00
CA ALA F 74 40.43 0.03 39.43
C ALA F 74 39.64 -1.16 39.99
N ASP F 75 40.15 -1.70 41.09
CA ASP F 75 39.56 -2.85 41.76
C ASP F 75 38.70 -2.35 42.89
N TYR F 76 37.41 -2.18 42.61
CA TYR F 76 36.46 -1.63 43.55
C TYR F 76 36.31 -2.54 44.75
N PHE F 77 36.41 -3.84 44.50
CA PHE F 77 36.12 -4.85 45.49
C PHE F 77 37.24 -4.94 46.52
N LYS F 78 38.48 -5.10 46.06
CA LYS F 78 39.59 -5.10 47.01
C LYS F 78 39.78 -3.73 47.63
N GLY F 79 39.46 -2.69 46.87
CA GLY F 79 39.51 -1.32 47.37
C GLY F 79 38.53 -1.02 48.49
N SER F 80 37.52 -1.88 48.67
CA SER F 80 36.48 -1.65 49.67
C SER F 80 36.91 -2.10 51.06
N PHE F 81 38.00 -2.85 51.13
CA PHE F 81 38.43 -3.45 52.37
C PHE F 81 39.13 -2.53 53.35
N PRO F 82 38.58 -2.47 54.58
CA PRO F 82 38.30 -3.62 55.40
C PRO F 82 36.74 -3.66 55.51
N GLU F 83 36.10 -2.57 55.08
CA GLU F 83 34.63 -2.42 55.17
C GLU F 83 33.91 -3.39 54.26
N ALA F 84 34.56 -3.73 53.15
CA ALA F 84 34.01 -4.63 52.14
C ALA F 84 32.81 -4.00 51.43
N PHE F 85 31.95 -4.86 50.89
CA PHE F 85 30.90 -4.40 49.98
C PHE F 85 29.60 -5.13 50.31
N GLN F 86 28.48 -4.60 49.87
CA GLN F 86 27.39 -5.42 49.34
C GLN F 86 27.06 -5.54 47.89
N TRP F 87 26.22 -6.53 47.61
CA TRP F 87 25.63 -6.61 46.28
C TRP F 87 24.18 -7.04 46.33
N ASN F 88 23.44 -6.63 45.32
CA ASN F 88 22.09 -7.07 45.14
C ASN F 88 21.93 -7.36 43.66
N ARG F 89 21.17 -8.39 43.35
CA ARG F 89 21.27 -9.04 42.06
C ARG F 89 19.96 -9.67 41.65
N ARG F 90 19.69 -9.63 40.35
CA ARG F 90 18.60 -10.39 39.79
C ARG F 90 19.11 -11.17 38.59
N ILE F 91 18.62 -12.39 38.43
CA ILE F 91 18.77 -13.10 37.19
C ILE F 91 17.36 -13.31 36.67
N GLU F 92 17.11 -12.74 35.50
CA GLU F 92 15.81 -12.86 34.85
C GLU F 92 15.96 -13.92 33.77
N PHE F 93 15.22 -15.01 33.92
CA PHE F 93 15.39 -16.14 33.03
C PHE F 93 14.41 -16.08 31.88
N GLU F 94 14.74 -16.82 30.82
CA GLU F 94 14.00 -16.78 29.57
C GLU F 94 12.53 -17.13 29.69
N ASP F 95 12.18 -17.91 30.73
CA ASP F 95 10.81 -18.38 30.90
C ASP F 95 10.04 -17.66 32.01
N GLY F 96 10.55 -16.50 32.44
CA GLY F 96 9.82 -15.66 33.37
C GLY F 96 10.25 -15.83 34.81
N GLY F 97 10.99 -16.89 35.10
CA GLY F 97 11.53 -17.09 36.43
C GLY F 97 12.51 -15.98 36.71
N VAL F 98 12.52 -15.49 37.95
CA VAL F 98 13.48 -14.48 38.37
C VAL F 98 13.99 -14.88 39.73
N ILE F 99 15.30 -14.91 39.90
CA ILE F 99 15.86 -15.02 41.23
C ILE F 99 16.56 -13.74 41.60
N ASN F 100 16.18 -13.20 42.75
CA ASN F 100 16.87 -12.09 43.35
C ASN F 100 17.77 -12.65 44.43
N MET F 101 18.94 -12.04 44.55
CA MET F 101 19.85 -12.41 45.61
C MET F 101 20.50 -11.16 46.12
N SER F 102 20.84 -11.17 47.40
CA SER F 102 21.58 -10.07 47.95
C SER F 102 22.58 -10.62 48.92
N SER F 103 23.72 -9.96 49.00
CA SER F 103 24.73 -10.38 49.93
C SER F 103 25.34 -9.20 50.64
N ASP F 104 25.54 -9.35 51.93
CA ASP F 104 26.32 -8.42 52.70
C ASP F 104 27.62 -9.12 53.05
N ILE F 105 28.70 -8.59 52.50
CA ILE F 105 30.01 -9.18 52.70
C ILE F 105 30.77 -8.42 53.77
N THR F 106 31.33 -9.15 54.70
CA THR F 106 32.09 -8.56 55.78
C THR F 106 33.44 -9.24 55.86
N TYR F 107 34.41 -8.47 56.33
CA TYR F 107 35.73 -9.00 56.56
C TYR F 107 36.04 -8.74 58.01
N LYS F 108 35.87 -9.78 58.82
CA LYS F 108 36.10 -9.72 60.24
C LYS F 108 36.68 -11.05 60.66
N ASP F 109 37.51 -11.06 61.70
CA ASP F 109 38.12 -12.29 62.21
C ASP F 109 38.91 -13.01 61.11
N LYS F 110 39.47 -12.24 60.18
CA LYS F 110 40.28 -12.75 59.07
C LYS F 110 39.52 -13.73 58.16
N VAL F 111 38.20 -13.58 58.10
CA VAL F 111 37.40 -14.35 57.16
C VAL F 111 36.49 -13.40 56.39
N LEU F 112 36.40 -13.63 55.09
CA LEU F 112 35.45 -12.93 54.27
C LEU F 112 34.14 -13.70 54.33
N HIS F 113 33.11 -13.06 54.88
CA HIS F 113 31.83 -13.72 55.03
C HIS F 113 30.77 -13.06 54.18
N GLY F 114 29.98 -13.89 53.50
CA GLY F 114 28.83 -13.42 52.76
C GLY F 114 27.57 -13.86 53.46
N ASP F 115 26.70 -12.90 53.75
CA ASP F 115 25.40 -13.20 54.32
C ASP F 115 24.41 -12.98 53.21
N VAL F 116 23.80 -14.05 52.72
CA VAL F 116 23.11 -14.02 51.45
C VAL F 116 21.63 -14.37 51.59
N TRP F 117 20.82 -13.62 50.86
CA TRP F 117 19.40 -13.91 50.69
C TRP F 117 19.21 -14.32 49.25
N ALA F 118 18.36 -15.31 49.03
CA ALA F 118 17.94 -15.66 47.69
C ALA F 118 16.44 -15.82 47.67
N LEU F 119 15.80 -15.21 46.69
CA LEU F 119 14.36 -15.33 46.57
C LEU F 119 14.02 -15.48 45.11
N GLY F 120 13.64 -16.69 44.77
CA GLY F 120 13.31 -17.06 43.40
C GLY F 120 11.83 -17.20 43.25
N VAL F 121 11.30 -16.59 42.21
CA VAL F 121 9.86 -16.56 41.99
C VAL F 121 9.53 -16.79 40.53
N ASN F 122 8.29 -17.24 40.32
CA ASN F 122 7.68 -17.38 39.00
C ASN F 122 8.42 -18.33 38.08
N PHE F 123 9.07 -19.33 38.66
CA PHE F 123 9.65 -20.38 37.84
C PHE F 123 8.55 -21.33 37.41
N PRO F 124 8.42 -21.55 36.09
CA PRO F 124 7.42 -22.49 35.63
C PRO F 124 7.67 -23.83 36.31
N PRO F 125 6.62 -24.42 36.92
CA PRO F 125 6.82 -25.68 37.62
C PRO F 125 7.41 -26.78 36.75
N ASN F 126 7.20 -26.67 35.44
CA ASN F 126 7.75 -27.64 34.49
C ASN F 126 9.03 -27.19 33.80
N GLY F 127 9.57 -26.08 34.25
CA GLY F 127 10.79 -25.51 33.67
C GLY F 127 12.05 -26.21 34.15
N PRO F 128 13.18 -25.95 33.49
CA PRO F 128 14.41 -26.65 33.83
C PRO F 128 14.94 -26.38 35.24
N VAL F 129 14.56 -25.24 35.83
CA VAL F 129 14.98 -24.94 37.19
C VAL F 129 14.24 -25.83 38.20
N MET F 130 12.92 -25.82 38.13
CA MET F 130 12.13 -26.63 39.07
C MET F 130 12.25 -28.13 38.80
N LYS F 131 12.59 -28.49 37.56
CA LYS F 131 12.76 -29.89 37.21
C LYS F 131 14.21 -30.35 37.26
N ASN F 132 15.10 -29.47 37.74
CA ASN F 132 16.51 -29.81 37.95
C ASN F 132 17.16 -30.35 36.68
N GLU F 133 16.99 -29.61 35.59
CA GLU F 133 17.46 -30.06 34.28
C GLU F 133 18.74 -29.36 33.84
N ILE F 134 19.26 -28.47 34.68
CA ILE F 134 20.50 -27.77 34.38
C ILE F 134 21.71 -28.62 34.72
N VAL F 135 22.62 -28.73 33.75
CA VAL F 135 23.87 -29.46 33.91
C VAL F 135 24.95 -28.55 34.50
N MET F 136 25.08 -27.37 33.92
CA MET F 136 26.12 -26.43 34.31
C MET F 136 25.80 -25.07 33.73
N GLU F 137 26.49 -24.05 34.22
CA GLU F 137 26.45 -22.75 33.58
C GLU F 137 27.72 -22.59 32.78
N GLU F 138 27.58 -21.93 31.65
CA GLU F 138 28.70 -21.66 30.79
C GLU F 138 29.54 -20.53 31.37
N PRO F 139 30.79 -20.39 30.91
CA PRO F 139 31.53 -19.18 31.25
C PRO F 139 30.77 -17.96 30.78
N ALA F 140 31.08 -16.81 31.36
CA ALA F 140 30.29 -15.63 31.11
C ALA F 140 31.15 -14.39 31.10
N GLU F 141 30.64 -13.36 30.43
CA GLU F 141 31.27 -12.06 30.43
C GLU F 141 30.32 -11.09 31.10
N GLU F 142 30.82 -10.44 32.14
CA GLU F 142 30.04 -9.44 32.84
C GLU F 142 30.54 -8.07 32.40
N THR F 143 29.63 -7.18 32.06
CA THR F 143 29.95 -5.83 31.65
C THR F 143 29.64 -4.94 32.85
N LEU F 144 30.62 -4.15 33.28
CA LEU F 144 30.47 -3.35 34.49
C LEU F 144 30.65 -1.87 34.25
N THR F 145 29.76 -1.08 34.85
CA THR F 145 29.82 0.36 34.74
C THR F 145 29.34 1.03 36.00
N ALA F 146 29.97 2.14 36.35
CA ALA F 146 29.49 2.99 37.42
C ALA F 146 28.14 3.57 36.98
N LYS F 147 27.17 3.56 37.87
CA LYS F 147 25.95 4.32 37.63
C LYS F 147 25.08 4.52 38.85
N ASN F 148 24.56 5.74 38.95
CA ASN F 148 23.79 6.20 40.09
C ASN F 148 24.52 5.93 41.42
N GLY F 149 25.85 5.98 41.39
CA GLY F 149 26.66 5.87 42.60
C GLY F 149 27.03 4.47 43.04
N VAL F 150 26.61 3.47 42.27
CA VAL F 150 26.99 2.08 42.53
C VAL F 150 27.68 1.52 41.31
N LEU F 151 28.24 0.33 41.46
CA LEU F 151 28.81 -0.38 40.33
C LEU F 151 27.80 -1.40 39.87
N VAL F 152 27.44 -1.35 38.60
CA VAL F 152 26.44 -2.23 38.05
C VAL F 152 27.09 -3.15 37.04
N GLY F 153 26.82 -4.44 37.19
CA GLY F 153 27.30 -5.43 36.23
C GLY F 153 26.13 -6.11 35.55
N PHE F 154 26.30 -6.35 34.26
CA PHE F 154 25.30 -7.07 33.46
C PHE F 154 25.98 -8.28 32.88
N CYS F 155 25.30 -9.42 32.94
CA CYS F 155 25.95 -10.66 32.57
C CYS F 155 24.94 -11.65 32.02
N PRO F 156 24.98 -11.87 30.70
CA PRO F 156 24.16 -12.94 30.14
C PRO F 156 24.61 -14.28 30.71
N LYS F 157 23.66 -15.12 31.06
CA LYS F 157 23.95 -16.42 31.64
C LYS F 157 23.39 -17.49 30.75
N ALA F 158 24.21 -18.48 30.44
CA ALA F 158 23.77 -19.59 29.62
C ALA F 158 23.93 -20.86 30.42
N TYR F 159 22.84 -21.60 30.56
CA TYR F 159 22.84 -22.83 31.30
C TYR F 159 22.62 -24.00 30.35
N LEU F 160 23.57 -24.92 30.36
CA LEU F 160 23.44 -26.13 29.59
C LEU F 160 22.46 -27.07 30.28
N LEU F 161 21.47 -27.55 29.53
CA LEU F 161 20.48 -28.47 30.07
C LEU F 161 20.83 -29.92 29.76
N LYS F 162 20.16 -30.83 30.46
CA LYS F 162 20.37 -32.27 30.30
C LYS F 162 20.12 -32.76 28.88
N ASP F 163 19.21 -32.10 28.17
CA ASP F 163 18.90 -32.48 26.79
C ASP F 163 19.85 -31.85 25.77
N GLY F 164 20.84 -31.09 26.27
CA GLY F 164 21.85 -30.48 25.41
C GLY F 164 21.52 -29.07 24.97
N SER F 165 20.30 -28.63 25.23
CA SER F 165 19.87 -27.27 24.89
C SER F 165 20.32 -26.26 25.95
N TYR F 166 20.08 -24.99 25.67
CA TYR F 166 20.45 -23.92 26.58
C TYR F 166 19.27 -23.19 27.16
N TYR F 167 19.42 -22.77 28.41
CA TYR F 167 18.45 -22.00 29.15
C TYR F 167 19.18 -20.74 29.54
N TYR F 168 18.61 -19.59 29.26
CA TYR F 168 19.36 -18.37 29.47
C TYR F 168 18.71 -17.44 30.46
N GLY F 169 19.53 -16.57 31.02
CA GLY F 169 19.06 -15.54 31.91
C GLY F 169 19.92 -14.32 31.72
N HIS F 170 19.40 -13.16 32.13
CA HIS F 170 20.18 -11.95 32.14
C HIS F 170 20.39 -11.58 33.59
N MET F 171 21.66 -11.44 33.99
CA MET F 171 21.96 -11.06 35.36
C MET F 171 22.30 -9.58 35.45
N THR F 172 21.72 -8.92 36.45
CA THR F 172 22.10 -7.56 36.76
C THR F 172 22.50 -7.54 38.22
N THR F 173 23.63 -6.91 38.51
CA THR F 173 24.11 -6.83 39.88
C THR F 173 24.48 -5.40 40.20
N PHE F 174 24.07 -4.93 41.37
CA PHE F 174 24.53 -3.68 41.93
C PHE F 174 25.55 -4.07 42.98
N TYR F 175 26.74 -3.49 42.87
CA TYR F 175 27.78 -3.68 43.88
C TYR F 175 28.00 -2.35 44.54
N ARG F 176 28.00 -2.33 45.87
CA ARG F 176 28.19 -1.09 46.58
C ARG F 176 29.17 -1.29 47.72
N SER F 177 30.25 -0.52 47.67
CA SER F 177 31.24 -0.54 48.72
C SER F 177 30.68 0.06 49.98
N LYS F 178 31.09 -0.51 51.11
CA LYS F 178 30.74 0.06 52.41
C LYS F 178 31.86 0.96 52.93
N LYS F 179 32.89 1.14 52.12
CA LYS F 179 33.94 2.12 52.44
C LYS F 179 33.51 3.49 51.94
N SER F 180 33.40 4.41 52.89
CA SER F 180 32.88 5.74 52.64
C SER F 180 33.63 6.48 51.53
N GLY F 181 32.88 6.92 50.53
CA GLY F 181 33.40 7.74 49.44
C GLY F 181 34.39 7.06 48.52
N GLN F 182 34.45 5.74 48.57
CA GLN F 182 35.32 5.01 47.65
C GLN F 182 34.94 5.32 46.21
N PRO F 183 35.93 5.77 45.41
CA PRO F 183 35.66 6.01 44.00
C PRO F 183 35.18 4.74 43.31
N LEU F 184 34.25 4.92 42.38
CA LEU F 184 33.80 3.83 41.53
C LEU F 184 34.86 3.60 40.48
N PRO F 185 34.94 2.36 39.96
CA PRO F 185 35.91 2.08 38.91
C PRO F 185 35.40 2.54 37.56
N GLY F 186 36.26 2.47 36.56
CA GLY F 186 35.87 2.77 35.20
C GLY F 186 35.15 1.58 34.58
N PHE F 187 34.65 1.80 33.38
CA PHE F 187 34.00 0.76 32.59
C PHE F 187 34.98 -0.39 32.38
N HIS F 188 34.51 -1.61 32.61
CA HIS F 188 35.30 -2.77 32.31
C HIS F 188 34.44 -4.02 32.29
N PHE F 189 35.11 -5.15 32.15
CA PHE F 189 34.45 -6.43 32.04
C PHE F 189 35.07 -7.37 33.03
N ILE F 190 34.30 -8.37 33.45
CA ILE F 190 34.86 -9.48 34.18
C ILE F 190 34.45 -10.75 33.47
N LYS F 191 35.46 -11.55 33.13
CA LYS F 191 35.23 -12.86 32.57
CA LYS F 191 35.19 -12.86 32.57
C LYS F 191 35.15 -13.86 33.71
N HIS F 192 34.18 -14.77 33.64
CA HIS F 192 33.91 -15.72 34.72
C HIS F 192 33.84 -17.11 34.18
N ARG F 193 34.35 -18.06 34.96
CA ARG F 193 34.04 -19.45 34.76
C ARG F 193 33.72 -20.05 36.11
N LEU F 194 32.47 -20.48 36.28
CA LEU F 194 32.07 -21.15 37.50
C LEU F 194 31.74 -22.61 37.18
N VAL F 195 32.33 -23.51 37.96
CA VAL F 195 32.13 -24.93 37.76
C VAL F 195 31.80 -25.60 39.08
N LYS F 196 30.77 -26.44 39.08
CA LYS F 196 30.49 -27.32 40.21
C LYS F 196 31.36 -28.55 40.04
N THR F 197 32.40 -28.66 40.86
CA THR F 197 33.38 -29.71 40.71
C THR F 197 32.93 -31.00 41.40
N LYS F 198 32.02 -30.88 42.36
CA LYS F 198 31.49 -32.01 43.11
C LYS F 198 30.06 -31.70 43.51
N VAL F 199 29.17 -32.66 43.30
CA VAL F 199 27.77 -32.50 43.67
C VAL F 199 27.29 -33.79 44.31
N GLU F 200 26.75 -33.68 45.52
CA GLU F 200 26.10 -34.81 46.19
C GLU F 200 24.59 -34.78 45.92
N PRO F 201 23.92 -35.95 45.96
CA PRO F 201 22.50 -36.01 45.63
C PRO F 201 21.66 -34.97 46.34
N GLY F 202 20.73 -34.39 45.60
CA GLY F 202 19.84 -33.35 46.13
C GLY F 202 20.58 -32.06 46.43
N PHE F 203 21.77 -31.91 45.86
CA PHE F 203 22.65 -30.75 46.12
C PHE F 203 22.89 -30.53 47.61
N LYS F 204 22.94 -31.61 48.38
CA LYS F 204 23.11 -31.47 49.82
C LYS F 204 24.52 -31.02 50.15
N MET F 205 25.43 -31.25 49.20
CA MET F 205 26.78 -30.74 49.28
C MET F 205 27.21 -30.43 47.86
N VAL F 206 27.82 -29.27 47.68
CA VAL F 206 28.38 -28.89 46.39
C VAL F 206 29.76 -28.29 46.63
N GLU F 207 30.70 -28.66 45.76
CA GLU F 207 31.95 -27.95 45.69
C GLU F 207 31.92 -27.18 44.39
N GLN F 208 32.20 -25.88 44.47
CA GLN F 208 32.18 -25.05 43.29
C GLN F 208 33.42 -24.17 43.27
N ALA F 209 33.88 -23.89 42.06
CA ALA F 209 35.03 -23.03 41.84
C ALA F 209 34.62 -21.93 40.90
N GLU F 210 35.12 -20.73 41.15
CA GLU F 210 34.94 -19.62 40.24
C GLU F 210 36.28 -19.02 39.91
N TYR F 211 36.52 -18.83 38.63
CA TYR F 211 37.67 -18.08 38.15
C TYR F 211 37.12 -16.83 37.52
N ALA F 212 37.73 -15.69 37.83
CA ALA F 212 37.23 -14.43 37.34
C ALA F 212 38.38 -13.48 37.14
N THR F 213 38.38 -12.81 35.99
CA THR F 213 39.44 -11.87 35.65
C THR F 213 38.82 -10.65 35.04
N ALA F 214 39.20 -9.48 35.56
CA ALA F 214 38.76 -8.22 35.00
C ALA F 214 39.59 -7.90 33.78
N HIS F 215 38.96 -7.25 32.81
CA HIS F 215 39.65 -6.86 31.59
C HIS F 215 38.92 -5.72 30.92
N VAL F 216 39.65 -5.01 30.07
CA VAL F 216 39.03 -4.05 29.20
C VAL F 216 39.05 -4.64 27.79
N CYS F 217 38.59 -3.87 26.82
CA CYS F 217 38.52 -4.36 25.46
C CYS F 217 39.88 -4.49 24.80
N ASP F 218 40.13 -5.70 24.30
CA ASP F 218 41.33 -6.18 23.61
C ASP F 218 41.48 -5.59 22.22
N LEU F 219 40.34 -5.18 21.64
CA LEU F 219 40.31 -4.81 20.24
C LEU F 219 41.01 -3.49 19.97
N PRO F 220 41.60 -3.34 18.78
CA PRO F 220 42.23 -2.08 18.42
C PRO F 220 41.19 -0.95 18.29
N LYS F 221 41.68 0.29 18.26
CA LYS F 221 40.83 1.47 18.08
C LYS F 221 40.72 1.84 16.59
N PRO F 222 39.92 2.88 16.26
CA PRO F 222 38.55 2.82 15.81
C PRO F 222 37.83 1.54 16.26
N ASP G 5 -18.77 12.10 15.59
CA ASP G 5 -20.02 11.49 15.06
C ASP G 5 -20.18 10.04 15.53
N ASN G 6 -21.42 9.54 15.49
CA ASN G 6 -21.74 8.16 15.88
C ASN G 6 -21.33 7.11 14.86
N ASN G 7 -20.88 7.55 13.69
CA ASN G 7 -20.30 6.64 12.71
C ASN G 7 -19.01 7.22 12.15
N LEU G 8 -17.92 6.47 12.30
CA LEU G 8 -16.62 6.90 11.82
C LEU G 8 -15.97 5.76 11.07
N SER G 9 -15.58 6.04 9.83
CA SER G 9 -14.90 5.06 9.00
C SER G 9 -13.41 5.07 9.27
N VAL G 10 -12.80 3.91 9.09
CA VAL G 10 -11.39 3.71 9.35
C VAL G 10 -10.73 3.07 8.14
N SER G 11 -9.50 3.51 7.87
CA SER G 11 -8.64 2.87 6.90
C SER G 11 -7.32 2.61 7.61
N VAL G 12 -6.67 1.50 7.28
CA VAL G 12 -5.40 1.20 7.90
C VAL G 12 -4.48 0.53 6.90
N TYR G 13 -3.20 0.88 6.98
CA TYR G 13 -2.18 0.15 6.27
C TYR G 13 -1.12 -0.24 7.28
N MET G 14 -0.71 -1.50 7.23
CA MET G 14 0.34 -1.98 8.09
C MET G 14 1.41 -2.61 7.23
N LYS G 15 2.64 -2.19 7.44
CA LYS G 15 3.76 -2.94 6.92
C LYS G 15 4.44 -3.60 8.11
N GLY G 16 4.78 -4.86 7.95
CA GLY G 16 5.29 -5.63 9.06
C GLY G 16 6.44 -6.52 8.69
N ASN G 17 7.22 -6.88 9.71
CA ASN G 17 8.32 -7.79 9.56
C ASN G 17 8.39 -8.53 10.88
N VAL G 18 8.06 -9.81 10.87
CA VAL G 18 8.09 -10.61 12.08
C VAL G 18 9.02 -11.79 11.82
N ASN G 19 10.06 -11.92 12.65
CA ASN G 19 11.11 -12.90 12.43
C ASN G 19 11.55 -12.92 10.97
N ASN G 20 11.77 -11.72 10.43
CA ASN G 20 12.27 -11.53 9.05
C ASN G 20 11.27 -11.89 7.96
N HIS G 21 10.02 -12.12 8.34
CA HIS G 21 8.95 -12.34 7.36
C HIS G 21 8.23 -11.03 7.15
N GLU G 22 8.32 -10.49 5.94
CA GLU G 22 7.68 -9.22 5.61
C GLU G 22 6.27 -9.44 5.10
N PHE G 23 5.39 -8.51 5.45
CA PHE G 23 4.01 -8.59 5.03
C PHE G 23 3.41 -7.20 5.06
N GLU G 24 2.28 -7.07 4.38
CA GLU G 24 1.52 -5.84 4.39
C GLU G 24 0.05 -6.16 4.46
N TYR G 25 -0.66 -5.39 5.27
CA TYR G 25 -2.11 -5.48 5.33
C TYR G 25 -2.73 -4.15 5.00
N ASP G 26 -3.87 -4.21 4.34
CA ASP G 26 -4.73 -3.05 4.23
C ASP G 26 -6.01 -3.41 4.93
N GLY G 27 -6.57 -2.45 5.66
CA GLY G 27 -7.84 -2.68 6.32
C GLY G 27 -8.78 -1.51 6.18
N ILE G 28 -10.07 -1.82 6.14
CA ILE G 28 -11.11 -0.79 6.18
C ILE G 28 -12.19 -1.25 7.13
N GLY G 29 -12.85 -0.29 7.75
CA GLY G 29 -13.95 -0.60 8.60
C GLY G 29 -14.46 0.66 9.22
N GLY G 30 -14.94 0.52 10.45
CA GLY G 30 -15.47 1.65 11.16
C GLY G 30 -16.44 1.20 12.21
N GLY G 31 -17.10 2.16 12.81
CA GLY G 31 -18.04 1.86 13.86
C GLY G 31 -18.38 3.15 14.56
N ASP G 32 -18.79 3.00 15.81
CA ASP G 32 -19.22 4.13 16.61
C ASP G 32 -18.13 4.43 17.62
N PRO G 33 -17.39 5.53 17.40
CA PRO G 33 -16.28 5.81 18.32
C PRO G 33 -16.75 6.17 19.72
N ASN G 34 -17.97 6.70 19.82
CA ASN G 34 -18.54 7.06 21.11
C ASN G 34 -19.05 5.86 21.90
N SER G 35 -19.41 4.79 21.20
CA SER G 35 -19.83 3.54 21.84
C SER G 35 -18.63 2.64 22.14
N GLY G 36 -17.49 2.97 21.53
CA GLY G 36 -16.28 2.16 21.67
C GLY G 36 -16.42 0.79 21.03
N GLN G 37 -17.12 0.73 19.90
CA GLN G 37 -17.25 -0.52 19.17
C GLN G 37 -16.94 -0.25 17.73
N PHE G 38 -16.04 -1.06 17.18
CA PHE G 38 -15.79 -0.97 15.75
C PHE G 38 -15.19 -2.23 15.22
N SER G 39 -15.29 -2.38 13.91
CA SER G 39 -14.78 -3.57 13.28
C SER G 39 -14.08 -3.14 12.03
N LEU G 40 -13.14 -3.96 11.60
CA LEU G 40 -12.52 -3.73 10.32
C LEU G 40 -12.22 -5.06 9.68
N LYS G 41 -12.00 -5.01 8.38
CA LYS G 41 -11.56 -6.14 7.63
C LYS G 41 -10.18 -5.80 7.11
N THR G 42 -9.25 -6.72 7.33
CA THR G 42 -7.90 -6.59 6.79
C THR G 42 -7.68 -7.60 5.69
N LYS G 43 -6.86 -7.22 4.73
CA LYS G 43 -6.49 -8.12 3.65
C LYS G 43 -4.99 -8.09 3.47
N LEU G 44 -4.41 -9.27 3.46
CA LEU G 44 -2.97 -9.43 3.27
C LEU G 44 -2.64 -9.22 1.81
N ARG G 45 -1.61 -8.43 1.55
CA ARG G 45 -1.10 -8.26 0.20
C ARG G 45 -0.33 -9.48 -0.22
N GLY G 46 -0.39 -9.79 -1.52
CA GLY G 46 0.35 -10.93 -2.08
C GLY G 46 -0.42 -12.22 -1.94
N GLY G 47 0.15 -13.29 -2.48
CA GLY G 47 -0.53 -14.58 -2.58
C GLY G 47 -0.10 -15.58 -1.55
N LYS G 48 0.90 -15.24 -0.73
CA LYS G 48 1.39 -16.19 0.26
C LYS G 48 0.74 -15.96 1.62
N PRO G 49 0.56 -17.05 2.39
CA PRO G 49 -0.07 -16.92 3.70
C PRO G 49 0.83 -16.20 4.70
N LEU G 50 0.20 -15.66 5.75
CA LEU G 50 0.96 -15.10 6.86
C LEU G 50 1.65 -16.25 7.59
N PRO G 51 2.98 -16.16 7.74
CA PRO G 51 3.77 -17.24 8.32
C PRO G 51 3.86 -17.25 9.85
N PHE G 52 2.96 -16.53 10.51
CA PHE G 52 2.93 -16.52 11.96
C PHE G 52 1.52 -16.14 12.38
N SER G 53 1.28 -16.18 13.68
CA SER G 53 -0.02 -15.86 14.23
C SER G 53 -0.38 -14.40 14.05
N TYR G 54 -1.44 -14.16 13.30
CA TYR G 54 -2.00 -12.83 13.13
C TYR G 54 -2.44 -12.24 14.47
N ASP G 55 -2.71 -13.08 15.45
CA ASP G 55 -3.20 -12.56 16.72
C ASP G 55 -2.25 -11.57 17.39
N ILE G 56 -0.97 -11.61 17.06
CA ILE G 56 -0.03 -10.68 17.69
C ILE G 56 -0.03 -9.30 17.03
N ILE G 57 -0.72 -9.16 15.90
CA ILE G 57 -0.83 -7.85 15.22
C ILE G 57 -2.22 -7.25 15.22
N THR G 58 -3.19 -7.94 15.82
CA THR G 58 -4.56 -7.44 15.88
C THR G 58 -4.65 -6.01 16.42
N MET G 59 -3.83 -5.71 17.42
CA MET G 59 -3.89 -4.41 18.06
C MET G 59 -3.22 -3.33 17.22
N GLY G 60 -2.45 -3.74 16.23
CA GLY G 60 -1.95 -2.79 15.24
C GLY G 60 -3.11 -2.20 14.47
N PHE G 61 -4.10 -3.04 14.15
CA PHE G 61 -5.24 -2.58 13.36
C PHE G 61 -6.27 -1.89 14.23
N PHE G 63 -7.09 1.93 17.24
CA PHE G 63 -7.63 3.30 17.08
C PHE G 63 -8.38 3.61 18.34
N ARG G 64 -7.66 4.14 19.32
CA ARG G 64 -8.25 4.43 20.62
C ARG G 64 -9.31 5.51 20.57
N ALA G 65 -9.49 6.16 19.43
CA ALA G 65 -10.65 7.01 19.20
C ALA G 65 -11.93 6.21 19.44
N PHE G 66 -11.86 4.91 19.21
CA PHE G 66 -13.00 4.03 19.44
C PHE G 66 -12.95 3.46 20.85
N THR G 67 -13.32 4.30 21.80
CA THR G 67 -13.38 3.93 23.19
C THR G 67 -14.56 4.67 23.78
N LYS G 68 -15.41 3.95 24.49
CA LYS G 68 -16.51 4.58 25.20
C LYS G 68 -15.91 5.28 26.42
N TYR G 69 -15.93 6.60 26.43
CA TYR G 69 -15.48 7.38 27.57
C TYR G 69 -16.66 7.99 28.31
N PRO G 70 -16.80 7.64 29.60
CA PRO G 70 -17.81 8.30 30.42
C PRO G 70 -17.39 9.74 30.70
N GLU G 71 -18.35 10.59 31.04
CA GLU G 71 -18.13 12.04 31.15
C GLU G 71 -16.97 12.44 32.07
N GLY G 72 -16.83 11.73 33.20
CA GLY G 72 -15.82 12.06 34.22
C GLY G 72 -14.39 11.63 33.92
N ILE G 73 -14.18 10.95 32.79
CA ILE G 73 -12.83 10.59 32.35
C ILE G 73 -12.50 11.37 31.08
N ALA G 74 -11.40 12.11 31.11
CA ALA G 74 -10.96 12.87 29.94
C ALA G 74 -10.60 11.93 28.80
N ASP G 75 -11.17 12.21 27.64
CA ASP G 75 -10.97 11.41 26.44
C ASP G 75 -9.85 12.03 25.62
N TYR G 76 -8.64 11.55 25.85
CA TYR G 76 -7.45 12.08 25.20
C TYR G 76 -7.52 11.88 23.70
N PHE G 77 -8.11 10.77 23.29
CA PHE G 77 -8.11 10.35 21.91
C PHE G 77 -9.05 11.17 21.05
N LYS G 78 -10.30 11.31 21.47
CA LYS G 78 -11.22 12.17 20.75
C LYS G 78 -10.85 13.63 20.92
N GLY G 79 -10.23 13.95 22.06
CA GLY G 79 -9.78 15.31 22.33
C GLY G 79 -8.66 15.78 21.42
N SER G 80 -7.99 14.84 20.76
CA SER G 80 -6.85 15.15 19.89
C SER G 80 -7.29 15.59 18.50
N PHE G 81 -8.58 15.43 18.22
CA PHE G 81 -9.09 15.65 16.89
C PHE G 81 -9.31 17.11 16.50
N PRO G 82 -8.62 17.56 15.45
CA PRO G 82 -8.67 16.96 14.12
C PRO G 82 -7.25 16.43 13.85
N GLU G 83 -6.29 16.87 14.68
CA GLU G 83 -4.89 16.50 14.54
C GLU G 83 -4.66 15.02 14.77
N ALA G 84 -5.50 14.43 15.63
CA ALA G 84 -5.43 13.02 16.00
C ALA G 84 -4.16 12.70 16.80
N PHE G 85 -3.73 11.45 16.77
CA PHE G 85 -2.70 11.00 17.70
C PHE G 85 -1.72 10.11 16.96
N GLN G 86 -0.54 9.87 17.51
CA GLN G 86 0.13 8.59 17.43
C GLN G 86 0.25 7.66 18.59
N TRP G 87 0.66 6.44 18.29
CA TRP G 87 1.05 5.51 19.33
C TRP G 87 2.24 4.68 18.92
N ASN G 88 2.96 4.24 19.93
CA ASN G 88 4.04 3.30 19.74
C ASN G 88 3.97 2.30 20.88
N ARG G 89 4.28 1.06 20.58
CA ARG G 89 3.79 -0.02 21.39
C ARG G 89 4.72 -1.20 21.32
N ARG G 90 4.85 -1.90 22.43
CA ARG G 90 5.52 -3.18 22.42
C ARG G 90 4.67 -4.20 23.13
N ILE G 91 4.70 -5.43 22.64
CA ILE G 91 4.20 -6.54 23.40
C ILE G 91 5.38 -7.46 23.62
N GLU G 92 5.71 -7.66 24.89
CA GLU G 92 6.80 -8.52 25.29
C GLU G 92 6.18 -9.83 25.73
N PHE G 93 6.45 -10.88 24.97
CA PHE G 93 5.82 -12.17 25.24
C PHE G 93 6.67 -13.03 26.17
N GLU G 94 6.02 -14.02 26.77
CA GLU G 94 6.61 -14.85 27.80
C GLU G 94 7.87 -15.59 27.37
N ASP G 95 7.97 -15.86 26.06
CA ASP G 95 9.08 -16.65 25.52
C ASP G 95 10.14 -15.78 24.83
N GLY G 96 10.09 -14.48 25.10
CA GLY G 96 11.13 -13.58 24.64
C GLY G 96 10.83 -12.88 23.34
N GLY G 97 9.82 -13.36 22.61
CA GLY G 97 9.39 -12.67 21.40
C GLY G 97 8.89 -11.30 21.80
N VAL G 98 9.17 -10.31 20.96
CA VAL G 98 8.70 -8.96 21.20
C VAL G 98 8.22 -8.43 19.88
N ILE G 99 7.01 -7.90 19.85
CA ILE G 99 6.58 -7.17 18.70
C ILE G 99 6.43 -5.71 19.06
N ASN G 100 7.08 -4.87 18.27
CA ASN G 100 6.89 -3.44 18.35
C ASN G 100 5.94 -3.05 17.25
N MET G 101 5.10 -2.08 17.55
CA MET G 101 4.20 -1.53 16.56
C MET G 101 4.08 -0.05 16.80
N SER G 102 3.92 0.69 15.71
CA SER G 102 3.67 2.12 15.83
C SER G 102 2.65 2.53 14.81
N SER G 103 1.84 3.52 15.15
CA SER G 103 0.87 4.01 14.23
C SER G 103 0.80 5.52 14.26
N ASP G 104 0.69 6.11 13.08
CA ASP G 104 0.36 7.50 12.94
C ASP G 104 -1.05 7.53 12.42
N ILE G 105 -1.92 8.19 13.20
CA ILE G 105 -3.33 8.26 12.87
C ILE G 105 -3.64 9.65 12.37
N THR G 106 -4.35 9.71 11.26
CA THR G 106 -4.75 10.97 10.68
C THR G 106 -6.23 10.93 10.40
N TYR G 107 -6.81 12.11 10.30
CA TYR G 107 -8.21 12.22 9.98
C TYR G 107 -8.31 13.12 8.76
N LYS G 108 -8.63 12.52 7.62
CA LYS G 108 -8.94 13.29 6.42
C LYS G 108 -10.35 12.97 5.98
N ASP G 109 -11.12 14.04 5.86
CA ASP G 109 -12.47 14.09 6.44
C ASP G 109 -13.37 12.87 6.26
N LYS G 110 -13.89 12.41 7.40
CA LYS G 110 -14.81 11.26 7.51
C LYS G 110 -14.09 9.92 7.62
N VAL G 111 -12.79 9.90 7.34
CA VAL G 111 -12.01 8.66 7.52
C VAL G 111 -10.79 8.83 8.41
N LEU G 112 -10.68 7.90 9.34
CA LEU G 112 -9.59 7.90 10.26
C LEU G 112 -8.56 6.80 10.02
N HIS G 113 -7.29 7.15 9.80
CA HIS G 113 -6.50 6.43 8.83
C HIS G 113 -5.31 6.14 9.73
N GLY G 114 -4.90 4.87 9.79
CA GLY G 114 -3.71 4.52 10.55
C GLY G 114 -2.66 4.01 9.61
N ASP G 115 -1.45 4.55 9.75
CA ASP G 115 -0.28 4.05 9.04
C ASP G 115 0.57 3.35 10.07
N VAL G 116 0.71 2.04 9.92
CA VAL G 116 1.23 1.20 10.99
C VAL G 116 2.49 0.48 10.58
N TRP G 117 3.46 0.45 11.49
CA TRP G 117 4.63 -0.41 11.37
C TRP G 117 4.50 -1.51 12.40
N ALA G 118 4.89 -2.73 12.02
CA ALA G 118 5.01 -3.83 12.96
C ALA G 118 6.38 -4.48 12.74
N LEU G 119 7.11 -4.67 13.82
CA LEU G 119 8.38 -5.33 13.75
C LEU G 119 8.50 -6.28 14.92
N GLY G 120 8.42 -7.57 14.61
CA GLY G 120 8.45 -8.60 15.63
C GLY G 120 9.75 -9.34 15.53
N VAL G 121 10.38 -9.55 16.68
CA VAL G 121 11.70 -10.15 16.72
C VAL G 121 11.79 -11.16 17.83
N ASN G 122 12.73 -12.09 17.66
CA ASN G 122 13.12 -13.05 18.68
C ASN G 122 12.01 -13.99 19.07
N PHE G 123 11.09 -14.26 18.16
CA PHE G 123 10.08 -15.27 18.42
C PHE G 123 10.68 -16.65 18.25
N PRO G 124 10.62 -17.50 19.28
CA PRO G 124 11.16 -18.84 19.08
C PRO G 124 10.50 -19.48 17.85
N PRO G 125 11.31 -20.05 16.94
CA PRO G 125 10.71 -20.65 15.75
C PRO G 125 9.73 -21.78 16.06
N ASN G 126 9.86 -22.39 17.24
CA ASN G 126 8.97 -23.47 17.66
C ASN G 126 7.90 -23.00 18.64
N GLY G 127 7.82 -21.68 18.84
CA GLY G 127 6.83 -21.08 19.72
C GLY G 127 5.48 -20.93 19.07
N PRO G 128 4.46 -20.59 19.88
CA PRO G 128 3.07 -20.51 19.40
C PRO G 128 2.83 -19.42 18.35
N VAL G 129 3.66 -18.38 18.34
CA VAL G 129 3.51 -17.34 17.33
C VAL G 129 3.96 -17.86 15.96
N MET G 130 5.19 -18.34 15.87
CA MET G 130 5.70 -18.79 14.59
C MET G 130 5.02 -20.08 14.13
N LYS G 131 4.49 -20.85 15.08
CA LYS G 131 3.79 -22.09 14.74
C LYS G 131 2.28 -21.91 14.62
N ASN G 132 1.82 -20.66 14.69
CA ASN G 132 0.40 -20.35 14.47
C ASN G 132 -0.51 -21.17 15.38
N GLU G 133 -0.21 -21.16 16.67
CA GLU G 133 -0.96 -21.96 17.63
C GLU G 133 -2.00 -21.16 18.40
N ILE G 134 -2.01 -19.85 18.22
CA ILE G 134 -2.95 -18.99 18.94
C ILE G 134 -4.33 -19.07 18.29
N VAL G 135 -5.36 -19.23 19.09
CA VAL G 135 -6.71 -19.21 18.55
C VAL G 135 -7.44 -17.90 18.80
N MET G 136 -7.13 -17.22 19.90
CA MET G 136 -7.75 -15.94 20.21
C MET G 136 -6.99 -15.25 21.33
N GLU G 137 -7.25 -13.96 21.50
CA GLU G 137 -6.78 -13.25 22.66
C GLU G 137 -7.96 -13.01 23.58
N GLU G 138 -7.71 -13.14 24.87
CA GLU G 138 -8.73 -12.87 25.85
C GLU G 138 -9.02 -11.37 25.94
N PRO G 139 -10.18 -11.01 26.52
CA PRO G 139 -10.43 -9.63 26.87
C PRO G 139 -9.32 -9.15 27.77
N ALA G 140 -9.15 -7.83 27.85
CA ALA G 140 -8.01 -7.30 28.57
C ALA G 140 -8.37 -6.02 29.29
N GLU G 141 -7.57 -5.73 30.31
CA GLU G 141 -7.67 -4.46 31.02
C GLU G 141 -6.38 -3.71 30.80
N GLU G 142 -6.50 -2.49 30.31
CA GLU G 142 -5.36 -1.63 30.09
C GLU G 142 -5.38 -0.55 31.15
N THR G 143 -4.26 -0.35 31.82
CA THR G 143 -4.11 0.66 32.85
C THR G 143 -3.37 1.84 32.23
N LEU G 144 -3.94 3.04 32.33
CA LEU G 144 -3.37 4.19 31.66
C LEU G 144 -3.03 5.32 32.60
N THR G 145 -1.82 5.86 32.44
CA THR G 145 -1.36 7.00 33.23
C THR G 145 -0.56 7.92 32.34
N ALA G 146 -0.64 9.22 32.62
CA ALA G 146 0.25 10.18 32.00
C ALA G 146 1.66 9.96 32.52
N LYS G 147 2.64 10.01 31.64
CA LYS G 147 4.04 9.81 31.99
C LYS G 147 4.92 10.55 30.99
N ASN G 148 5.77 11.44 31.50
CA ASN G 148 6.74 12.19 30.67
C ASN G 148 6.12 12.83 29.43
N GLY G 149 4.89 13.34 29.57
CA GLY G 149 4.21 14.06 28.49
C GLY G 149 3.42 13.23 27.49
N VAL G 150 3.35 11.92 27.71
CA VAL G 150 2.53 11.05 26.87
C VAL G 150 1.61 10.23 27.75
N LEU G 151 0.62 9.58 27.13
CA LEU G 151 -0.26 8.69 27.85
C LEU G 151 0.28 7.28 27.69
N VAL G 152 0.51 6.61 28.81
CA VAL G 152 1.08 5.26 28.78
C VAL G 152 0.05 4.24 29.22
N GLY G 153 -0.11 3.21 28.41
CA GLY G 153 -1.04 2.13 28.74
C GLY G 153 -0.27 0.86 28.94
N PHE G 154 -0.62 0.13 29.99
CA PHE G 154 -0.05 -1.17 30.26
C PHE G 154 -1.16 -2.17 30.22
N CYS G 155 -0.96 -3.25 29.47
CA CYS G 155 -2.04 -4.20 29.29
C CYS G 155 -1.54 -5.63 29.19
N PRO G 156 -1.78 -6.45 30.24
CA PRO G 156 -1.49 -7.88 30.13
C PRO G 156 -2.33 -8.52 29.04
N LYS G 157 -1.69 -9.34 28.22
CA LYS G 157 -2.36 -10.01 27.12
C LYS G 157 -2.28 -11.51 27.34
N ALA G 158 -3.42 -12.18 27.20
CA ALA G 158 -3.48 -13.63 27.34
C ALA G 158 -4.00 -14.19 26.05
N TYR G 159 -3.21 -15.07 25.44
CA TYR G 159 -3.58 -15.69 24.18
C TYR G 159 -3.87 -17.15 24.40
N LEU G 160 -5.07 -17.56 23.99
CA LEU G 160 -5.45 -18.95 24.12
C LEU G 160 -4.84 -19.73 22.97
N LEU G 161 -4.24 -20.88 23.27
CA LEU G 161 -3.63 -21.69 22.25
C LEU G 161 -4.53 -22.85 21.86
N LYS G 162 -4.27 -23.42 20.69
CA LYS G 162 -4.98 -24.60 20.22
C LYS G 162 -4.96 -25.71 21.27
N ASP G 163 -3.84 -25.84 21.99
CA ASP G 163 -3.70 -26.91 22.96
C ASP G 163 -4.43 -26.64 24.27
N GLY G 164 -5.05 -25.47 24.37
CA GLY G 164 -5.86 -25.09 25.53
C GLY G 164 -5.12 -24.31 26.59
N SER G 165 -3.80 -24.22 26.45
CA SER G 165 -2.98 -23.45 27.38
C SER G 165 -2.96 -21.99 26.96
N TYR G 166 -2.36 -21.17 27.80
CA TYR G 166 -2.24 -19.75 27.52
C TYR G 166 -0.82 -19.31 27.22
N TYR G 167 -0.73 -18.31 26.37
CA TYR G 167 0.53 -17.68 26.02
C TYR G 167 0.38 -16.23 26.40
N TYR G 168 1.32 -15.70 27.15
CA TYR G 168 1.16 -14.37 27.73
C TYR G 168 2.08 -13.34 27.14
N GLY G 169 1.64 -12.09 27.21
CA GLY G 169 2.51 -10.98 26.94
C GLY G 169 2.15 -9.76 27.75
N HIS G 170 3.09 -8.82 27.85
CA HIS G 170 2.83 -7.54 28.49
C HIS G 170 2.90 -6.47 27.41
N MET G 171 1.83 -5.71 27.26
CA MET G 171 1.82 -4.65 26.29
C MET G 171 2.02 -3.31 26.97
N THR G 172 2.92 -2.51 26.40
CA THR G 172 3.10 -1.14 26.79
C THR G 172 2.86 -0.26 25.59
N THR G 173 2.01 0.74 25.74
CA THR G 173 1.75 1.68 24.66
C THR G 173 1.96 3.11 25.13
N PHE G 174 2.62 3.89 24.28
CA PHE G 174 2.67 5.34 24.43
C PHE G 174 1.71 5.91 23.43
N TYR G 175 0.80 6.76 23.90
CA TYR G 175 -0.12 7.49 23.04
C TYR G 175 0.22 8.96 23.15
N ARG G 176 0.36 9.61 22.00
CA ARG G 176 0.72 11.01 22.01
C ARG G 176 -0.18 11.76 21.05
N SER G 177 -0.91 12.74 21.58
CA SER G 177 -1.72 13.60 20.76
C SER G 177 -0.86 14.50 19.90
N LYS G 178 -1.32 14.73 18.68
CA LYS G 178 -0.67 15.67 17.79
C LYS G 178 -1.30 17.05 17.89
N LYS G 179 -2.28 17.20 18.78
CA LYS G 179 -2.84 18.51 19.09
C LYS G 179 -1.94 19.18 20.11
N SER G 180 -1.28 20.26 19.69
CA SER G 180 -0.35 20.97 20.55
C SER G 180 -1.03 21.46 21.81
N GLY G 181 -0.41 21.17 22.95
CA GLY G 181 -0.89 21.65 24.23
C GLY G 181 -2.07 20.91 24.84
N GLN G 182 -2.50 19.82 24.21
CA GLN G 182 -3.61 19.04 24.77
C GLN G 182 -3.18 18.41 26.08
N PRO G 183 -3.95 18.65 27.16
CA PRO G 183 -3.61 18.07 28.44
C PRO G 183 -3.81 16.56 28.44
N LEU G 184 -3.04 15.88 29.28
CA LEU G 184 -3.15 14.45 29.43
C LEU G 184 -4.32 14.12 30.35
N PRO G 185 -4.94 12.94 30.15
CA PRO G 185 -6.06 12.56 30.99
C PRO G 185 -5.58 12.05 32.35
N GLY G 186 -6.51 11.92 33.29
CA GLY G 186 -6.20 11.34 34.57
C GLY G 186 -6.04 9.83 34.45
N PHE G 187 -5.50 9.24 35.50
CA PHE G 187 -5.37 7.80 35.62
C PHE G 187 -6.71 7.13 35.35
N HIS G 188 -6.70 6.11 34.50
CA HIS G 188 -7.90 5.35 34.25
C HIS G 188 -7.57 4.03 33.59
N PHE G 189 -8.61 3.26 33.28
CA PHE G 189 -8.43 1.98 32.64
C PHE G 189 -9.24 1.93 31.39
N ILE G 190 -8.85 1.07 30.46
CA ILE G 190 -9.71 0.72 29.36
C ILE G 190 -9.87 -0.78 29.33
N LYS G 191 -11.12 -1.23 29.34
CA LYS G 191 -11.42 -2.63 29.14
C LYS G 191 -11.62 -2.87 27.66
N HIS G 192 -11.07 -3.98 27.18
CA HIS G 192 -11.06 -4.32 25.76
C HIS G 192 -11.55 -5.73 25.53
N ARG G 193 -12.24 -5.92 24.42
CA ARG G 193 -12.49 -7.24 23.91
C ARG G 193 -12.29 -7.19 22.42
N LEU G 194 -11.28 -7.90 21.95
CA LEU G 194 -11.01 -8.00 20.52
C LEU G 194 -11.29 -9.41 20.09
N VAL G 195 -12.07 -9.54 19.02
CA VAL G 195 -12.45 -10.84 18.51
C VAL G 195 -12.24 -10.87 17.01
N LYS G 196 -11.63 -11.93 16.51
CA LYS G 196 -11.55 -12.16 15.07
C LYS G 196 -12.82 -12.88 14.69
N THR G 197 -13.71 -12.15 14.01
CA THR G 197 -15.03 -12.69 13.70
C THR G 197 -15.02 -13.53 12.42
N LYS G 198 -14.04 -13.27 11.56
CA LYS G 198 -13.84 -14.06 10.35
C LYS G 198 -12.35 -14.14 10.07
N VAL G 199 -11.88 -15.31 9.69
CA VAL G 199 -10.47 -15.53 9.40
C VAL G 199 -10.33 -16.45 8.19
N GLU G 200 -9.76 -15.93 7.11
CA GLU G 200 -9.52 -16.76 5.93
C GLU G 200 -8.21 -17.50 6.08
N PRO G 201 -8.08 -18.66 5.43
CA PRO G 201 -6.84 -19.42 5.57
C PRO G 201 -5.61 -18.55 5.30
N GLY G 202 -4.56 -18.79 6.09
CA GLY G 202 -3.32 -18.03 5.99
C GLY G 202 -3.44 -16.60 6.44
N PHE G 203 -4.53 -16.29 7.15
CA PHE G 203 -4.87 -14.93 7.53
C PHE G 203 -4.85 -13.98 6.34
N LYS G 204 -5.25 -14.50 5.19
CA LYS G 204 -5.22 -13.68 3.98
C LYS G 204 -6.27 -12.57 4.06
N MET G 205 -7.30 -12.81 4.85
CA MET G 205 -8.34 -11.84 5.14
C MET G 205 -8.80 -12.11 6.56
N VAL G 206 -8.98 -11.04 7.33
CA VAL G 206 -9.49 -11.16 8.69
C VAL G 206 -10.52 -10.08 8.95
N GLU G 207 -11.63 -10.46 9.57
CA GLU G 207 -12.52 -9.47 10.12
C GLU G 207 -12.37 -9.51 11.63
N GLN G 208 -12.17 -8.33 12.22
CA GLN G 208 -11.97 -8.25 13.65
C GLN G 208 -12.76 -7.11 14.22
N ALA G 209 -13.23 -7.30 15.44
CA ALA G 209 -14.02 -6.30 16.13
C ALA G 209 -13.34 -6.05 17.46
N GLU G 210 -13.36 -4.78 17.87
CA GLU G 210 -12.87 -4.40 19.18
C GLU G 210 -13.95 -3.61 19.91
N TYR G 211 -14.19 -4.01 21.15
CA TYR G 211 -15.04 -3.25 22.05
C TYR G 211 -14.12 -2.68 23.10
N ALA G 212 -14.25 -1.40 23.40
CA ALA G 212 -13.39 -0.78 24.38
C ALA G 212 -14.14 0.29 25.14
N THR G 213 -13.99 0.26 26.47
CA THR G 213 -14.67 1.20 27.34
C THR G 213 -13.70 1.65 28.42
N ALA G 214 -13.57 2.96 28.58
CA ALA G 214 -12.78 3.53 29.64
C ALA G 214 -13.55 3.50 30.94
N HIS G 215 -12.86 3.25 32.04
CA HIS G 215 -13.50 3.24 33.34
C HIS G 215 -12.50 3.61 34.41
N VAL G 216 -13.02 3.99 35.56
CA VAL G 216 -12.19 4.14 36.73
C VAL G 216 -12.49 2.99 37.68
N CYS G 217 -11.93 3.04 38.87
CA CYS G 217 -12.13 1.99 39.82
C CYS G 217 -13.47 2.18 40.54
N ASP G 218 -14.31 1.15 40.53
CA ASP G 218 -15.63 1.26 41.13
C ASP G 218 -15.70 0.72 42.57
N LEU G 219 -14.56 0.25 43.07
CA LEU G 219 -14.46 -0.19 44.45
C LEU G 219 -14.57 1.00 45.41
N PRO G 220 -15.10 0.77 46.62
CA PRO G 220 -15.23 1.83 47.62
C PRO G 220 -13.89 2.42 48.08
N LYS G 221 -14.01 3.48 48.88
CA LYS G 221 -12.92 4.32 49.43
C LYS G 221 -12.92 5.71 48.72
N PRO G 222 -12.00 5.97 47.76
CA PRO G 222 -12.29 7.11 46.87
C PRO G 222 -13.50 6.87 45.97
N LEU H 4 -14.69 -19.27 55.50
CA LEU H 4 -15.78 -18.75 54.62
C LEU H 4 -16.79 -17.91 55.40
N ASP H 5 -16.55 -17.72 56.70
CA ASP H 5 -17.39 -16.83 57.49
C ASP H 5 -17.01 -15.38 57.18
N ASN H 6 -17.90 -14.44 57.52
CA ASN H 6 -17.75 -13.04 57.13
C ASN H 6 -16.68 -12.26 57.90
N ASN H 7 -16.01 -12.92 58.84
CA ASN H 7 -14.91 -12.32 59.56
C ASN H 7 -13.73 -13.28 59.67
N LEU H 8 -12.60 -12.89 59.10
CA LEU H 8 -11.40 -13.70 59.18
C LEU H 8 -10.27 -12.83 59.66
N SER H 9 -9.66 -13.20 60.80
CA SER H 9 -8.53 -12.46 61.31
C SER H 9 -7.25 -12.94 60.63
N VAL H 10 -6.31 -12.03 60.46
CA VAL H 10 -5.08 -12.35 59.79
C VAL H 10 -3.88 -11.90 60.61
N SER H 11 -2.83 -12.71 60.56
CA SER H 11 -1.54 -12.30 61.08
C SER H 11 -0.55 -12.45 59.94
N VAL H 12 0.49 -11.63 59.97
CA VAL H 12 1.50 -11.69 58.93
C VAL H 12 2.85 -11.34 59.50
N TYR H 13 3.86 -12.07 59.04
CA TYR H 13 5.24 -11.74 59.32
C TYR H 13 5.93 -11.59 57.98
N MET H 14 6.70 -10.52 57.83
CA MET H 14 7.50 -10.34 56.64
C MET H 14 8.93 -10.05 57.04
N LYS H 15 9.86 -10.81 56.47
CA LYS H 15 11.26 -10.42 56.52
C LYS H 15 11.64 -9.97 55.12
N GLY H 16 12.39 -8.87 55.06
CA GLY H 16 12.72 -8.32 53.78
C GLY H 16 14.10 -7.74 53.71
N ASN H 17 14.57 -7.58 52.48
CA ASN H 17 15.88 -7.05 52.20
C ASN H 17 15.71 -6.32 50.88
N VAL H 18 15.77 -5.01 50.93
CA VAL H 18 15.62 -4.17 49.74
C VAL H 18 16.86 -3.32 49.62
N ASN H 19 17.55 -3.46 48.49
CA ASN H 19 18.87 -2.83 48.29
C ASN H 19 19.76 -2.98 49.52
N ASN H 20 19.80 -4.21 50.02
CA ASN H 20 20.63 -4.59 51.16
C ASN H 20 20.22 -4.00 52.48
N HIS H 21 19.02 -3.41 52.52
CA HIS H 21 18.44 -2.95 53.78
C HIS H 21 17.49 -4.01 54.29
N GLU H 22 17.81 -4.58 55.45
CA GLU H 22 17.00 -5.63 56.06
C GLU H 22 15.96 -5.04 57.00
N PHE H 23 14.79 -5.68 57.02
CA PHE H 23 13.71 -5.24 57.87
C PHE H 23 12.78 -6.39 58.15
N GLU H 24 11.96 -6.23 59.18
CA GLU H 24 10.93 -7.21 59.50
C GLU H 24 9.70 -6.46 59.95
N TYR H 25 8.55 -6.93 59.47
CA TYR H 25 7.27 -6.41 59.91
C TYR H 25 6.45 -7.54 60.48
N ASP H 26 5.68 -7.20 61.52
CA ASP H 26 4.59 -8.06 61.97
C ASP H 26 3.32 -7.32 61.66
N GLY H 27 2.30 -8.06 61.28
CA GLY H 27 1.02 -7.46 60.95
C GLY H 27 -0.12 -8.22 61.56
N ILE H 28 -1.16 -7.49 61.93
CA ILE H 28 -2.36 -8.06 62.51
C ILE H 28 -3.55 -7.32 61.91
N GLY H 29 -4.61 -8.06 61.62
CA GLY H 29 -5.85 -7.45 61.21
C GLY H 29 -6.82 -8.50 60.77
N GLY H 30 -7.55 -8.17 59.72
CA GLY H 30 -8.53 -9.08 59.16
C GLY H 30 -9.63 -8.29 58.53
N GLY H 31 -10.71 -8.99 58.20
CA GLY H 31 -11.84 -8.38 57.55
C GLY H 31 -12.79 -9.42 57.02
N ASP H 32 -13.46 -9.07 55.95
CA ASP H 32 -14.49 -9.91 55.38
C ASP H 32 -13.99 -10.53 54.09
N PRO H 33 -13.69 -11.85 54.12
CA PRO H 33 -13.15 -12.50 52.93
C PRO H 33 -14.16 -12.56 51.79
N ASN H 34 -15.44 -12.55 52.13
CA ASN H 34 -16.50 -12.67 51.14
C ASN H 34 -16.84 -11.37 50.45
N SER H 35 -16.66 -10.25 51.15
CA SER H 35 -16.85 -8.93 50.56
C SER H 35 -15.56 -8.45 49.92
N GLY H 36 -14.47 -9.18 50.17
CA GLY H 36 -13.15 -8.85 49.61
C GLY H 36 -12.58 -7.58 50.18
N GLN H 37 -12.82 -7.34 51.47
CA GLN H 37 -12.31 -6.15 52.13
C GLN H 37 -11.63 -6.57 53.42
N PHE H 38 -10.37 -6.16 53.58
CA PHE H 38 -9.70 -6.32 54.87
C PHE H 38 -8.64 -5.28 55.07
N SER H 39 -8.20 -5.16 56.32
CA SER H 39 -7.22 -4.17 56.68
C SER H 39 -6.22 -4.80 57.62
N LEU H 40 -5.01 -4.26 57.62
CA LEU H 40 -3.92 -4.78 58.41
C LEU H 40 -3.18 -3.63 59.05
N LYS H 41 -2.76 -3.86 60.29
CA LYS H 41 -1.84 -2.96 60.95
C LYS H 41 -0.50 -3.65 60.98
N THR H 42 0.51 -3.03 60.39
CA THR H 42 1.84 -3.59 60.38
C THR H 42 2.74 -2.76 61.28
N LYS H 43 3.71 -3.42 61.90
CA LYS H 43 4.65 -2.74 62.80
C LYS H 43 6.05 -3.19 62.46
N LEU H 44 6.91 -2.22 62.19
CA LEU H 44 8.32 -2.47 61.88
C LEU H 44 9.07 -2.84 63.15
N ARG H 45 9.76 -3.96 63.11
CA ARG H 45 10.58 -4.39 64.25
C ARG H 45 11.84 -3.52 64.32
N GLY H 46 12.30 -3.22 65.53
CA GLY H 46 13.48 -2.38 65.71
C GLY H 46 13.15 -0.89 65.72
N GLY H 47 14.19 -0.07 65.87
CA GLY H 47 14.01 1.37 66.07
C GLY H 47 14.43 2.25 64.91
N LYS H 48 15.01 1.66 63.87
CA LYS H 48 15.39 2.43 62.70
C LYS H 48 14.23 2.52 61.70
N PRO H 49 14.07 3.69 61.05
CA PRO H 49 13.01 3.87 60.05
C PRO H 49 13.23 3.00 58.81
N LEU H 50 12.16 2.70 58.09
CA LEU H 50 12.28 2.00 56.82
C LEU H 50 12.98 2.91 55.82
N PRO H 51 14.12 2.45 55.27
CA PRO H 51 14.97 3.25 54.40
C PRO H 51 14.53 3.29 52.93
N PHE H 52 13.27 2.93 52.67
CA PHE H 52 12.74 2.93 51.31
C PHE H 52 11.23 2.98 51.38
N SER H 53 10.59 3.17 50.23
CA SER H 53 9.14 3.24 50.15
C SER H 53 8.44 1.94 50.53
N TYR H 54 7.71 1.99 51.64
CA TYR H 54 6.82 0.91 52.06
C TYR H 54 5.82 0.48 50.97
N ASP H 55 5.50 1.40 50.08
CA ASP H 55 4.49 1.12 49.06
C ASP H 55 4.81 -0.07 48.17
N ILE H 56 6.09 -0.40 48.03
CA ILE H 56 6.47 -1.55 47.20
C ILE H 56 6.30 -2.90 47.91
N ILE H 57 6.00 -2.88 49.21
CA ILE H 57 5.77 -4.13 49.95
C ILE H 57 4.35 -4.31 50.45
N THR H 58 3.47 -3.36 50.13
CA THR H 58 2.08 -3.40 50.59
C THR H 58 1.39 -4.70 50.21
N MET H 59 1.68 -5.18 49.00
CA MET H 59 1.06 -6.39 48.49
C MET H 59 1.63 -7.66 49.11
N GLY H 60 2.74 -7.53 49.82
CA GLY H 60 3.26 -8.62 50.64
C GLY H 60 2.33 -8.89 51.80
N PHE H 61 1.82 -7.83 52.41
CA PHE H 61 0.93 -7.96 53.54
C PHE H 61 -0.47 -8.28 53.06
N PHE H 63 -3.37 -11.54 50.69
CA PHE H 63 -4.18 -12.72 51.06
C PHE H 63 -5.37 -12.73 50.13
N ARG H 64 -5.22 -13.42 49.01
CA ARG H 64 -6.28 -13.42 48.00
C ARG H 64 -7.55 -14.14 48.47
N ALA H 65 -7.50 -14.73 49.66
CA ALA H 65 -8.70 -15.20 50.33
C ALA H 65 -9.70 -14.06 50.47
N PHE H 66 -9.20 -12.84 50.61
CA PHE H 66 -10.05 -11.66 50.71
C PHE H 66 -10.32 -11.06 49.33
N THR H 67 -11.20 -11.72 48.59
CA THR H 67 -11.60 -11.26 47.27
C THR H 67 -13.07 -11.61 47.14
N LYS H 68 -13.86 -10.62 46.74
CA LYS H 68 -15.26 -10.86 46.44
C LYS H 68 -15.34 -11.63 45.13
N TYR H 69 -15.79 -12.88 45.20
CA TYR H 69 -15.98 -13.70 44.01
C TYR H 69 -17.45 -13.90 43.71
N PRO H 70 -17.89 -13.45 42.51
CA PRO H 70 -19.26 -13.75 42.13
C PRO H 70 -19.41 -15.24 41.79
N GLU H 71 -20.64 -15.74 41.86
CA GLU H 71 -20.91 -17.18 41.68
C GLU H 71 -20.23 -17.82 40.47
N GLY H 72 -20.25 -17.11 39.33
CA GLY H 72 -19.79 -17.66 38.06
C GLY H 72 -18.29 -17.76 37.86
N ILE H 73 -17.51 -17.30 38.84
CA ILE H 73 -16.07 -17.40 38.79
C ILE H 73 -15.58 -18.25 39.94
N ALA H 74 -14.82 -19.31 39.63
CA ALA H 74 -14.29 -20.20 40.64
C ALA H 74 -13.32 -19.45 41.55
N ASP H 75 -13.52 -19.60 42.85
CA ASP H 75 -12.70 -18.94 43.85
C ASP H 75 -11.61 -19.90 44.32
N TYR H 76 -10.47 -19.84 43.63
CA TYR H 76 -9.34 -20.70 43.89
C TYR H 76 -8.83 -20.57 45.32
N PHE H 77 -8.87 -19.35 45.83
CA PHE H 77 -8.28 -19.02 47.12
C PHE H 77 -9.09 -19.56 48.28
N LYS H 78 -10.37 -19.26 48.31
CA LYS H 78 -11.25 -19.80 49.35
C LYS H 78 -11.43 -21.30 49.18
N GLY H 79 -11.34 -21.76 47.93
CA GLY H 79 -11.41 -23.19 47.62
C GLY H 79 -10.22 -23.99 48.12
N SER H 80 -9.12 -23.30 48.43
CA SER H 80 -7.91 -23.96 48.92
C SER H 80 -7.99 -24.29 50.41
N PHE H 81 -9.03 -23.79 51.06
CA PHE H 81 -9.15 -23.89 52.51
C PHE H 81 -9.64 -25.20 53.09
N PRO H 82 -8.77 -25.86 53.87
CA PRO H 82 -8.16 -25.35 55.09
C PRO H 82 -6.63 -25.32 54.84
N GLU H 83 -6.18 -26.02 53.79
CA GLU H 83 -4.75 -26.10 53.41
C GLU H 83 -4.19 -24.76 52.98
N ALA H 84 -5.06 -23.91 52.43
CA ALA H 84 -4.72 -22.56 51.95
C ALA H 84 -3.77 -22.59 50.75
N PHE H 85 -3.06 -21.50 50.51
CA PHE H 85 -2.23 -21.37 49.31
C PHE H 85 -0.82 -20.91 49.70
N GLN H 86 0.18 -21.08 48.84
CA GLN H 86 1.13 -20.02 48.53
C GLN H 86 1.12 -19.12 47.32
N TRP H 87 1.95 -18.08 47.40
CA TRP H 87 2.21 -17.25 46.24
C TRP H 87 3.65 -16.81 46.16
N ASN H 88 4.09 -16.59 44.93
CA ASN H 88 5.39 -15.99 44.70
C ASN H 88 5.24 -14.95 43.61
N ARG H 89 6.03 -13.89 43.68
CA ARG H 89 5.65 -12.68 43.02
C ARG H 89 6.86 -11.85 42.70
N ARG H 90 6.79 -11.16 41.58
CA ARG H 90 7.77 -10.14 41.27
C ARG H 90 7.05 -8.90 40.81
N ILE H 91 7.60 -7.76 41.19
CA ILE H 91 7.20 -6.52 40.57
C ILE H 91 8.44 -5.98 39.92
N GLU H 92 8.37 -5.84 38.60
CA GLU H 92 9.46 -5.27 37.83
C GLU H 92 9.13 -3.82 37.57
N PHE H 93 9.95 -2.93 38.14
CA PHE H 93 9.69 -1.51 38.03
C PHE H 93 10.33 -0.87 36.82
N GLU H 94 9.85 0.30 36.46
CA GLU H 94 10.24 0.99 35.23
C GLU H 94 11.73 1.29 35.16
N ASP H 95 12.36 1.43 36.31
CA ASP H 95 13.75 1.84 36.37
C ASP H 95 14.70 0.70 36.67
N GLY H 96 14.18 -0.53 36.61
CA GLY H 96 15.02 -1.72 36.72
C GLY H 96 15.02 -2.34 38.10
N GLY H 97 14.51 -1.61 39.09
CA GLY H 97 14.30 -2.20 40.41
C GLY H 97 13.34 -3.36 40.28
N VAL H 98 13.60 -4.42 41.04
CA VAL H 98 12.70 -5.56 41.07
C VAL H 98 12.55 -6.00 42.51
N ILE H 99 11.31 -6.16 42.94
CA ILE H 99 11.08 -6.78 44.22
C ILE H 99 10.40 -8.11 44.02
N ASN H 100 10.99 -9.14 44.61
CA ASN H 100 10.37 -10.43 44.65
C ASN H 100 9.77 -10.58 46.02
N MET H 101 8.62 -11.23 46.07
CA MET H 101 8.00 -11.54 47.34
C MET H 101 7.42 -12.92 47.26
N SER H 102 7.39 -13.60 48.40
CA SER H 102 6.72 -14.87 48.45
C SER H 102 6.05 -15.04 49.78
N SER H 103 4.93 -15.75 49.77
CA SER H 103 4.21 -15.97 50.99
C SER H 103 3.71 -17.38 51.08
N ASP H 104 3.86 -17.94 52.27
CA ASP H 104 3.20 -19.17 52.61
C ASP H 104 2.07 -18.83 53.55
N ILE H 105 0.85 -19.14 53.13
CA ILE H 105 -0.35 -18.79 53.88
C ILE H 105 -0.89 -20.04 54.53
N THR H 106 -1.15 -19.94 55.84
CA THR H 106 -1.69 -21.06 56.59
C THR H 106 -2.90 -20.61 57.37
N TYR H 107 -3.79 -21.56 57.62
CA TYR H 107 -5.00 -21.33 58.40
C TYR H 107 -4.93 -22.24 59.62
N LYS H 108 -4.71 -21.62 60.78
CA LYS H 108 -4.52 -22.33 62.04
C LYS H 108 -5.29 -21.56 63.11
N ASP H 109 -6.13 -22.28 63.86
CA ASP H 109 -7.21 -21.70 64.68
C ASP H 109 -8.13 -20.88 63.73
N LYS H 110 -8.48 -19.66 64.09
CA LYS H 110 -9.20 -18.78 63.16
C LYS H 110 -8.21 -18.08 62.23
N VAL H 111 -7.09 -17.61 62.80
CA VAL H 111 -6.16 -16.72 62.09
C VAL H 111 -5.59 -17.29 60.80
N LEU H 112 -5.68 -16.48 59.74
CA LEU H 112 -4.98 -16.74 58.50
C LEU H 112 -3.62 -16.09 58.63
N HIS H 113 -2.56 -16.90 58.54
CA HIS H 113 -1.21 -16.37 58.69
C HIS H 113 -0.45 -16.39 57.38
N GLY H 114 0.24 -15.30 57.10
CA GLY H 114 1.15 -15.21 55.97
C GLY H 114 2.56 -15.07 56.48
N ASP H 115 3.43 -15.95 56.00
CA ASP H 115 4.85 -15.85 56.26
C ASP H 115 5.49 -15.39 54.96
N VAL H 116 6.03 -14.18 54.98
CA VAL H 116 6.39 -13.49 53.74
C VAL H 116 7.89 -13.18 53.68
N TRP H 117 8.47 -13.42 52.50
CA TRP H 117 9.80 -12.95 52.15
C TRP H 117 9.66 -11.80 51.18
N ALA H 118 10.49 -10.79 51.32
CA ALA H 118 10.60 -9.73 50.33
C ALA H 118 12.08 -9.53 50.05
N LEU H 119 12.43 -9.48 48.77
CA LEU H 119 13.80 -9.23 48.40
C LEU H 119 13.79 -8.30 47.20
N GLY H 120 14.21 -7.06 47.44
CA GLY H 120 14.19 -6.03 46.44
C GLY H 120 15.61 -5.75 46.03
N VAL H 121 15.83 -5.67 44.72
CA VAL H 121 17.17 -5.47 44.22
C VAL H 121 17.19 -4.47 43.08
N ASN H 122 18.36 -3.88 42.87
CA ASN H 122 18.62 -3.05 41.70
C ASN H 122 17.79 -1.78 41.62
N PHE H 123 17.36 -1.30 42.78
CA PHE H 123 16.65 -0.03 42.82
C PHE H 123 17.66 1.09 42.69
N PRO H 124 17.49 1.97 41.67
CA PRO H 124 18.41 3.10 41.58
C PRO H 124 18.45 3.84 42.90
N PRO H 125 19.65 4.09 43.44
CA PRO H 125 19.79 4.77 44.73
C PRO H 125 19.07 6.11 44.84
N ASN H 126 18.94 6.84 43.73
CA ASN H 126 18.21 8.11 43.75
C ASN H 126 16.84 8.02 43.09
N GLY H 127 16.34 6.79 42.96
CA GLY H 127 15.02 6.53 42.41
C GLY H 127 13.94 6.76 43.46
N PRO H 128 12.67 6.75 43.05
CA PRO H 128 11.56 7.04 43.96
C PRO H 128 11.39 6.05 45.12
N VAL H 129 11.83 4.80 44.94
CA VAL H 129 11.72 3.80 46.00
C VAL H 129 12.71 4.10 47.12
N MET H 130 13.99 4.21 46.78
CA MET H 130 15.00 4.42 47.80
C MET H 130 14.91 5.82 48.40
N LYS H 131 14.37 6.75 47.63
CA LYS H 131 14.21 8.13 48.11
C LYS H 131 12.85 8.38 48.76
N ASN H 132 12.05 7.32 48.91
CA ASN H 132 10.76 7.39 49.60
C ASN H 132 9.83 8.46 49.02
N GLU H 133 9.68 8.45 47.70
CA GLU H 133 8.93 9.49 47.01
C GLU H 133 7.52 9.07 46.60
N ILE H 134 7.17 7.81 46.87
CA ILE H 134 5.86 7.29 46.53
C ILE H 134 4.83 7.77 47.55
N VAL H 135 3.70 8.24 47.07
CA VAL H 135 2.58 8.68 47.90
C VAL H 135 1.60 7.55 48.10
N MET H 136 1.26 6.87 47.00
CA MET H 136 0.27 5.80 47.05
C MET H 136 0.37 4.97 45.80
N GLU H 137 -0.26 3.80 45.83
CA GLU H 137 -0.45 3.04 44.61
C GLU H 137 -1.89 3.23 44.17
N GLU H 138 -2.07 3.28 42.86
CA GLU H 138 -3.40 3.39 42.29
C GLU H 138 -4.13 2.07 42.41
N PRO H 139 -5.47 2.10 42.24
CA PRO H 139 -6.20 0.87 42.07
C PRO H 139 -5.64 0.14 40.85
N ALA H 140 -5.89 -1.15 40.78
CA ALA H 140 -5.27 -1.97 39.77
C ALA H 140 -6.21 -3.04 39.29
N GLU H 141 -5.96 -3.49 38.06
CA GLU H 141 -6.64 -4.65 37.50
C GLU H 141 -5.62 -5.75 37.31
N GLU H 142 -5.90 -6.90 37.92
CA GLU H 142 -5.04 -8.06 37.80
C GLU H 142 -5.74 -9.05 36.86
N THR H 143 -5.00 -9.48 35.86
CA THR H 143 -5.48 -10.47 34.91
C THR H 143 -4.98 -11.83 35.32
N LEU H 144 -5.89 -12.79 35.49
CA LEU H 144 -5.53 -14.10 36.01
C LEU H 144 -5.93 -15.22 35.09
N THR H 145 -5.02 -16.17 34.98
CA THR H 145 -5.17 -17.26 34.05
C THR H 145 -4.36 -18.43 34.60
N ALA H 146 -4.92 -19.62 34.48
CA ALA H 146 -4.27 -20.81 34.98
C ALA H 146 -3.25 -21.27 33.96
N LYS H 147 -2.06 -21.61 34.46
CA LYS H 147 -1.04 -22.22 33.64
C LYS H 147 -0.18 -23.18 34.45
N ASN H 148 -0.12 -24.43 33.99
CA ASN H 148 0.76 -25.47 34.57
C ASN H 148 0.39 -25.87 35.99
N GLY H 149 -0.89 -25.76 36.35
CA GLY H 149 -1.33 -26.09 37.70
C GLY H 149 -1.16 -24.91 38.64
N VAL H 150 -0.74 -23.77 38.08
CA VAL H 150 -0.58 -22.56 38.85
C VAL H 150 -1.46 -21.47 38.27
N LEU H 151 -2.01 -20.64 39.16
CA LEU H 151 -2.76 -19.48 38.76
C LEU H 151 -1.80 -18.33 38.67
N VAL H 152 -1.73 -17.72 37.49
CA VAL H 152 -0.81 -16.63 37.26
C VAL H 152 -1.61 -15.35 37.12
N GLY H 153 -1.21 -14.35 37.88
CA GLY H 153 -1.83 -13.05 37.79
C GLY H 153 -0.83 -12.01 37.30
N PHE H 154 -1.27 -11.20 36.35
CA PHE H 154 -0.46 -10.07 35.91
C PHE H 154 -1.15 -8.78 36.24
N CYS H 155 -0.41 -7.84 36.79
CA CYS H 155 -1.02 -6.64 37.29
C CYS H 155 -0.10 -5.44 37.14
N PRO H 156 -0.43 -4.56 36.20
CA PRO H 156 0.28 -3.30 36.12
C PRO H 156 0.07 -2.48 37.39
N LYS H 157 1.16 -1.94 37.90
CA LYS H 157 1.12 -1.13 39.11
C LYS H 157 1.53 0.28 38.81
N ALA H 158 0.73 1.23 39.30
CA ALA H 158 1.02 2.64 39.09
C ALA H 158 1.13 3.31 40.45
N TYR H 159 2.32 3.82 40.74
CA TYR H 159 2.58 4.51 42.00
C TYR H 159 2.66 5.99 41.75
N LEU H 160 1.86 6.73 42.49
CA LEU H 160 1.89 8.19 42.40
C LEU H 160 2.99 8.72 43.29
N LEU H 161 3.79 9.62 42.75
CA LEU H 161 4.91 10.18 43.48
C LEU H 161 4.54 11.53 44.08
N LYS H 162 5.36 12.00 45.01
CA LYS H 162 5.13 13.29 45.66
C LYS H 162 5.05 14.46 44.69
N ASP H 163 5.76 14.36 43.56
CA ASP H 163 5.73 15.41 42.54
C ASP H 163 4.55 15.28 41.56
N GLY H 164 3.69 14.29 41.80
CA GLY H 164 2.50 14.08 40.99
C GLY H 164 2.72 13.19 39.78
N SER H 165 3.97 12.79 39.54
CA SER H 165 4.28 11.89 38.45
C SER H 165 4.05 10.44 38.86
N TYR H 166 4.06 9.55 37.87
CA TYR H 166 3.86 8.13 38.11
C TYR H 166 5.13 7.32 37.98
N TYR H 167 5.21 6.29 38.81
CA TYR H 167 6.28 5.31 38.77
C TYR H 167 5.58 3.98 38.61
N TYR H 168 5.95 3.22 37.57
CA TYR H 168 5.20 2.01 37.31
C TYR H 168 5.98 0.72 37.48
N GLY H 169 5.24 -0.36 37.66
CA GLY H 169 5.81 -1.69 37.68
C GLY H 169 4.84 -2.70 37.10
N HIS H 170 5.37 -3.83 36.66
CA HIS H 170 4.57 -4.94 36.20
C HIS H 170 4.68 -6.03 37.25
N MET H 171 3.55 -6.41 37.82
CA MET H 171 3.52 -7.49 38.79
C MET H 171 3.11 -8.81 38.16
N THR H 172 3.87 -9.85 38.46
CA THR H 172 3.51 -11.20 38.08
C THR H 172 3.46 -12.01 39.36
N THR H 173 2.35 -12.71 39.57
CA THR H 173 2.22 -13.55 40.74
C THR H 173 1.83 -14.95 40.31
N PHE H 174 2.47 -15.93 40.95
CA PHE H 174 2.04 -17.31 40.86
C PHE H 174 1.32 -17.64 42.16
N TYR H 175 0.09 -18.14 42.05
CA TYR H 175 -0.66 -18.61 43.21
C TYR H 175 -0.80 -20.10 43.07
N ARG H 176 -0.51 -20.82 44.16
CA ARG H 176 -0.58 -22.27 44.15
C ARG H 176 -1.29 -22.74 45.40
N SER H 177 -2.42 -23.41 45.21
CA SER H 177 -3.16 -24.02 46.30
C SER H 177 -2.36 -25.18 46.87
N LYS H 178 -2.42 -25.34 48.19
CA LYS H 178 -1.84 -26.49 48.85
C LYS H 178 -2.86 -27.61 49.08
N LYS H 179 -4.10 -27.39 48.62
CA LYS H 179 -5.10 -28.45 48.60
C LYS H 179 -4.87 -29.32 47.37
N SER H 180 -4.40 -30.54 47.60
CA SER H 180 -4.13 -31.49 46.51
C SER H 180 -5.36 -31.73 45.65
N GLY H 181 -5.16 -31.66 44.34
CA GLY H 181 -6.21 -31.97 43.37
C GLY H 181 -7.18 -30.84 43.08
N GLN H 182 -7.01 -29.70 43.78
CA GLN H 182 -7.93 -28.58 43.58
C GLN H 182 -7.80 -28.02 42.17
N PRO H 183 -8.93 -27.91 41.45
CA PRO H 183 -8.94 -27.38 40.10
C PRO H 183 -8.59 -25.90 40.08
N LEU H 184 -7.98 -25.47 38.98
CA LEU H 184 -7.69 -24.05 38.80
C LEU H 184 -8.90 -23.34 38.23
N PRO H 185 -9.03 -22.03 38.51
CA PRO H 185 -10.19 -21.33 38.01
C PRO H 185 -10.03 -20.96 36.54
N GLY H 186 -11.10 -20.42 35.97
CA GLY H 186 -11.05 -19.95 34.60
C GLY H 186 -10.42 -18.56 34.56
N PHE H 187 -10.17 -18.11 33.35
CA PHE H 187 -9.65 -16.77 33.11
C PHE H 187 -10.56 -15.74 33.78
N HIS H 188 -9.96 -14.82 34.52
CA HIS H 188 -10.75 -13.73 35.10
C HIS H 188 -9.83 -12.62 35.52
N PHE H 189 -10.43 -11.60 36.13
CA PHE H 189 -9.70 -10.44 36.60
C PHE H 189 -10.01 -10.23 38.06
N ILE H 190 -9.13 -9.52 38.73
CA ILE H 190 -9.43 -9.04 40.08
C ILE H 190 -9.09 -7.56 40.08
N LYS H 191 -10.08 -6.75 40.41
CA LYS H 191 -9.84 -5.33 40.64
C LYS H 191 -9.48 -5.14 42.10
N HIS H 192 -8.52 -4.24 42.32
CA HIS H 192 -7.93 -4.03 43.64
C HIS H 192 -7.92 -2.55 43.94
N ARG H 193 -8.09 -2.20 45.20
CA ARG H 193 -7.72 -0.88 45.67
C ARG H 193 -7.06 -1.06 47.01
N LEU H 194 -5.78 -0.71 47.08
CA LEU H 194 -5.06 -0.78 48.33
C LEU H 194 -4.73 0.62 48.78
N VAL H 195 -5.09 0.94 50.02
CA VAL H 195 -4.86 2.26 50.57
C VAL H 195 -4.13 2.14 51.90
N LYS H 196 -3.08 2.92 52.06
CA LYS H 196 -2.46 3.09 53.37
C LYS H 196 -3.29 4.12 54.12
N THR H 197 -4.12 3.64 55.03
CA THR H 197 -5.06 4.48 55.76
C THR H 197 -4.39 5.20 56.93
N LYS H 198 -3.29 4.64 57.41
CA LYS H 198 -2.49 5.24 58.48
C LYS H 198 -1.01 4.97 58.25
N VAL H 199 -0.20 5.99 58.45
CA VAL H 199 1.25 5.83 58.37
C VAL H 199 1.94 6.62 59.48
N GLU H 200 2.71 5.91 60.30
CA GLU H 200 3.58 6.54 61.29
C GLU H 200 4.93 6.83 60.64
N PRO H 201 5.64 7.89 61.10
CA PRO H 201 6.94 8.26 60.55
C PRO H 201 7.89 7.07 60.41
N GLY H 202 8.62 7.03 59.29
CA GLY H 202 9.57 5.97 59.00
C GLY H 202 8.92 4.63 58.71
N PHE H 203 7.61 4.66 58.46
CA PHE H 203 6.79 3.45 58.26
C PHE H 203 6.91 2.47 59.43
N LYS H 204 7.14 3.00 60.63
CA LYS H 204 7.24 2.20 61.85
C LYS H 204 5.92 1.46 62.11
N MET H 205 4.82 2.10 61.72
CA MET H 205 3.51 1.50 61.79
C MET H 205 2.74 1.93 60.57
N VAL H 206 2.07 0.98 59.93
CA VAL H 206 1.18 1.29 58.82
C VAL H 206 -0.12 0.55 59.01
N GLU H 207 -1.23 1.23 58.75
CA GLU H 207 -2.48 0.52 58.54
C GLU H 207 -2.81 0.61 57.06
N GLN H 208 -3.15 -0.54 56.49
CA GLN H 208 -3.51 -0.59 55.09
C GLN H 208 -4.75 -1.43 54.89
N ALA H 209 -5.55 -1.03 53.90
CA ALA H 209 -6.76 -1.74 53.58
C ALA H 209 -6.67 -2.13 52.12
N GLU H 210 -7.18 -3.32 51.81
CA GLU H 210 -7.31 -3.75 50.43
C GLU H 210 -8.75 -4.18 50.17
N TYR H 211 -9.29 -3.67 49.07
CA TYR H 211 -10.58 -4.09 48.55
C TYR H 211 -10.27 -4.81 47.25
N ALA H 212 -10.87 -5.98 47.06
CA ALA H 212 -10.63 -6.76 45.87
C ALA H 212 -11.86 -7.52 45.43
N THR H 213 -12.14 -7.46 44.14
CA THR H 213 -13.31 -8.10 43.58
C THR H 213 -12.93 -8.77 42.27
N ALA H 214 -13.26 -10.05 42.17
CA ALA H 214 -13.05 -10.79 40.95
C ALA H 214 -14.16 -10.45 39.97
N HIS H 215 -13.83 -10.41 38.69
CA HIS H 215 -14.81 -10.17 37.66
C HIS H 215 -14.35 -10.77 36.35
N VAL H 216 -15.30 -10.93 35.44
CA VAL H 216 -14.96 -11.25 34.06
C VAL H 216 -15.24 -10.00 33.23
N CYS H 217 -15.17 -10.14 31.91
CA CYS H 217 -15.36 -9.01 31.03
C CYS H 217 -16.84 -8.78 30.79
N ASP H 218 -17.29 -7.54 31.03
CA ASP H 218 -18.71 -7.21 30.87
C ASP H 218 -19.01 -6.52 29.54
N LEU H 219 -18.03 -6.47 28.66
CA LEU H 219 -18.23 -5.93 27.31
C LEU H 219 -19.06 -6.87 26.46
N PRO H 220 -19.79 -6.32 25.47
CA PRO H 220 -20.55 -7.16 24.58
C PRO H 220 -19.65 -8.10 23.78
N LYS H 221 -20.24 -9.16 23.24
CA LYS H 221 -19.56 -10.05 22.31
C LYS H 221 -20.17 -9.84 20.93
N PRO H 222 -19.37 -10.00 19.85
CA PRO H 222 -19.88 -9.83 18.50
C PRO H 222 -21.03 -10.78 18.13
#